data_2XP3
# 
_entry.id   2XP3 
# 
_audit_conform.dict_name       mmcif_pdbx.dic 
_audit_conform.dict_version    5.383 
_audit_conform.dict_location   http://mmcif.pdb.org/dictionaries/ascii/mmcif_pdbx.dic 
# 
loop_
_database_2.database_id 
_database_2.database_code 
_database_2.pdbx_database_accession 
_database_2.pdbx_DOI 
PDB   2XP3         pdb_00002xp3 10.2210/pdb2xp3/pdb 
PDBE  EBI-45156    ?            ?                   
WWPDB D_1290045156 ?            ?                   
# 
loop_
_pdbx_database_related.db_name 
_pdbx_database_related.db_id 
_pdbx_database_related.content_type 
_pdbx_database_related.details 
PDB 1F8A unspecified 'STRUCTURAL BASIS FOR THE PHOSPHOSERINE-PROLINE RECOGNITIONBY GROUP IV WW DOMAINS'                 
PDB 1I8G unspecified 'SOLUTION STRUCTURE OF PIN1 WW DOMAIN COMPLEXED WITH CDC25PHOSPHOTHREONINE PEPTIDE'                
PDB 1PIN unspecified 'PIN1 PEPTIDYL-PROLYL CIS-TRANS ISOMERASE FROM HOMO SAPIENS'                                       
PDB 2XPB unspecified 'DISCOVERY OF CELL-ACTIVE PHENYL-IMIDAZOLE PIN1 INHIBITORS BY STRUCTURE-GUIDED FRAGMENT EVOLUTION' 
PDB 2XP5 unspecified 'DISCOVERY OF CELL-ACTIVE PHENYL-IMIDAZOLE PIN1 INHIBITORS BY STRUCTURE-GUIDED FRAGMENT EVOLUTION' 
PDB 1NMW unspecified 'SOLUTION STRUCTURE OF THE PPIASE DOMAIN OF HUMAN PIN1'                                            
PDB 2XP4 unspecified 'DISCOVERY OF CELL-ACTIVE PHENYL-IMIDAZOLE PIN1 INHIBITORS BY STRUCTURE-GUIDED FRAGMENT EVOLUTION' 
PDB 1ZCN unspecified 'HUMAN PIN1 NG MUTANT'                                                                             
PDB 2F21 unspecified 'HUMAN PIN1 FIP MUTANT'                                                                            
PDB 2XP6 unspecified 'DISCOVERY OF CELL-ACTIVE PHENYL-IMIDAZOLE PIN1 INHIBITORS BY STRUCTURE-GUIDED FRAGMENT EVOLUTION' 
PDB 2XP8 unspecified 'DISCOVERY OF CELL-ACTIVE PHENYL-IMIDAZOLE PIN1 INHIBITORS BY STRUCTURE-GUIDED FRAGMENT EVOLUTION' 
PDB 1NMV unspecified 'SOLUTION STRUCTURE OF HUMAN PIN1'                                                                 
PDB 2XP9 unspecified 'DISCOVERY OF CELL-ACTIVE PHENYL-IMIDAZOLE PIN1 INHIBITORS BY STRUCTURE-GUIDED FRAGMENT EVOLUTION' 
PDB 2XP7 unspecified 'DISCOVERY OF CELL-ACTIVE PHENYL-IMIDAZOLE PIN1 INHIBITORS BY STRUCTURE-GUIDED FRAGMENT EVOLUTION' 
PDB 1I8H unspecified 'SOLUTION STRUCTURE OF PIN1 WW DOMAIN COMPLEXED WITH HUMANTAU PHOSPHOTHREONINE PEPTIDE'            
PDB 2XPA unspecified 'DISCOVERY OF CELL-ACTIVE PHENYL-IMIDAZOLE PIN1 INHIBITORS BY STRUCTURE-GUIDED FRAGMENT EVOLUTION' 
PDB 1I6C unspecified 'SOLUTION STRUCTURE OF PIN1 WW DOMAIN'                                                             
# 
_pdbx_database_status.status_code                     REL 
_pdbx_database_status.entry_id                        2XP3 
_pdbx_database_status.deposit_site                    PDBE 
_pdbx_database_status.process_site                    PDBE 
_pdbx_database_status.SG_entry                        . 
_pdbx_database_status.recvd_initial_deposition_date   2010-08-25 
_pdbx_database_status.pdb_format_compatible           Y 
_pdbx_database_status.status_code_sf                  REL 
_pdbx_database_status.status_code_mr                  ? 
_pdbx_database_status.status_code_cs                  ? 
_pdbx_database_status.methods_development_category    ? 
_pdbx_database_status.status_code_nmr_data            ? 
# 
loop_
_audit_author.name 
_audit_author.pdbx_ordinal 
'Potter, A.'       1  
'Oldfield, V.'     2  
'Nunns, C.'        3  
'Fromont, C.'      4  
'Ray, S.'          5  
'Northfield, C.J.' 6  
'Bryant, C.J.'     7  
'Scrace, S.F.'     8  
'Robinson, D.'     9  
'Matossova, N.'    10 
'Baker, L.'        11 
'Dokurno, P.'      12 
'Surgenor, A.E.'   13 
'Davis, B.E.'      14 
'Richardson, C.M.' 15 
'Murray, J.B.'     16 
'Moore, J.D.'      17 
# 
_citation.id                        primary 
_citation.title                     
'Discovery of Cell-Active Phenyl-Imidazole Pin1 Inhibitors by Structure-Guided Fragment Evolution.' 
_citation.journal_abbrev            Bioorg.Med.Chem.Lett. 
_citation.journal_volume            20 
_citation.page_first                6483 
_citation.page_last                 ? 
_citation.year                      2010 
_citation.journal_id_ASTM           BMCLE8 
_citation.country                   UK 
_citation.journal_id_ISSN           0960-894X 
_citation.journal_id_CSD            1127 
_citation.book_publisher            ? 
_citation.pdbx_database_id_PubMed   20932746 
_citation.pdbx_database_id_DOI      10.1016/J.BMCL.2010.09.063 
# 
loop_
_citation_author.citation_id 
_citation_author.name 
_citation_author.ordinal 
_citation_author.identifier_ORCID 
primary 'Potter, A.'       1  ? 
primary 'Oldfield, V.'     2  ? 
primary 'Nunns, C.'        3  ? 
primary 'Fromont, C.'      4  ? 
primary 'Ray, S.'          5  ? 
primary 'Northfield, C.J.' 6  ? 
primary 'Bryant, C.J.'     7  ? 
primary 'Scrace, S.F.'     8  ? 
primary 'Robinson, D.'     9  ? 
primary 'Matossova, N.'    10 ? 
primary 'Baker, L.'        11 ? 
primary 'Dokurno, P.'      12 ? 
primary 'Surgenor, A.E.'   13 ? 
primary 'Davis, B.'        14 ? 
primary 'Richardson, C.M.' 15 ? 
primary 'Murray, J.B.'     16 ? 
primary 'Moore, J.D.'      17 ? 
# 
_cell.entry_id           2XP3 
_cell.length_a           68.200 
_cell.length_b           68.200 
_cell.length_c           80.068 
_cell.angle_alpha        90.00 
_cell.angle_beta         90.00 
_cell.angle_gamma        120.00 
_cell.Z_PDB              6 
_cell.pdbx_unique_axis   ? 
# 
_symmetry.entry_id                         2XP3 
_symmetry.space_group_name_H-M             'P 31 2 1' 
_symmetry.pdbx_full_space_group_name_H-M   ? 
_symmetry.cell_setting                     ? 
_symmetry.Int_Tables_number                152 
# 
loop_
_entity.id 
_entity.type 
_entity.src_method 
_entity.pdbx_description 
_entity.formula_weight 
_entity.pdbx_number_of_molecules 
_entity.pdbx_ec 
_entity.pdbx_mutation 
_entity.pdbx_fragment 
_entity.details 
1 polymer     man 'PEPTIDYL-PROLYL CIS-TRANS ISOMERASE NIMA-INTERACTING 1' 18524.525 1  5.2.1.8 YES ? ? 
2 non-polymer syn 'DODECAETHYLENE GLYCOL'                                  546.646   1  ?       ?   ? ? 
3 non-polymer syn '5-(2-METHOXYPHENYL)-2-FUROIC ACID'                      218.205   1  ?       ?   ? ? 
4 water       nat water                                                    18.015    90 ?       ?   ? ? 
# 
_entity_name_com.entity_id   1 
_entity_name_com.name        'PIN1, PEPTIDYL-PROLYL CIS-TRANS ISOMERASE PIN1, PPIASE PIN1, ROTAMASE PIN1' 
# 
_entity_poly.entity_id                      1 
_entity_poly.type                           'polypeptide(L)' 
_entity_poly.nstd_linkage                   no 
_entity_poly.nstd_monomer                   no 
_entity_poly.pdbx_seq_one_letter_code       
;GSHGMADEEKLPPGWEKAMSRSSGRVYYFNHITNASQWERPSGNSSSGGKNGQGEPARVRCSHLLVKHSQSRRPSSWRQE
KITRTKEEALELINGYIQKIKSGEEDFESLASQFSDCSSAKARGDLGAFSRGQMQKPFEDASFALRTGEMSGPVFTDSGI
HIILRTE
;
_entity_poly.pdbx_seq_one_letter_code_can   
;GSHGMADEEKLPPGWEKAMSRSSGRVYYFNHITNASQWERPSGNSSSGGKNGQGEPARVRCSHLLVKHSQSRRPSSWRQE
KITRTKEEALELINGYIQKIKSGEEDFESLASQFSDCSSAKARGDLGAFSRGQMQKPFEDASFALRTGEMSGPVFTDSGI
HIILRTE
;
_entity_poly.pdbx_strand_id                 A 
_entity_poly.pdbx_target_identifier         ? 
# 
loop_
_entity_poly_seq.entity_id 
_entity_poly_seq.num 
_entity_poly_seq.mon_id 
_entity_poly_seq.hetero 
1 1   GLY n 
1 2   SER n 
1 3   HIS n 
1 4   GLY n 
1 5   MET n 
1 6   ALA n 
1 7   ASP n 
1 8   GLU n 
1 9   GLU n 
1 10  LYS n 
1 11  LEU n 
1 12  PRO n 
1 13  PRO n 
1 14  GLY n 
1 15  TRP n 
1 16  GLU n 
1 17  LYS n 
1 18  ALA n 
1 19  MET n 
1 20  SER n 
1 21  ARG n 
1 22  SER n 
1 23  SER n 
1 24  GLY n 
1 25  ARG n 
1 26  VAL n 
1 27  TYR n 
1 28  TYR n 
1 29  PHE n 
1 30  ASN n 
1 31  HIS n 
1 32  ILE n 
1 33  THR n 
1 34  ASN n 
1 35  ALA n 
1 36  SER n 
1 37  GLN n 
1 38  TRP n 
1 39  GLU n 
1 40  ARG n 
1 41  PRO n 
1 42  SER n 
1 43  GLY n 
1 44  ASN n 
1 45  SER n 
1 46  SER n 
1 47  SER n 
1 48  GLY n 
1 49  GLY n 
1 50  LYS n 
1 51  ASN n 
1 52  GLY n 
1 53  GLN n 
1 54  GLY n 
1 55  GLU n 
1 56  PRO n 
1 57  ALA n 
1 58  ARG n 
1 59  VAL n 
1 60  ARG n 
1 61  CYS n 
1 62  SER n 
1 63  HIS n 
1 64  LEU n 
1 65  LEU n 
1 66  VAL n 
1 67  LYS n 
1 68  HIS n 
1 69  SER n 
1 70  GLN n 
1 71  SER n 
1 72  ARG n 
1 73  ARG n 
1 74  PRO n 
1 75  SER n 
1 76  SER n 
1 77  TRP n 
1 78  ARG n 
1 79  GLN n 
1 80  GLU n 
1 81  LYS n 
1 82  ILE n 
1 83  THR n 
1 84  ARG n 
1 85  THR n 
1 86  LYS n 
1 87  GLU n 
1 88  GLU n 
1 89  ALA n 
1 90  LEU n 
1 91  GLU n 
1 92  LEU n 
1 93  ILE n 
1 94  ASN n 
1 95  GLY n 
1 96  TYR n 
1 97  ILE n 
1 98  GLN n 
1 99  LYS n 
1 100 ILE n 
1 101 LYS n 
1 102 SER n 
1 103 GLY n 
1 104 GLU n 
1 105 GLU n 
1 106 ASP n 
1 107 PHE n 
1 108 GLU n 
1 109 SER n 
1 110 LEU n 
1 111 ALA n 
1 112 SER n 
1 113 GLN n 
1 114 PHE n 
1 115 SER n 
1 116 ASP n 
1 117 CYS n 
1 118 SER n 
1 119 SER n 
1 120 ALA n 
1 121 LYS n 
1 122 ALA n 
1 123 ARG n 
1 124 GLY n 
1 125 ASP n 
1 126 LEU n 
1 127 GLY n 
1 128 ALA n 
1 129 PHE n 
1 130 SER n 
1 131 ARG n 
1 132 GLY n 
1 133 GLN n 
1 134 MET n 
1 135 GLN n 
1 136 LYS n 
1 137 PRO n 
1 138 PHE n 
1 139 GLU n 
1 140 ASP n 
1 141 ALA n 
1 142 SER n 
1 143 PHE n 
1 144 ALA n 
1 145 LEU n 
1 146 ARG n 
1 147 THR n 
1 148 GLY n 
1 149 GLU n 
1 150 MET n 
1 151 SER n 
1 152 GLY n 
1 153 PRO n 
1 154 VAL n 
1 155 PHE n 
1 156 THR n 
1 157 ASP n 
1 158 SER n 
1 159 GLY n 
1 160 ILE n 
1 161 HIS n 
1 162 ILE n 
1 163 ILE n 
1 164 LEU n 
1 165 ARG n 
1 166 THR n 
1 167 GLU n 
# 
_entity_src_gen.entity_id                          1 
_entity_src_gen.pdbx_src_id                        1 
_entity_src_gen.pdbx_alt_source_flag               sample 
_entity_src_gen.pdbx_seq_type                      ? 
_entity_src_gen.pdbx_beg_seq_num                   ? 
_entity_src_gen.pdbx_end_seq_num                   ? 
_entity_src_gen.gene_src_common_name               HUMAN 
_entity_src_gen.gene_src_genus                     ? 
_entity_src_gen.pdbx_gene_src_gene                 ? 
_entity_src_gen.gene_src_species                   ? 
_entity_src_gen.gene_src_strain                    ? 
_entity_src_gen.gene_src_tissue                    ? 
_entity_src_gen.gene_src_tissue_fraction           ? 
_entity_src_gen.gene_src_details                   ? 
_entity_src_gen.pdbx_gene_src_fragment             ? 
_entity_src_gen.pdbx_gene_src_scientific_name      'HOMO SAPIENS' 
_entity_src_gen.pdbx_gene_src_ncbi_taxonomy_id     9606 
_entity_src_gen.pdbx_gene_src_variant              ? 
_entity_src_gen.pdbx_gene_src_cell_line            ? 
_entity_src_gen.pdbx_gene_src_atcc                 ? 
_entity_src_gen.pdbx_gene_src_organ                ? 
_entity_src_gen.pdbx_gene_src_organelle            ? 
_entity_src_gen.pdbx_gene_src_cell                 ? 
_entity_src_gen.pdbx_gene_src_cellular_location    ? 
_entity_src_gen.host_org_common_name               ? 
_entity_src_gen.pdbx_host_org_scientific_name      'ESCHERICHIA COLI' 
_entity_src_gen.pdbx_host_org_ncbi_taxonomy_id     469008 
_entity_src_gen.host_org_genus                     ? 
_entity_src_gen.pdbx_host_org_gene                 ? 
_entity_src_gen.pdbx_host_org_organ                ? 
_entity_src_gen.host_org_species                   ? 
_entity_src_gen.pdbx_host_org_tissue               ? 
_entity_src_gen.pdbx_host_org_tissue_fraction      ? 
_entity_src_gen.pdbx_host_org_strain               'BL21(DE3)' 
_entity_src_gen.pdbx_host_org_variant              ? 
_entity_src_gen.pdbx_host_org_cell_line            ? 
_entity_src_gen.pdbx_host_org_atcc                 ? 
_entity_src_gen.pdbx_host_org_culture_collection   ? 
_entity_src_gen.pdbx_host_org_cell                 ? 
_entity_src_gen.pdbx_host_org_organelle            ? 
_entity_src_gen.pdbx_host_org_cellular_location    ? 
_entity_src_gen.pdbx_host_org_vector_type          PLASMID 
_entity_src_gen.pdbx_host_org_vector               ? 
_entity_src_gen.host_org_details                   ? 
_entity_src_gen.expression_system_id               ? 
_entity_src_gen.plasmid_name                       PET28A 
_entity_src_gen.plasmid_details                    ? 
_entity_src_gen.pdbx_description                   ? 
# 
_struct_ref.id                         1 
_struct_ref.db_name                    UNP 
_struct_ref.db_code                    PIN1_HUMAN 
_struct_ref.entity_id                  1 
_struct_ref.pdbx_seq_one_letter_code   ? 
_struct_ref.pdbx_align_begin           ? 
_struct_ref.pdbx_db_accession          Q13526 
_struct_ref.pdbx_db_isoform            ? 
# 
_struct_ref_seq.align_id                      1 
_struct_ref_seq.ref_id                        1 
_struct_ref_seq.pdbx_PDB_id_code              2XP3 
_struct_ref_seq.pdbx_strand_id                A 
_struct_ref_seq.seq_align_beg                 5 
_struct_ref_seq.pdbx_seq_align_beg_ins_code   ? 
_struct_ref_seq.seq_align_end                 167 
_struct_ref_seq.pdbx_seq_align_end_ins_code   ? 
_struct_ref_seq.pdbx_db_accession             Q13526 
_struct_ref_seq.db_align_beg                  1 
_struct_ref_seq.pdbx_db_align_beg_ins_code    ? 
_struct_ref_seq.db_align_end                  163 
_struct_ref_seq.pdbx_db_align_end_ins_code    ? 
_struct_ref_seq.pdbx_auth_seq_align_beg       1 
_struct_ref_seq.pdbx_auth_seq_align_end       163 
# 
loop_
_struct_ref_seq_dif.align_id 
_struct_ref_seq_dif.pdbx_pdb_id_code 
_struct_ref_seq_dif.mon_id 
_struct_ref_seq_dif.pdbx_pdb_strand_id 
_struct_ref_seq_dif.seq_num 
_struct_ref_seq_dif.pdbx_pdb_ins_code 
_struct_ref_seq_dif.pdbx_seq_db_name 
_struct_ref_seq_dif.pdbx_seq_db_accession_code 
_struct_ref_seq_dif.db_mon_id 
_struct_ref_seq_dif.pdbx_seq_db_seq_num 
_struct_ref_seq_dif.details 
_struct_ref_seq_dif.pdbx_auth_seq_num 
_struct_ref_seq_dif.pdbx_ordinal 
1 2XP3 GLY A 1  ? UNP Q13526 ?   ?  'expression tag'      -3 1 
1 2XP3 SER A 2  ? UNP Q13526 ?   ?  'expression tag'      -2 2 
1 2XP3 HIS A 3  ? UNP Q13526 ?   ?  'expression tag'      -1 3 
1 2XP3 GLY A 4  ? UNP Q13526 ?   ?  'expression tag'      0  4 
1 2XP3 ALA A 18 ? UNP Q13526 ARG 14 'engineered mutation' 14 5 
# 
loop_
_chem_comp.id 
_chem_comp.type 
_chem_comp.mon_nstd_flag 
_chem_comp.name 
_chem_comp.pdbx_synonyms 
_chem_comp.formula 
_chem_comp.formula_weight 
12P non-polymer         . 'DODECAETHYLENE GLYCOL'             'POLYETHYLENE GLYCOL PEG400' 'C24 H50 O13'    546.646 
ALA 'L-peptide linking' y ALANINE                             ?                            'C3 H7 N O2'     89.093  
ARG 'L-peptide linking' y ARGININE                            ?                            'C6 H15 N4 O2 1' 175.209 
ASN 'L-peptide linking' y ASPARAGINE                          ?                            'C4 H8 N2 O3'    132.118 
ASP 'L-peptide linking' y 'ASPARTIC ACID'                     ?                            'C4 H7 N O4'     133.103 
B21 non-polymer         . '5-(2-METHOXYPHENYL)-2-FUROIC ACID' ?                            'C12 H10 O4'     218.205 
CYS 'L-peptide linking' y CYSTEINE                            ?                            'C3 H7 N O2 S'   121.158 
GLN 'L-peptide linking' y GLUTAMINE                           ?                            'C5 H10 N2 O3'   146.144 
GLU 'L-peptide linking' y 'GLUTAMIC ACID'                     ?                            'C5 H9 N O4'     147.129 
GLY 'peptide linking'   y GLYCINE                             ?                            'C2 H5 N O2'     75.067  
HIS 'L-peptide linking' y HISTIDINE                           ?                            'C6 H10 N3 O2 1' 156.162 
HOH non-polymer         . WATER                               ?                            'H2 O'           18.015  
ILE 'L-peptide linking' y ISOLEUCINE                          ?                            'C6 H13 N O2'    131.173 
LEU 'L-peptide linking' y LEUCINE                             ?                            'C6 H13 N O2'    131.173 
LYS 'L-peptide linking' y LYSINE                              ?                            'C6 H15 N2 O2 1' 147.195 
MET 'L-peptide linking' y METHIONINE                          ?                            'C5 H11 N O2 S'  149.211 
PHE 'L-peptide linking' y PHENYLALANINE                       ?                            'C9 H11 N O2'    165.189 
PRO 'L-peptide linking' y PROLINE                             ?                            'C5 H9 N O2'     115.130 
SER 'L-peptide linking' y SERINE                              ?                            'C3 H7 N O3'     105.093 
THR 'L-peptide linking' y THREONINE                           ?                            'C4 H9 N O3'     119.119 
TRP 'L-peptide linking' y TRYPTOPHAN                          ?                            'C11 H12 N2 O2'  204.225 
TYR 'L-peptide linking' y TYROSINE                            ?                            'C9 H11 N O3'    181.189 
VAL 'L-peptide linking' y VALINE                              ?                            'C5 H11 N O2'    117.146 
# 
_exptl.entry_id          2XP3 
_exptl.method            'X-RAY DIFFRACTION' 
_exptl.crystals_number   1 
# 
_exptl_crystal.id                    1 
_exptl_crystal.density_meas          ? 
_exptl_crystal.density_Matthews      2.87 
_exptl_crystal.density_percent_sol   57 
_exptl_crystal.description           NONE 
_exptl_crystal.preparation           ? 
# 
_exptl_crystal_grow.crystal_id      1 
_exptl_crystal_grow.method          'VAPOR DIFFUSION, HANGING DROP' 
_exptl_crystal_grow.temp            277 
_exptl_crystal_grow.temp_details    ? 
_exptl_crystal_grow.pH              7.5 
_exptl_crystal_grow.pdbx_pH_range   ? 
_exptl_crystal_grow.pdbx_details    
'2.2M AMMONIUM SULPHATE, 0.1M HEPES BUFFER, 1% PEG 400, 5MM DTT, PH 7.5, VAPOR DIFFUSION, HANGING DROP, TEMPERATURE 277.0K' 
# 
_diffrn.id                               1 
_diffrn.ambient_temp                     277.0 
_diffrn.ambient_temp_details             ? 
_diffrn.crystal_id                       1 
_diffrn.pdbx_serial_crystal_experiment   ? 
# 
_diffrn_detector.diffrn_id              1 
_diffrn_detector.detector               'IMAGE PLATE' 
_diffrn_detector.type                   'RIGAKU IMAGE PLATE' 
_diffrn_detector.pdbx_collection_date   ? 
_diffrn_detector.details                MIRRORS 
# 
_diffrn_radiation.diffrn_id                        1 
_diffrn_radiation.wavelength_id                    1 
_diffrn_radiation.pdbx_monochromatic_or_laue_m_l   M 
_diffrn_radiation.monochromator                    'CU FILTER' 
_diffrn_radiation.pdbx_diffrn_protocol             'SINGLE WAVELENGTH' 
_diffrn_radiation.pdbx_scattering_type             x-ray 
# 
_diffrn_radiation_wavelength.id           1 
_diffrn_radiation_wavelength.wavelength   1.5418 
_diffrn_radiation_wavelength.wt           1.0 
# 
_diffrn_source.diffrn_id                   1 
_diffrn_source.source                      'ROTATING ANODE' 
_diffrn_source.type                        'RIGAKU RUH3R' 
_diffrn_source.pdbx_synchrotron_site       ? 
_diffrn_source.pdbx_synchrotron_beamline   ? 
_diffrn_source.pdbx_wavelength             1.5418 
_diffrn_source.pdbx_wavelength_list        ? 
# 
_reflns.pdbx_diffrn_id               1 
_reflns.pdbx_ordinal                 1 
_reflns.entry_id                     2XP3 
_reflns.observed_criterion_sigma_I   1.0 
_reflns.observed_criterion_sigma_F   ? 
_reflns.d_resolution_low             30.00 
_reflns.d_resolution_high            2.00 
_reflns.number_obs                   14393 
_reflns.number_all                   ? 
_reflns.percent_possible_obs         96.1 
_reflns.pdbx_Rmerge_I_obs            0.10 
_reflns.pdbx_Rsym_value              ? 
_reflns.pdbx_netI_over_sigmaI        5.40 
_reflns.B_iso_Wilson_estimate        ? 
_reflns.pdbx_redundancy              2.08 
# 
_reflns_shell.pdbx_diffrn_id         1 
_reflns_shell.pdbx_ordinal           1 
_reflns_shell.d_res_high             2.00 
_reflns_shell.d_res_low              2.80 
_reflns_shell.percent_possible_all   91.3 
_reflns_shell.Rmerge_I_obs           0.45 
_reflns_shell.pdbx_Rsym_value        ? 
_reflns_shell.meanI_over_sigI_obs    1.90 
_reflns_shell.pdbx_redundancy        2.15 
# 
_refine.pdbx_refine_id                           'X-RAY DIFFRACTION' 
_refine.entry_id                                 2XP3 
_refine.pdbx_diffrn_id                           1 
_refine.pdbx_TLS_residual_ADP_flag               ? 
_refine.ls_number_reflns_obs                     13656 
_refine.ls_number_reflns_all                     ? 
_refine.pdbx_ls_sigma_I                          ? 
_refine.pdbx_ls_sigma_F                          . 
_refine.pdbx_data_cutoff_high_absF               ? 
_refine.pdbx_data_cutoff_low_absF                ? 
_refine.pdbx_data_cutoff_high_rms_absF           ? 
_refine.ls_d_res_low                             59.03 
_refine.ls_d_res_high                            2.00 
_refine.ls_percent_reflns_obs                    95.98 
_refine.ls_R_factor_obs                          0.21904 
_refine.ls_R_factor_all                          ? 
_refine.ls_R_factor_R_work                       0.21709 
_refine.ls_R_factor_R_free                       0.25398 
_refine.ls_R_factor_R_free_error                 ? 
_refine.ls_R_factor_R_free_error_details         ? 
_refine.ls_percent_reflns_R_free                 5.1 
_refine.ls_number_reflns_R_free                  730 
_refine.ls_number_parameters                     ? 
_refine.ls_number_restraints                     ? 
_refine.occupancy_min                            ? 
_refine.occupancy_max                            ? 
_refine.correlation_coeff_Fo_to_Fc               0.950 
_refine.correlation_coeff_Fo_to_Fc_free          0.934 
_refine.B_iso_mean                               33.547 
_refine.aniso_B[1][1]                            0.83 
_refine.aniso_B[2][2]                            0.83 
_refine.aniso_B[3][3]                            -1.25 
_refine.aniso_B[1][2]                            0.42 
_refine.aniso_B[1][3]                            0.00 
_refine.aniso_B[2][3]                            0.00 
_refine.solvent_model_details                    MASK 
_refine.solvent_model_param_ksol                 ? 
_refine.solvent_model_param_bsol                 ? 
_refine.pdbx_solvent_vdw_probe_radii             1.40 
_refine.pdbx_solvent_ion_probe_radii             0.80 
_refine.pdbx_solvent_shrinkage_radii             0.80 
_refine.pdbx_ls_cross_valid_method               THROUGHOUT 
_refine.details                                  'HYDROGENS HAVE BEEN ADDED IN THE RIDING POSITIONS.' 
_refine.pdbx_starting_model                      'PDB ENTRY 3KCE' 
_refine.pdbx_method_to_determine_struct          'MOLECULAR REPLACEMENT' 
_refine.pdbx_isotropic_thermal_model             ? 
_refine.pdbx_stereochemistry_target_values       'MAXIMUM LIKELIHOOD' 
_refine.pdbx_stereochem_target_val_spec_case     ? 
_refine.pdbx_R_Free_selection_details            RANDOM 
_refine.pdbx_overall_ESU_R                       0.174 
_refine.pdbx_overall_ESU_R_Free                  0.161 
_refine.overall_SU_ML                            0.147 
_refine.pdbx_overall_phase_error                 ? 
_refine.overall_SU_B                             5.743 
_refine.overall_SU_R_Cruickshank_DPI             ? 
_refine.pdbx_overall_SU_R_free_Cruickshank_DPI   ? 
_refine.pdbx_overall_SU_R_Blow_DPI               ? 
_refine.pdbx_overall_SU_R_free_Blow_DPI          ? 
# 
_refine_hist.pdbx_refine_id                   'X-RAY DIFFRACTION' 
_refine_hist.cycle_id                         LAST 
_refine_hist.pdbx_number_atoms_protein        1156 
_refine_hist.pdbx_number_atoms_nucleic_acid   0 
_refine_hist.pdbx_number_atoms_ligand         33 
_refine_hist.number_atoms_solvent             90 
_refine_hist.number_atoms_total               1279 
_refine_hist.d_res_high                       2.00 
_refine_hist.d_res_low                        59.03 
# 
loop_
_refine_ls_restr.type 
_refine_ls_restr.dev_ideal 
_refine_ls_restr.dev_ideal_target 
_refine_ls_restr.weight 
_refine_ls_restr.number 
_refine_ls_restr.pdbx_refine_id 
_refine_ls_restr.pdbx_restraint_function 
r_bond_refined_d             0.023  0.021  ? 1223 'X-RAY DIFFRACTION' ? 
r_bond_other_d               ?      ?      ? ?    'X-RAY DIFFRACTION' ? 
r_angle_refined_deg          1.947  1.970  ? 1637 'X-RAY DIFFRACTION' ? 
r_angle_other_deg            ?      ?      ? ?    'X-RAY DIFFRACTION' ? 
r_dihedral_angle_1_deg       7.704  5.000  ? 145  'X-RAY DIFFRACTION' ? 
r_dihedral_angle_2_deg       31.548 22.373 ? 59   'X-RAY DIFFRACTION' ? 
r_dihedral_angle_3_deg       16.965 15.000 ? 214  'X-RAY DIFFRACTION' ? 
r_dihedral_angle_4_deg       24.302 15.000 ? 14   'X-RAY DIFFRACTION' ? 
r_chiral_restr               0.145  0.200  ? 163  'X-RAY DIFFRACTION' ? 
r_gen_planes_refined         0.009  0.021  ? 934  'X-RAY DIFFRACTION' ? 
r_gen_planes_other           ?      ?      ? ?    'X-RAY DIFFRACTION' ? 
r_nbd_refined                ?      ?      ? ?    'X-RAY DIFFRACTION' ? 
r_nbd_other                  ?      ?      ? ?    'X-RAY DIFFRACTION' ? 
r_nbtor_refined              ?      ?      ? ?    'X-RAY DIFFRACTION' ? 
r_nbtor_other                ?      ?      ? ?    'X-RAY DIFFRACTION' ? 
r_xyhbond_nbd_refined        ?      ?      ? ?    'X-RAY DIFFRACTION' ? 
r_xyhbond_nbd_other          ?      ?      ? ?    'X-RAY DIFFRACTION' ? 
r_metal_ion_refined          ?      ?      ? ?    'X-RAY DIFFRACTION' ? 
r_metal_ion_other            ?      ?      ? ?    'X-RAY DIFFRACTION' ? 
r_symmetry_vdw_refined       ?      ?      ? ?    'X-RAY DIFFRACTION' ? 
r_symmetry_vdw_other         ?      ?      ? ?    'X-RAY DIFFRACTION' ? 
r_symmetry_hbond_refined     ?      ?      ? ?    'X-RAY DIFFRACTION' ? 
r_symmetry_hbond_other       ?      ?      ? ?    'X-RAY DIFFRACTION' ? 
r_symmetry_metal_ion_refined ?      ?      ? ?    'X-RAY DIFFRACTION' ? 
r_symmetry_metal_ion_other   ?      ?      ? ?    'X-RAY DIFFRACTION' ? 
r_mcbond_it                  1.141  1.500  ? 724  'X-RAY DIFFRACTION' ? 
r_mcbond_other               ?      ?      ? ?    'X-RAY DIFFRACTION' ? 
r_mcangle_it                 2.080  2.000  ? 1161 'X-RAY DIFFRACTION' ? 
r_mcangle_other              ?      ?      ? ?    'X-RAY DIFFRACTION' ? 
r_scbond_it                  3.380  3.000  ? 499  'X-RAY DIFFRACTION' ? 
r_scbond_other               ?      ?      ? ?    'X-RAY DIFFRACTION' ? 
r_scangle_it                 5.513  4.500  ? 475  'X-RAY DIFFRACTION' ? 
r_scangle_other              ?      ?      ? ?    'X-RAY DIFFRACTION' ? 
r_long_range_B_refined       ?      ?      ? ?    'X-RAY DIFFRACTION' ? 
r_long_range_B_other         ?      ?      ? ?    'X-RAY DIFFRACTION' ? 
r_rigid_bond_restr           ?      ?      ? ?    'X-RAY DIFFRACTION' ? 
r_sphericity_free            ?      ?      ? ?    'X-RAY DIFFRACTION' ? 
r_sphericity_bonded          ?      ?      ? ?    'X-RAY DIFFRACTION' ? 
# 
_refine_ls_shell.pdbx_refine_id                   'X-RAY DIFFRACTION' 
_refine_ls_shell.pdbx_total_number_of_bins_used   20 
_refine_ls_shell.d_res_high                       2.000 
_refine_ls_shell.d_res_low                        2.052 
_refine_ls_shell.number_reflns_R_work             947 
_refine_ls_shell.R_factor_R_work                  0.384 
_refine_ls_shell.percent_reflns_obs               91.93 
_refine_ls_shell.R_factor_R_free                  0.364 
_refine_ls_shell.R_factor_R_free_error            ? 
_refine_ls_shell.percent_reflns_R_free            ? 
_refine_ls_shell.number_reflns_R_free             55 
_refine_ls_shell.number_reflns_all                ? 
_refine_ls_shell.R_factor_all                     ? 
# 
_struct.entry_id                  2XP3 
_struct.title                     
'DISCOVERY OF CELL-ACTIVE PHENYL-IMIDAZOLE PIN1 INHIBITORS BY STRUCTURE-GUIDED FRAGMENT EVOLUTION' 
_struct.pdbx_model_details        ? 
_struct.pdbx_CASP_flag            ? 
_struct.pdbx_model_type_details   ? 
# 
_struct_keywords.entry_id        2XP3 
_struct_keywords.pdbx_keywords   ISOMERASE 
_struct_keywords.text            'ISOMERASE, PROLINE DIRECTED KINASE, CELL CYCLE, ONCOGENIC TRANSFORMATION' 
# 
loop_
_struct_asym.id 
_struct_asym.pdbx_blank_PDB_chainid_flag 
_struct_asym.pdbx_modified 
_struct_asym.entity_id 
_struct_asym.details 
A N N 1 ? 
B N N 2 ? 
C N N 3 ? 
D N N 4 ? 
# 
loop_
_struct_conf.conf_type_id 
_struct_conf.id 
_struct_conf.pdbx_PDB_helix_id 
_struct_conf.beg_label_comp_id 
_struct_conf.beg_label_asym_id 
_struct_conf.beg_label_seq_id 
_struct_conf.pdbx_beg_PDB_ins_code 
_struct_conf.end_label_comp_id 
_struct_conf.end_label_asym_id 
_struct_conf.end_label_seq_id 
_struct_conf.pdbx_end_PDB_ins_code 
_struct_conf.beg_auth_comp_id 
_struct_conf.beg_auth_asym_id 
_struct_conf.beg_auth_seq_id 
_struct_conf.end_auth_comp_id 
_struct_conf.end_auth_asym_id 
_struct_conf.end_auth_seq_id 
_struct_conf.pdbx_PDB_helix_class 
_struct_conf.details 
_struct_conf.pdbx_PDB_helix_length 
HELX_P HELX_P1 1 THR A 85  ? SER A 102 ? THR A 81  SER A 98  1 ? 18 
HELX_P HELX_P2 2 ASP A 106 ? SER A 115 ? ASP A 102 SER A 111 1 ? 10 
HELX_P HELX_P3 3 CYS A 117 ? ARG A 123 ? CYS A 113 ARG A 119 5 ? 7  
HELX_P HELX_P4 4 GLN A 135 ? LEU A 145 ? GLN A 131 LEU A 141 1 ? 11 
# 
_struct_conf_type.id          HELX_P 
_struct_conf_type.criteria    ? 
_struct_conf_type.reference   ? 
# 
loop_
_struct_sheet.id 
_struct_sheet.type 
_struct_sheet.number_strands 
_struct_sheet.details 
AA ? 3 ? 
AB ? 4 ? 
# 
loop_
_struct_sheet_order.sheet_id 
_struct_sheet_order.range_id_1 
_struct_sheet_order.range_id_2 
_struct_sheet_order.offset 
_struct_sheet_order.sense 
AA 1 2 ? anti-parallel 
AA 2 3 ? anti-parallel 
AB 1 2 ? anti-parallel 
AB 2 3 ? anti-parallel 
AB 3 4 ? anti-parallel 
# 
loop_
_struct_sheet_range.sheet_id 
_struct_sheet_range.id 
_struct_sheet_range.beg_label_comp_id 
_struct_sheet_range.beg_label_asym_id 
_struct_sheet_range.beg_label_seq_id 
_struct_sheet_range.pdbx_beg_PDB_ins_code 
_struct_sheet_range.end_label_comp_id 
_struct_sheet_range.end_label_asym_id 
_struct_sheet_range.end_label_seq_id 
_struct_sheet_range.pdbx_end_PDB_ins_code 
_struct_sheet_range.beg_auth_comp_id 
_struct_sheet_range.beg_auth_asym_id 
_struct_sheet_range.beg_auth_seq_id 
_struct_sheet_range.end_auth_comp_id 
_struct_sheet_range.end_auth_asym_id 
_struct_sheet_range.end_auth_seq_id 
AA 1 TRP A 15  ? MET A 19  ? TRP A 11  MET A 15  
AA 2 VAL A 26  ? ASN A 30  ? VAL A 22  ASN A 26  
AA 3 SER A 36  ? GLN A 37  ? SER A 32  GLN A 33  
AB 1 ASP A 125 ? PHE A 129 ? ASP A 121 PHE A 125 
AB 2 VAL A 59  ? VAL A 66  ? VAL A 55  VAL A 62  
AB 3 GLY A 159 ? GLU A 167 ? GLY A 155 GLU A 163 
AB 4 MET A 150 ? THR A 156 ? MET A 146 THR A 152 
# 
loop_
_pdbx_struct_sheet_hbond.sheet_id 
_pdbx_struct_sheet_hbond.range_id_1 
_pdbx_struct_sheet_hbond.range_id_2 
_pdbx_struct_sheet_hbond.range_1_label_atom_id 
_pdbx_struct_sheet_hbond.range_1_label_comp_id 
_pdbx_struct_sheet_hbond.range_1_label_asym_id 
_pdbx_struct_sheet_hbond.range_1_label_seq_id 
_pdbx_struct_sheet_hbond.range_1_PDB_ins_code 
_pdbx_struct_sheet_hbond.range_1_auth_atom_id 
_pdbx_struct_sheet_hbond.range_1_auth_comp_id 
_pdbx_struct_sheet_hbond.range_1_auth_asym_id 
_pdbx_struct_sheet_hbond.range_1_auth_seq_id 
_pdbx_struct_sheet_hbond.range_2_label_atom_id 
_pdbx_struct_sheet_hbond.range_2_label_comp_id 
_pdbx_struct_sheet_hbond.range_2_label_asym_id 
_pdbx_struct_sheet_hbond.range_2_label_seq_id 
_pdbx_struct_sheet_hbond.range_2_PDB_ins_code 
_pdbx_struct_sheet_hbond.range_2_auth_atom_id 
_pdbx_struct_sheet_hbond.range_2_auth_comp_id 
_pdbx_struct_sheet_hbond.range_2_auth_asym_id 
_pdbx_struct_sheet_hbond.range_2_auth_seq_id 
AA 1 2 N ALA A 18  ? N ALA A 14  O TYR A 27  ? O TYR A 23  
AA 2 3 N TYR A 28  ? N TYR A 24  O GLN A 37  ? O GLN A 33  
AB 1 2 N PHE A 129 ? N PHE A 125 O VAL A 59  ? O VAL A 55  
AB 2 3 N VAL A 66  ? N VAL A 62  O ILE A 160 ? O ILE A 156 
AB 3 4 O ILE A 163 ? O ILE A 159 N SER A 151 ? N SER A 147 
# 
loop_
_struct_site.id 
_struct_site.pdbx_evidence_code 
_struct_site.pdbx_auth_asym_id 
_struct_site.pdbx_auth_comp_id 
_struct_site.pdbx_auth_seq_id 
_struct_site.pdbx_auth_ins_code 
_struct_site.pdbx_num_residues 
_struct_site.details 
AC1 Software A 12P 1164 ? 13 'BINDING SITE FOR RESIDUE 12P A 1164' 
AC2 Software A B21 1165 ? 8  'BINDING SITE FOR RESIDUE B21 A 1165' 
# 
loop_
_struct_site_gen.id 
_struct_site_gen.site_id 
_struct_site_gen.pdbx_num_res 
_struct_site_gen.label_comp_id 
_struct_site_gen.label_asym_id 
_struct_site_gen.label_seq_id 
_struct_site_gen.pdbx_auth_ins_code 
_struct_site_gen.auth_comp_id 
_struct_site_gen.auth_asym_id 
_struct_site_gen.auth_seq_id 
_struct_site_gen.label_atom_id 
_struct_site_gen.label_alt_id 
_struct_site_gen.symmetry 
_struct_site_gen.details 
1  AC1 13 TYR A 27  ? TYR A 23   . ? 1_555 ? 
2  AC1 13 SER A 36  ? SER A 32   . ? 1_555 ? 
3  AC1 13 GLN A 37  ? GLN A 33   . ? 1_555 ? 
4  AC1 13 TRP A 38  ? TRP A 34   . ? 1_555 ? 
5  AC1 13 ILE A 97  ? ILE A 93   . ? 1_555 ? 
6  AC1 13 LYS A 101 ? LYS A 97   . ? 1_555 ? 
7  AC1 13 LYS A 101 ? LYS A 97   . ? 6_555 ? 
8  AC1 13 SER A 102 ? SER A 98   . ? 6_555 ? 
9  AC1 13 GLY A 103 ? GLY A 99   . ? 6_555 ? 
10 AC1 13 GLY A 152 ? GLY A 148  . ? 1_555 ? 
11 AC1 13 HOH D .   ? HOH A 2007 . ? 1_555 ? 
12 AC1 13 HOH D .   ? HOH A 2014 . ? 1_555 ? 
13 AC1 13 HOH D .   ? HOH A 2056 . ? 1_555 ? 
14 AC2 8  HIS A 63  ? HIS A 59   . ? 1_555 ? 
15 AC2 8  LYS A 67  ? LYS A 63   . ? 1_555 ? 
16 AC2 8  ARG A 72  ? ARG A 68   . ? 1_555 ? 
17 AC2 8  LEU A 126 ? LEU A 122  . ? 1_555 ? 
18 AC2 8  GLN A 135 ? GLN A 131  . ? 1_555 ? 
19 AC2 8  PHE A 138 ? PHE A 134  . ? 1_555 ? 
20 AC2 8  SER A 158 ? SER A 154  . ? 1_555 ? 
21 AC2 8  HOH D .   ? HOH A 2031 . ? 1_555 ? 
# 
_atom_sites.entry_id                    2XP3 
_atom_sites.fract_transf_matrix[1][1]   0.01589315 
_atom_sites.fract_transf_matrix[1][2]   -0.00559652 
_atom_sites.fract_transf_matrix[1][3]   0.00166238 
_atom_sites.fract_transf_matrix[2][1]   0.01184083 
_atom_sites.fract_transf_matrix[2][2]   0.01002676 
_atom_sites.fract_transf_matrix[2][3]   0.00677626 
_atom_sites.fract_transf_matrix[3][1]   -0.00274631 
_atom_sites.fract_transf_matrix[3][2]   -0.00442756 
_atom_sites.fract_transf_matrix[3][3]   0.01135031 
_atom_sites.fract_transf_vector[1]      0.241218 
_atom_sites.fract_transf_vector[2]      -0.391256 
_atom_sites.fract_transf_vector[3]      0.184163 
# 
loop_
_atom_type.symbol 
C 
N 
O 
S 
# 
loop_
_atom_site.group_PDB 
_atom_site.id 
_atom_site.type_symbol 
_atom_site.label_atom_id 
_atom_site.label_alt_id 
_atom_site.label_comp_id 
_atom_site.label_asym_id 
_atom_site.label_entity_id 
_atom_site.label_seq_id 
_atom_site.pdbx_PDB_ins_code 
_atom_site.Cartn_x 
_atom_site.Cartn_y 
_atom_site.Cartn_z 
_atom_site.occupancy 
_atom_site.B_iso_or_equiv 
_atom_site.pdbx_formal_charge 
_atom_site.auth_seq_id 
_atom_site.auth_comp_id 
_atom_site.auth_asym_id 
_atom_site.auth_atom_id 
_atom_site.pdbx_PDB_model_num 
ATOM   1    N N   . LEU A 1 11  ? -16.346 -15.225 -0.690  1.00 50.85 ? 7    LEU A N   1 
ATOM   2    C CA  . LEU A 1 11  ? -15.507 -13.996 -0.882  1.00 50.75 ? 7    LEU A CA  1 
ATOM   3    C C   . LEU A 1 11  ? -14.045 -14.388 -1.237  1.00 50.18 ? 7    LEU A C   1 
ATOM   4    O O   . LEU A 1 11  ? -13.463 -15.271 -0.590  1.00 50.75 ? 7    LEU A O   1 
ATOM   5    C CB  . LEU A 1 11  ? -15.531 -13.148 0.405   1.00 50.93 ? 7    LEU A CB  1 
ATOM   6    C CG  . LEU A 1 11  ? -16.852 -12.677 1.020   1.00 51.63 ? 7    LEU A CG  1 
ATOM   7    C CD1 . LEU A 1 11  ? -16.731 -12.428 2.537   1.00 51.75 ? 7    LEU A CD1 1 
ATOM   8    C CD2 . LEU A 1 11  ? -17.345 -11.426 0.295   1.00 52.08 ? 7    LEU A CD2 1 
ATOM   9    N N   . PRO A 1 12  ? -13.444 -13.745 -2.261  1.00 49.41 ? 8    PRO A N   1 
ATOM   10   C CA  . PRO A 1 12  ? -12.007 -13.938 -2.659  1.00 48.40 ? 8    PRO A CA  1 
ATOM   11   C C   . PRO A 1 12  ? -10.950 -13.821 -1.506  1.00 47.29 ? 8    PRO A C   1 
ATOM   12   O O   . PRO A 1 12  ? -11.247 -13.225 -0.430  1.00 46.17 ? 8    PRO A O   1 
ATOM   13   C CB  . PRO A 1 12  ? -11.781 -12.852 -3.725  1.00 49.10 ? 8    PRO A CB  1 
ATOM   14   C CG  . PRO A 1 12  ? -12.956 -11.872 -3.540  1.00 50.11 ? 8    PRO A CG  1 
ATOM   15   C CD  . PRO A 1 12  ? -14.106 -12.695 -3.054  1.00 49.62 ? 8    PRO A CD  1 
ATOM   16   N N   . PRO A 1 13  ? -9.728  -14.390 -1.717  1.00 46.08 ? 9    PRO A N   1 
ATOM   17   C CA  . PRO A 1 13  ? -8.812  -14.593 -0.561  1.00 44.79 ? 9    PRO A CA  1 
ATOM   18   C C   . PRO A 1 13  ? -8.568  -13.346 0.304   1.00 44.48 ? 9    PRO A C   1 
ATOM   19   O O   . PRO A 1 13  ? -8.119  -12.275 -0.226  1.00 45.41 ? 9    PRO A O   1 
ATOM   20   C CB  . PRO A 1 13  ? -7.480  -15.062 -1.208  1.00 44.71 ? 9    PRO A CB  1 
ATOM   21   C CG  . PRO A 1 13  ? -7.847  -15.584 -2.584  1.00 45.60 ? 9    PRO A CG  1 
ATOM   22   C CD  . PRO A 1 13  ? -9.153  -14.882 -2.997  1.00 45.98 ? 9    PRO A CD  1 
ATOM   23   N N   . GLY A 1 14  ? -8.850  -13.474 1.610   1.00 41.91 ? 10   GLY A N   1 
ATOM   24   C CA  . GLY A 1 14  ? -8.534  -12.442 2.583   1.00 39.33 ? 10   GLY A CA  1 
ATOM   25   C C   . GLY A 1 14  ? -9.665  -11.516 2.999   1.00 38.35 ? 10   GLY A C   1 
ATOM   26   O O   . GLY A 1 14  ? -9.514  -10.746 3.934   1.00 36.40 ? 10   GLY A O   1 
ATOM   27   N N   . TRP A 1 15  ? -10.799 -11.613 2.308   1.00 38.68 ? 11   TRP A N   1 
ATOM   28   C CA  . TRP A 1 15  ? -11.925 -10.665 2.442   1.00 39.01 ? 11   TRP A CA  1 
ATOM   29   C C   . TRP A 1 15  ? -12.846 -11.204 3.482   1.00 40.36 ? 11   TRP A C   1 
ATOM   30   O O   . TRP A 1 15  ? -13.101 -12.408 3.477   1.00 40.27 ? 11   TRP A O   1 
ATOM   31   C CB  . TRP A 1 15  ? -12.708 -10.507 1.117   1.00 37.29 ? 11   TRP A CB  1 
ATOM   32   C CG  . TRP A 1 15  ? -12.055 -9.594  0.183   1.00 33.12 ? 11   TRP A CG  1 
ATOM   33   C CD1 . TRP A 1 15  ? -11.346 -9.941  -0.940  1.00 31.47 ? 11   TRP A CD1 1 
ATOM   34   C CD2 . TRP A 1 15  ? -12.016 -8.156  0.256   1.00 29.79 ? 11   TRP A CD2 1 
ATOM   35   N NE1 . TRP A 1 15  ? -10.856 -8.813  -1.545  1.00 29.87 ? 11   TRP A NE1 1 
ATOM   36   C CE2 . TRP A 1 15  ? -11.244 -7.707  -0.834  1.00 29.05 ? 11   TRP A CE2 1 
ATOM   37   C CE3 . TRP A 1 15  ? -12.529 -7.205  1.171   1.00 27.96 ? 11   TRP A CE3 1 
ATOM   38   C CZ2 . TRP A 1 15  ? -10.980 -6.333  -1.067  1.00 28.64 ? 11   TRP A CZ2 1 
ATOM   39   C CZ3 . TRP A 1 15  ? -12.299 -5.871  0.951   1.00 22.78 ? 11   TRP A CZ3 1 
ATOM   40   C CH2 . TRP A 1 15  ? -11.534 -5.423  -0.183  1.00 27.40 ? 11   TRP A CH2 1 
ATOM   41   N N   . GLU A 1 16  ? -13.352 -10.322 4.349   1.00 41.06 ? 12   GLU A N   1 
ATOM   42   C CA  . GLU A 1 16  ? -14.312 -10.711 5.360   1.00 42.48 ? 12   GLU A CA  1 
ATOM   43   C C   . GLU A 1 16  ? -15.370 -9.597  5.590   1.00 43.27 ? 12   GLU A C   1 
ATOM   44   O O   . GLU A 1 16  ? -15.101 -8.400  5.413   1.00 42.52 ? 12   GLU A O   1 
ATOM   45   C CB  . GLU A 1 16  ? -13.610 -11.047 6.689   1.00 43.59 ? 12   GLU A CB  1 
ATOM   46   C CG  . GLU A 1 16  ? -12.566 -12.214 6.670   1.00 47.24 ? 12   GLU A CG  1 
ATOM   47   C CD  . GLU A 1 16  ? -13.170 -13.661 6.688   1.00 54.64 ? 12   GLU A CD  1 
ATOM   48   O OE1 . GLU A 1 16  ? -12.409 -14.647 6.387   1.00 54.70 ? 12   GLU A OE1 1 
ATOM   49   O OE2 . GLU A 1 16  ? -14.387 -13.815 7.027   1.00 57.48 ? 12   GLU A OE2 1 
ATOM   50   N N   . LYS A 1 17  ? -16.581 -10.006 5.966   1.00 43.79 ? 13   LYS A N   1 
ATOM   51   C CA  . LYS A 1 17  ? -17.633 -9.071  6.400   1.00 44.22 ? 13   LYS A CA  1 
ATOM   52   C C   . LYS A 1 17  ? -17.313 -8.515  7.781   1.00 43.84 ? 13   LYS A C   1 
ATOM   53   O O   . LYS A 1 17  ? -16.827 -9.249  8.646   1.00 44.43 ? 13   LYS A O   1 
ATOM   54   C CB  . LYS A 1 17  ? -18.993 -9.763  6.470   1.00 44.97 ? 13   LYS A CB  1 
ATOM   55   C CG  . LYS A 1 17  ? -19.955 -9.355  5.373   1.00 48.98 ? 13   LYS A CG  1 
ATOM   56   C CD  . LYS A 1 17  ? -21.063 -10.406 5.220   1.00 55.20 ? 13   LYS A CD  1 
ATOM   57   C CE  . LYS A 1 17  ? -22.230 -9.893  4.373   1.00 57.91 ? 13   LYS A CE  1 
ATOM   58   N NZ  . LYS A 1 17  ? -23.466 -10.694 4.678   1.00 59.37 ? 13   LYS A NZ  1 
ATOM   59   N N   . ALA A 1 18  ? -17.575 -7.216  7.956   1.00 42.64 ? 14   ALA A N   1 
ATOM   60   C CA  . ALA A 1 18  ? -17.493 -6.520  9.217   1.00 41.84 ? 14   ALA A CA  1 
ATOM   61   C C   . ALA A 1 18  ? -18.707 -5.572  9.290   1.00 42.77 ? 14   ALA A C   1 
ATOM   62   O O   . ALA A 1 18  ? -19.427 -5.365  8.308   1.00 41.02 ? 14   ALA A O   1 
ATOM   63   C CB  . ALA A 1 18  ? -16.196 -5.727  9.289   1.00 40.58 ? 14   ALA A CB  1 
ATOM   64   N N   . MET A 1 19  ? -18.898 -4.996  10.469  1.00 44.76 ? 15   MET A N   1 
ATOM   65   C CA  . MET A 1 19  ? -19.872 -3.944  10.706  1.00 46.63 ? 15   MET A CA  1 
ATOM   66   C C   . MET A 1 19  ? -19.164 -2.624  10.877  1.00 45.53 ? 15   MET A C   1 
ATOM   67   O O   . MET A 1 19  ? -18.157 -2.523  11.586  1.00 45.19 ? 15   MET A O   1 
ATOM   68   C CB  . MET A 1 19  ? -20.656 -4.237  11.993  1.00 48.62 ? 15   MET A CB  1 
ATOM   69   C CG  . MET A 1 19  ? -22.014 -3.539  12.135  1.00 54.69 ? 15   MET A CG  1 
ATOM   70   S SD  . MET A 1 19  ? -23.295 -4.440  11.211  1.00 71.92 ? 15   MET A SD  1 
ATOM   71   C CE  . MET A 1 19  ? -22.746 -6.197  11.172  1.00 67.53 ? 15   MET A CE  1 
ATOM   72   N N   . SER A 1 20  ? -19.715 -1.610  10.221  1.00 44.81 ? 16   SER A N   1 
ATOM   73   C CA  . SER A 1 20  ? -19.242 -0.264  10.352  1.00 44.99 ? 16   SER A CA  1 
ATOM   74   C C   . SER A 1 20  ? -19.545 0.182   11.773  1.00 45.88 ? 16   SER A C   1 
ATOM   75   O O   . SER A 1 20  ? -20.704 0.108   12.204  1.00 45.18 ? 16   SER A O   1 
ATOM   76   C CB  . SER A 1 20  ? -20.020 0.621   9.408   1.00 43.76 ? 16   SER A CB  1 
ATOM   77   O OG  . SER A 1 20  ? -19.534 1.939   9.480   1.00 45.93 ? 16   SER A OG  1 
ATOM   78   N N   . ARG A 1 21  ? -18.561 0.687   12.505  1.00 46.71 ? 17   ARG A N   1 
ATOM   79   C CA  . ARG A 1 21  ? -18.939 1.150   13.821  1.00 48.91 ? 17   ARG A CA  1 
ATOM   80   C C   . ARG A 1 21  ? -19.346 2.625   13.903  1.00 50.25 ? 17   ARG A C   1 
ATOM   81   O O   . ARG A 1 21  ? -19.535 3.153   15.000  1.00 50.61 ? 17   ARG A O   1 
ATOM   82   C CB  . ARG A 1 21  ? -17.958 0.723   14.911  1.00 49.62 ? 17   ARG A CB  1 
ATOM   83   C CG  . ARG A 1 21  ? -16.853 1.677   15.234  1.00 50.98 ? 17   ARG A CG  1 
ATOM   84   C CD  . ARG A 1 21  ? -16.255 1.190   16.541  1.00 54.97 ? 17   ARG A CD  1 
ATOM   85   N NE  . ARG A 1 21  ? -15.967 -0.229  16.371  1.00 56.98 ? 17   ARG A NE  1 
ATOM   86   C CZ  . ARG A 1 21  ? -15.045 -0.911  17.046  1.00 55.78 ? 17   ARG A CZ  1 
ATOM   87   N NH1 . ARG A 1 21  ? -14.312 -0.307  17.997  1.00 53.22 ? 17   ARG A NH1 1 
ATOM   88   N NH2 . ARG A 1 21  ? -14.869 -2.202  16.749  1.00 51.48 ? 17   ARG A NH2 1 
ATOM   89   N N   . SER A 1 22  ? -19.520 3.268   12.741  1.00 51.02 ? 18   SER A N   1 
ATOM   90   C CA  . SER A 1 22  ? -20.133 4.609   12.679  1.00 51.26 ? 18   SER A CA  1 
ATOM   91   C C   . SER A 1 22  ? -21.575 4.521   12.240  1.00 50.53 ? 18   SER A C   1 
ATOM   92   O O   . SER A 1 22  ? -22.438 5.160   12.850  1.00 50.57 ? 18   SER A O   1 
ATOM   93   C CB  . SER A 1 22  ? -19.388 5.524   11.713  1.00 51.70 ? 18   SER A CB  1 
ATOM   94   O OG  . SER A 1 22  ? -18.594 6.448   12.427  1.00 54.47 ? 18   SER A OG  1 
ATOM   95   N N   . SER A 1 23  ? -21.807 3.712   11.199  1.00 49.08 ? 19   SER A N   1 
ATOM   96   C CA  . SER A 1 23  ? -23.070 3.668   10.460  1.00 48.18 ? 19   SER A CA  1 
ATOM   97   C C   . SER A 1 23  ? -23.863 2.471   10.896  1.00 47.33 ? 19   SER A C   1 
ATOM   98   O O   . SER A 1 23  ? -25.082 2.490   10.810  1.00 47.41 ? 19   SER A O   1 
ATOM   99   C CB  . SER A 1 23  ? -22.840 3.497   8.940   1.00 47.89 ? 19   SER A CB  1 
ATOM   100  O OG  . SER A 1 23  ? -21.515 3.850   8.521   1.00 48.68 ? 19   SER A OG  1 
ATOM   101  N N   . GLY A 1 24  ? -23.151 1.416   11.321  1.00 46.82 ? 20   GLY A N   1 
ATOM   102  C CA  . GLY A 1 24  ? -23.727 0.089   11.475  1.00 45.38 ? 20   GLY A CA  1 
ATOM   103  C C   . GLY A 1 24  ? -24.070 -0.490  10.097  1.00 45.02 ? 20   GLY A C   1 
ATOM   104  O O   . GLY A 1 24  ? -24.815 -1.476  9.973   1.00 44.93 ? 20   GLY A O   1 
ATOM   105  N N   . ARG A 1 25  ? -23.532 0.120   9.042   1.00 43.35 ? 21   ARG A N   1 
ATOM   106  C CA  . ARG A 1 25  ? -23.619 -0.487  7.718   1.00 42.49 ? 21   ARG A CA  1 
ATOM   107  C C   . ARG A 1 25  ? -22.515 -1.542  7.600   1.00 40.26 ? 21   ARG A C   1 
ATOM   108  O O   . ARG A 1 25  ? -21.447 -1.387  8.154   1.00 38.40 ? 21   ARG A O   1 
ATOM   109  C CB  . ARG A 1 25  ? -23.502 0.594   6.621   1.00 43.29 ? 21   ARG A CB  1 
ATOM   110  C CG  . ARG A 1 25  ? -24.572 0.484   5.504   1.00 46.67 ? 21   ARG A CG  1 
ATOM   111  C CD  . ARG A 1 25  ? -24.390 1.531   4.416   1.00 47.06 ? 21   ARG A CD  1 
ATOM   112  N NE  . ARG A 1 25  ? -23.736 2.707   4.980   1.00 49.30 ? 21   ARG A NE  1 
ATOM   113  C CZ  . ARG A 1 25  ? -22.660 3.289   4.470   1.00 48.37 ? 21   ARG A CZ  1 
ATOM   114  N NH1 . ARG A 1 25  ? -22.127 2.821   3.333   1.00 47.56 ? 21   ARG A NH1 1 
ATOM   115  N NH2 . ARG A 1 25  ? -22.132 4.345   5.102   1.00 47.97 ? 21   ARG A NH2 1 
ATOM   116  N N   . VAL A 1 26  ? -22.808 -2.636  6.910   1.00 38.93 ? 22   VAL A N   1 
ATOM   117  C CA  . VAL A 1 26  ? -21.838 -3.698  6.638   1.00 37.26 ? 22   VAL A CA  1 
ATOM   118  C C   . VAL A 1 26  ? -20.749 -3.237  5.650   1.00 36.23 ? 22   VAL A C   1 
ATOM   119  O O   . VAL A 1 26  ? -21.043 -2.595  4.619   1.00 36.08 ? 22   VAL A O   1 
ATOM   120  C CB  . VAL A 1 26  ? -22.598 -4.931  6.042   1.00 37.74 ? 22   VAL A CB  1 
ATOM   121  C CG1 . VAL A 1 26  ? -21.783 -5.713  5.027   1.00 39.25 ? 22   VAL A CG1 1 
ATOM   122  C CG2 . VAL A 1 26  ? -23.068 -5.861  7.158   1.00 38.61 ? 22   VAL A CG2 1 
ATOM   123  N N   . TYR A 1 27  ? -19.493 -3.587  5.909   1.00 33.37 ? 23   TYR A N   1 
ATOM   124  C CA  . TYR A 1 27  ? -18.463 -3.390  4.874   1.00 30.11 ? 23   TYR A CA  1 
ATOM   125  C C   . TYR A 1 27  ? -17.555 -4.616  4.778   1.00 29.94 ? 23   TYR A C   1 
ATOM   126  O O   . TYR A 1 27  ? -17.762 -5.596  5.486   1.00 27.61 ? 23   TYR A O   1 
ATOM   127  C CB  . TYR A 1 27  ? -17.629 -2.131  5.160   1.00 29.83 ? 23   TYR A CB  1 
ATOM   128  C CG  . TYR A 1 27  ? -16.778 -2.258  6.350   1.00 26.75 ? 23   TYR A CG  1 
ATOM   129  C CD1 . TYR A 1 27  ? -15.426 -2.477  6.226   1.00 29.80 ? 23   TYR A CD1 1 
ATOM   130  C CD2 . TYR A 1 27  ? -17.321 -2.135  7.629   1.00 29.51 ? 23   TYR A CD2 1 
ATOM   131  C CE1 . TYR A 1 27  ? -14.605 -2.564  7.313   1.00 25.61 ? 23   TYR A CE1 1 
ATOM   132  C CE2 . TYR A 1 27  ? -16.539 -2.237  8.735   1.00 30.47 ? 23   TYR A CE2 1 
ATOM   133  C CZ  . TYR A 1 27  ? -15.165 -2.459  8.570   1.00 32.44 ? 23   TYR A CZ  1 
ATOM   134  O OH  . TYR A 1 27  ? -14.356 -2.572  9.678   1.00 35.43 ? 23   TYR A OH  1 
ATOM   135  N N   . TYR A 1 28  ? -16.562 -4.547  3.892   1.00 29.11 ? 24   TYR A N   1 
ATOM   136  C CA  . TYR A 1 28  ? -15.646 -5.635  3.677   1.00 29.55 ? 24   TYR A CA  1 
ATOM   137  C C   . TYR A 1 28  ? -14.216 -5.176  3.968   1.00 30.32 ? 24   TYR A C   1 
ATOM   138  O O   . TYR A 1 28  ? -13.850 -4.011  3.693   1.00 29.31 ? 24   TYR A O   1 
ATOM   139  C CB  . TYR A 1 28  ? -15.840 -6.150  2.261   1.00 30.36 ? 24   TYR A CB  1 
ATOM   140  C CG  . TYR A 1 28  ? -17.290 -6.605  2.052   1.00 32.89 ? 24   TYR A CG  1 
ATOM   141  C CD1 . TYR A 1 28  ? -18.304 -5.695  1.677   1.00 36.28 ? 24   TYR A CD1 1 
ATOM   142  C CD2 . TYR A 1 28  ? -17.653 -7.933  2.295   1.00 36.26 ? 24   TYR A CD2 1 
ATOM   143  C CE1 . TYR A 1 28  ? -19.655 -6.116  1.501   1.00 38.55 ? 24   TYR A CE1 1 
ATOM   144  C CE2 . TYR A 1 28  ? -18.957 -8.369  2.151   1.00 41.19 ? 24   TYR A CE2 1 
ATOM   145  C CZ  . TYR A 1 28  ? -19.960 -7.470  1.740   1.00 43.05 ? 24   TYR A CZ  1 
ATOM   146  O OH  . TYR A 1 28  ? -21.224 -7.981  1.585   1.00 45.03 ? 24   TYR A OH  1 
ATOM   147  N N   . PHE A 1 29  ? -13.428 -6.029  4.617   1.00 29.77 ? 25   PHE A N   1 
ATOM   148  C CA  . PHE A 1 29  ? -12.017 -5.651  4.823   1.00 31.15 ? 25   PHE A CA  1 
ATOM   149  C C   . PHE A 1 29  ? -11.222 -6.836  4.399   1.00 29.34 ? 25   PHE A C   1 
ATOM   150  O O   . PHE A 1 29  ? -11.760 -7.945  4.331   1.00 29.91 ? 25   PHE A O   1 
ATOM   151  C CB  . PHE A 1 29  ? -11.689 -5.172  6.245   1.00 31.71 ? 25   PHE A CB  1 
ATOM   152  C CG  . PHE A 1 29  ? -11.744 -6.252  7.262   1.00 36.37 ? 25   PHE A CG  1 
ATOM   153  C CD1 . PHE A 1 29  ? -12.971 -6.588  7.889   1.00 39.75 ? 25   PHE A CD1 1 
ATOM   154  C CD2 . PHE A 1 29  ? -10.569 -6.958  7.610   1.00 39.08 ? 25   PHE A CD2 1 
ATOM   155  C CE1 . PHE A 1 29  ? -13.049 -7.665  8.842   1.00 42.79 ? 25   PHE A CE1 1 
ATOM   156  C CE2 . PHE A 1 29  ? -10.612 -8.036  8.545   1.00 41.68 ? 25   PHE A CE2 1 
ATOM   157  C CZ  . PHE A 1 29  ? -11.857 -8.408  9.171   1.00 42.76 ? 25   PHE A CZ  1 
ATOM   158  N N   . ASN A 1 30  ? -9.978  -6.584  4.033   1.00 28.27 ? 26   ASN A N   1 
ATOM   159  C CA  . ASN A 1 30  ? -9.075  -7.649  3.614   1.00 26.27 ? 26   ASN A CA  1 
ATOM   160  C C   . ASN A 1 30  ? -7.902  -7.687  4.537   1.00 26.35 ? 26   ASN A C   1 
ATOM   161  O O   . ASN A 1 30  ? -7.219  -6.651  4.728   1.00 25.78 ? 26   ASN A O   1 
ATOM   162  C CB  . ASN A 1 30  ? -8.603  -7.471  2.168   1.00 26.83 ? 26   ASN A CB  1 
ATOM   163  C CG  . ASN A 1 30  ? -7.892  -8.735  1.632   1.00 25.31 ? 26   ASN A CG  1 
ATOM   164  O OD1 . ASN A 1 30  ? -6.859  -9.151  2.143   1.00 26.42 ? 26   ASN A OD1 1 
ATOM   165  N ND2 . ASN A 1 30  ? -8.491  -9.366  0.624   1.00 28.94 ? 26   ASN A ND2 1 
ATOM   166  N N   . HIS A 1 31  ? -7.672  -8.854  5.140   1.00 25.81 ? 27   HIS A N   1 
ATOM   167  C CA  . HIS A 1 31  ? -6.679  -8.982  6.192   1.00 25.57 ? 27   HIS A CA  1 
ATOM   168  C C   . HIS A 1 31  ? -5.264  -9.186  5.678   1.00 25.56 ? 27   HIS A C   1 
ATOM   169  O O   . HIS A 1 31  ? -4.267  -9.042  6.434   1.00 25.86 ? 27   HIS A O   1 
ATOM   170  C CB  . HIS A 1 31  ? -7.101  -10.031 7.266   1.00 26.51 ? 27   HIS A CB  1 
ATOM   171  C CG  . HIS A 1 31  ? -7.188  -11.434 6.764   1.00 27.75 ? 27   HIS A CG  1 
ATOM   172  N ND1 . HIS A 1 31  ? -6.080  -12.248 6.614   1.00 32.30 ? 27   HIS A ND1 1 
ATOM   173  C CD2 . HIS A 1 31  ? -8.261  -12.183 6.418   1.00 28.13 ? 27   HIS A CD2 1 
ATOM   174  C CE1 . HIS A 1 31  ? -6.467  -13.428 6.154   1.00 35.41 ? 27   HIS A CE1 1 
ATOM   175  N NE2 . HIS A 1 31  ? -7.783  -13.410 6.009   1.00 30.71 ? 27   HIS A NE2 1 
ATOM   176  N N   . ILE A 1 32  ? -5.155  -9.483  4.390   1.00 25.86 ? 28   ILE A N   1 
ATOM   177  C CA  . ILE A 1 32  ? -3.856  -9.622  3.733   1.00 25.30 ? 28   ILE A CA  1 
ATOM   178  C C   . ILE A 1 32  ? -3.405  -8.241  3.185   1.00 24.85 ? 28   ILE A C   1 
ATOM   179  O O   . ILE A 1 32  ? -2.245  -7.864  3.370   1.00 24.15 ? 28   ILE A O   1 
ATOM   180  C CB  . ILE A 1 32  ? -3.881  -10.700 2.628   1.00 26.19 ? 28   ILE A CB  1 
ATOM   181  C CG1 . ILE A 1 32  ? -4.239  -12.056 3.213   1.00 23.34 ? 28   ILE A CG1 1 
ATOM   182  C CG2 . ILE A 1 32  ? -2.522  -10.800 1.962   1.00 26.01 ? 28   ILE A CG2 1 
ATOM   183  C CD1 . ILE A 1 32  ? -4.833  -13.017 2.187   1.00 21.78 ? 28   ILE A CD1 1 
ATOM   184  N N   . THR A 1 33  ? -4.323  -7.480  2.573   1.00 23.05 ? 29   THR A N   1 
ATOM   185  C CA  . THR A 1 33  ? -3.934  -6.226  1.883   1.00 22.90 ? 29   THR A CA  1 
ATOM   186  C C   . THR A 1 33  ? -4.280  -4.991  2.724   1.00 23.90 ? 29   THR A C   1 
ATOM   187  O O   . THR A 1 33  ? -3.821  -3.868  2.444   1.00 23.30 ? 29   THR A O   1 
ATOM   188  C CB  . THR A 1 33  ? -4.641  -6.065  0.585   1.00 23.04 ? 29   THR A CB  1 
ATOM   189  O OG1 . THR A 1 33  ? -5.997  -5.924  0.912   1.00 20.93 ? 29   THR A OG1 1 
ATOM   190  C CG2 . THR A 1 33  ? -4.475  -7.282  -0.340  1.00 19.83 ? 29   THR A CG2 1 
ATOM   191  N N   . ASN A 1 34  ? -5.074  -5.225  3.777   1.00 24.24 ? 30   ASN A N   1 
ATOM   192  C CA  . ASN A 1 34  ? -5.612  -4.131  4.598   1.00 24.55 ? 30   ASN A CA  1 
ATOM   193  C C   . ASN A 1 34  ? -6.550  -3.186  3.841   1.00 24.56 ? 30   ASN A C   1 
ATOM   194  O O   . ASN A 1 34  ? -6.798  -2.084  4.256   1.00 27.74 ? 30   ASN A O   1 
ATOM   195  C CB  . ASN A 1 34  ? -4.488  -3.413  5.319   1.00 23.45 ? 30   ASN A CB  1 
ATOM   196  C CG  . ASN A 1 34  ? -3.953  -4.240  6.517   1.00 27.13 ? 30   ASN A CG  1 
ATOM   197  O OD1 . ASN A 1 34  ? -2.731  -4.252  6.821   1.00 25.40 ? 30   ASN A OD1 1 
ATOM   198  N ND2 . ASN A 1 34  ? -4.871  -4.948  7.186   1.00 27.84 ? 30   ASN A ND2 1 
ATOM   199  N N   . ALA A 1 35  ? -7.071  -3.608  2.723   1.00 24.42 ? 31   ALA A N   1 
ATOM   200  C CA  . ALA A 1 35  ? -8.074  -2.804  2.044   1.00 24.36 ? 31   ALA A CA  1 
ATOM   201  C C   . ALA A 1 35  ? -9.388  -2.940  2.807   1.00 25.86 ? 31   ALA A C   1 
ATOM   202  O O   . ALA A 1 35  ? -9.658  -3.972  3.498   1.00 24.73 ? 31   ALA A O   1 
ATOM   203  C CB  . ALA A 1 35  ? -8.250  -3.276  0.589   1.00 22.83 ? 31   ALA A CB  1 
ATOM   204  N N   . SER A 1 36  ? -10.198 -1.886  2.654   1.00 27.63 ? 32   SER A N   1 
ATOM   205  C CA  . SER A 1 36  ? -11.532 -1.837  3.153   1.00 28.97 ? 32   SER A CA  1 
ATOM   206  C C   . SER A 1 36  ? -12.416 -1.007  2.208   1.00 30.70 ? 32   SER A C   1 
ATOM   207  O O   . SER A 1 36  ? -11.985 -0.029  1.599   1.00 31.74 ? 32   SER A O   1 
ATOM   208  C CB  . SER A 1 36  ? -11.538 -1.237  4.573   1.00 29.32 ? 32   SER A CB  1 
ATOM   209  O OG  . SER A 1 36  ? -10.961 0.052   4.562   1.00 28.29 ? 32   SER A OG  1 
ATOM   210  N N   . GLN A 1 37  ? -13.677 -1.399  2.100   1.00 32.06 ? 33   GLN A N   1 
ATOM   211  C CA  . GLN A 1 37  ? -14.562 -0.812  1.127   1.00 32.89 ? 33   GLN A CA  1 
ATOM   212  C C   . GLN A 1 37  ? -16.025 -1.228  1.510   1.00 33.89 ? 33   GLN A C   1 
ATOM   213  O O   . GLN A 1 37  ? -16.217 -2.221  2.255   1.00 34.86 ? 33   GLN A O   1 
ATOM   214  C CB  . GLN A 1 37  ? -14.154 -1.376  -0.241  1.00 31.63 ? 33   GLN A CB  1 
ATOM   215  C CG  . GLN A 1 37  ? -14.506 -2.879  -0.416  1.00 31.42 ? 33   GLN A CG  1 
ATOM   216  C CD  . GLN A 1 37  ? -14.365 -3.360  -1.866  1.00 33.16 ? 33   GLN A CD  1 
ATOM   217  O OE1 . GLN A 1 37  ? -13.449 -2.980  -2.544  1.00 33.14 ? 33   GLN A OE1 1 
ATOM   218  N NE2 . GLN A 1 37  ? -15.258 -4.216  -2.313  1.00 35.58 ? 33   GLN A NE2 1 
ATOM   219  N N   . TRP A 1 38  ? -17.026 -0.519  0.979   1.00 34.70 ? 34   TRP A N   1 
ATOM   220  C CA  . TRP A 1 38  ? -18.460 -0.821  1.203   1.00 35.22 ? 34   TRP A CA  1 
ATOM   221  C C   . TRP A 1 38  ? -19.020 -1.934  0.300   1.00 37.46 ? 34   TRP A C   1 
ATOM   222  O O   . TRP A 1 38  ? -19.768 -2.804  0.743   1.00 37.25 ? 34   TRP A O   1 
ATOM   223  C CB  . TRP A 1 38  ? -19.322 0.434   1.063   1.00 34.07 ? 34   TRP A CB  1 
ATOM   224  C CG  . TRP A 1 38  ? -18.971 1.542   1.998   1.00 30.00 ? 34   TRP A CG  1 
ATOM   225  C CD1 . TRP A 1 38  ? -18.382 2.713   1.656   1.00 25.96 ? 34   TRP A CD1 1 
ATOM   226  C CD2 . TRP A 1 38  ? -19.198 1.615   3.427   1.00 30.37 ? 34   TRP A CD2 1 
ATOM   227  N NE1 . TRP A 1 38  ? -18.217 3.523   2.756   1.00 28.41 ? 34   TRP A NE1 1 
ATOM   228  C CE2 . TRP A 1 38  ? -18.702 2.878   3.863   1.00 25.79 ? 34   TRP A CE2 1 
ATOM   229  C CE3 . TRP A 1 38  ? -19.767 0.747   4.372   1.00 28.83 ? 34   TRP A CE3 1 
ATOM   230  C CZ2 . TRP A 1 38  ? -18.731 3.294   5.204   1.00 25.61 ? 34   TRP A CZ2 1 
ATOM   231  C CZ3 . TRP A 1 38  ? -19.824 1.170   5.715   1.00 28.54 ? 34   TRP A CZ3 1 
ATOM   232  C CH2 . TRP A 1 38  ? -19.281 2.437   6.119   1.00 29.17 ? 34   TRP A CH2 1 
ATOM   233  N N   . GLU A 1 39  ? -18.649 -1.925  -0.970  1.00 40.73 ? 35   GLU A N   1 
ATOM   234  C CA  . GLU A 1 39  ? -19.178 -2.928  -1.955  1.00 43.90 ? 35   GLU A CA  1 
ATOM   235  C C   . GLU A 1 39  ? -18.651 -4.342  -1.674  1.00 45.27 ? 35   GLU A C   1 
ATOM   236  O O   . GLU A 1 39  ? -17.511 -4.493  -1.204  1.00 45.25 ? 35   GLU A O   1 
ATOM   237  C CB  . GLU A 1 39  ? -18.813 -2.519  -3.399  1.00 43.46 ? 35   GLU A CB  1 
ATOM   238  C CG  . GLU A 1 39  ? -19.252 -1.111  -3.834  1.00 46.76 ? 35   GLU A CG  1 
ATOM   239  C CD  . GLU A 1 39  ? -18.312 0.094   -3.415  1.00 48.44 ? 35   GLU A CD  1 
ATOM   240  O OE1 . GLU A 1 39  ? -17.298 0.010   -2.652  1.00 43.73 ? 35   GLU A OE1 1 
ATOM   241  O OE2 . GLU A 1 39  ? -18.648 1.203   -3.883  1.00 50.62 ? 35   GLU A OE2 1 
ATOM   242  N N   . ARG A 1 40  ? -19.453 -5.370  -1.958  1.00 47.19 ? 36   ARG A N   1 
ATOM   243  C CA  . ARG A 1 40  ? -18.957 -6.733  -1.873  1.00 50.39 ? 36   ARG A CA  1 
ATOM   244  C C   . ARG A 1 40  ? -17.792 -6.923  -2.875  1.00 51.75 ? 36   ARG A C   1 
ATOM   245  O O   . ARG A 1 40  ? -17.866 -6.462  -4.009  1.00 52.46 ? 36   ARG A O   1 
ATOM   246  C CB  . ARG A 1 40  ? -20.084 -7.773  -2.059  1.00 50.08 ? 36   ARG A CB  1 
ATOM   247  C CG  . ARG A 1 40  ? -19.586 -9.198  -2.377  1.00 52.73 ? 36   ARG A CG  1 
ATOM   248  C CD  . ARG A 1 40  ? -20.674 -10.311 -2.232  1.00 55.54 ? 36   ARG A CD  1 
ATOM   249  N NE  . ARG A 1 40  ? -21.139 -10.439 -0.847  1.00 56.44 ? 36   ARG A NE  1 
ATOM   250  C CZ  . ARG A 1 40  ? -21.151 -11.565 -0.137  1.00 57.36 ? 36   ARG A CZ  1 
ATOM   251  N NH1 . ARG A 1 40  ? -20.761 -12.712 -0.678  1.00 57.06 ? 36   ARG A NH1 1 
ATOM   252  N NH2 . ARG A 1 40  ? -21.579 -11.542 1.124   1.00 58.67 ? 36   ARG A NH2 1 
ATOM   253  N N   . PRO A 1 41  ? -16.680 -7.531  -2.438  1.00 53.32 ? 37   PRO A N   1 
ATOM   254  C CA  . PRO A 1 41  ? -15.615 -7.808  -3.411  1.00 54.67 ? 37   PRO A CA  1 
ATOM   255  C C   . PRO A 1 41  ? -16.044 -8.723  -4.582  1.00 56.11 ? 37   PRO A C   1 
ATOM   256  O O   . PRO A 1 41  ? -16.863 -9.650  -4.375  1.00 57.18 ? 37   PRO A O   1 
ATOM   257  C CB  . PRO A 1 41  ? -14.551 -8.518  -2.554  1.00 54.84 ? 37   PRO A CB  1 
ATOM   258  C CG  . PRO A 1 41  ? -15.181 -8.750  -1.235  1.00 53.04 ? 37   PRO A CG  1 
ATOM   259  C CD  . PRO A 1 41  ? -16.207 -7.719  -1.061  1.00 52.58 ? 37   PRO A CD  1 
ATOM   260  N N   . SER A 1 42  ? -15.478 -8.472  -5.771  1.00 57.17 ? 38   SER A N   1 
ATOM   261  C CA  . SER A 1 42  ? -15.767 -9.233  -7.047  1.00 58.62 ? 38   SER A CA  1 
ATOM   262  C C   . SER A 1 42  ? -17.094 -10.030 -7.151  1.00 59.12 ? 38   SER A C   1 
ATOM   263  O O   . SER A 1 42  ? -17.622 -10.232 -8.250  1.00 59.09 ? 38   SER A O   1 
ATOM   264  C CB  . SER A 1 42  ? -14.571 -10.114 -7.498  1.00 58.80 ? 38   SER A CB  1 
ATOM   265  O OG  . SER A 1 42  ? -13.880 -10.674 -6.391  1.00 57.11 ? 38   SER A OG  1 
ATOM   266  N N   . GLU A 1 55  ? -5.274  -16.991 -8.970  1.00 59.04 ? 51   GLU A N   1 
ATOM   267  C CA  . GLU A 1 55  ? -3.921  -16.648 -8.509  1.00 58.49 ? 51   GLU A CA  1 
ATOM   268  C C   . GLU A 1 55  ? -2.945  -16.649 -9.696  1.00 57.88 ? 51   GLU A C   1 
ATOM   269  O O   . GLU A 1 55  ? -2.541  -17.751 -10.154 1.00 58.53 ? 51   GLU A O   1 
ATOM   270  C CB  . GLU A 1 55  ? -3.446  -17.623 -7.421  1.00 58.56 ? 51   GLU A CB  1 
ATOM   271  C CG  . GLU A 1 55  ? -1.913  -17.571 -7.140  1.00 57.83 ? 51   GLU A CG  1 
ATOM   272  C CD  . GLU A 1 55  ? -1.523  -16.673 -5.967  1.00 55.13 ? 51   GLU A CD  1 
ATOM   273  O OE1 . GLU A 1 55  ? -0.357  -16.756 -5.526  1.00 52.80 ? 51   GLU A OE1 1 
ATOM   274  O OE2 . GLU A 1 55  ? -2.377  -15.903 -5.481  1.00 51.06 ? 51   GLU A OE2 1 
ATOM   275  N N   . PRO A 1 56  ? -2.546  -15.424 -10.194 1.00 56.36 ? 52   PRO A N   1 
ATOM   276  C CA  . PRO A 1 56  ? -1.686  -15.336 -11.428 1.00 53.75 ? 52   PRO A CA  1 
ATOM   277  C C   . PRO A 1 56  ? -0.208  -15.665 -11.119 1.00 51.08 ? 52   PRO A C   1 
ATOM   278  O O   . PRO A 1 56  ? 0.216   -15.440 -9.983  1.00 52.03 ? 52   PRO A O   1 
ATOM   279  C CB  . PRO A 1 56  ? -1.851  -13.874 -11.887 1.00 53.82 ? 52   PRO A CB  1 
ATOM   280  C CG  . PRO A 1 56  ? -2.511  -13.108 -10.674 1.00 55.24 ? 52   PRO A CG  1 
ATOM   281  C CD  . PRO A 1 56  ? -2.752  -14.100 -9.551  1.00 56.14 ? 52   PRO A CD  1 
ATOM   282  N N   . ALA A 1 57  ? 0.542   -16.201 -12.085 1.00 46.72 ? 53   ALA A N   1 
ATOM   283  C CA  . ALA A 1 57  ? 1.982   -16.435 -11.924 1.00 43.95 ? 53   ALA A CA  1 
ATOM   284  C C   . ALA A 1 57  ? 2.793   -15.150 -11.657 1.00 42.12 ? 53   ALA A C   1 
ATOM   285  O O   . ALA A 1 57  ? 3.856   -15.181 -10.995 1.00 40.98 ? 53   ALA A O   1 
ATOM   286  C CB  . ALA A 1 57  ? 2.554   -17.166 -13.145 1.00 43.44 ? 53   ALA A CB  1 
ATOM   287  N N   . ARG A 1 58  ? 2.286   -14.023 -12.172 1.00 39.16 ? 54   ARG A N   1 
ATOM   288  C CA  . ARG A 1 58  ? 3.032   -12.774 -12.176 1.00 36.38 ? 54   ARG A CA  1 
ATOM   289  C C   . ARG A 1 58  ? 2.053   -11.637 -11.970 1.00 33.10 ? 54   ARG A C   1 
ATOM   290  O O   . ARG A 1 58  ? 0.957   -11.662 -12.473 1.00 31.16 ? 54   ARG A O   1 
ATOM   291  C CB  . ARG A 1 58  ? 3.749   -12.616 -13.532 1.00 37.75 ? 54   ARG A CB  1 
ATOM   292  C CG  . ARG A 1 58  ? 5.228   -13.095 -13.538 1.00 41.89 ? 54   ARG A CG  1 
ATOM   293  C CD  . ARG A 1 58  ? 5.965   -12.616 -14.822 1.00 47.88 ? 54   ARG A CD  1 
ATOM   294  N NE  . ARG A 1 58  ? 7.200   -11.859 -14.528 1.00 51.13 ? 54   ARG A NE  1 
ATOM   295  C CZ  . ARG A 1 58  ? 8.208   -12.284 -13.749 1.00 55.05 ? 54   ARG A CZ  1 
ATOM   296  N NH1 . ARG A 1 58  ? 8.162   -13.474 -13.154 1.00 57.29 ? 54   ARG A NH1 1 
ATOM   297  N NH2 . ARG A 1 58  ? 9.289   -11.520 -13.550 1.00 54.76 ? 54   ARG A NH2 1 
ATOM   298  N N   . VAL A 1 59  ? 2.425   -10.640 -11.191 1.00 29.98 ? 55   VAL A N   1 
ATOM   299  C CA  . VAL A 1 59  ? 1.602   -9.420  -11.098 1.00 26.84 ? 55   VAL A CA  1 
ATOM   300  C C   . VAL A 1 59  ? 2.543   -8.225  -11.296 1.00 26.66 ? 55   VAL A C   1 
ATOM   301  O O   . VAL A 1 59  ? 3.797   -8.395  -11.146 1.00 24.79 ? 55   VAL A O   1 
ATOM   302  C CB  . VAL A 1 59  ? 0.865   -9.293  -9.722  1.00 27.31 ? 55   VAL A CB  1 
ATOM   303  C CG1 . VAL A 1 59  ? -0.116  -10.467 -9.523  1.00 25.27 ? 55   VAL A CG1 1 
ATOM   304  C CG2 . VAL A 1 59  ? 1.894   -9.181  -8.521  1.00 25.46 ? 55   VAL A CG2 1 
ATOM   305  N N   . ARG A 1 60  ? 1.958   -7.052  -11.625 1.00 23.19 ? 56   ARG A N   1 
ATOM   306  C CA  . ARG A 1 60  ? 2.710   -5.813  -11.670 1.00 23.02 ? 56   ARG A CA  1 
ATOM   307  C C   . ARG A 1 60  ? 2.148   -4.829  -10.658 1.00 23.48 ? 56   ARG A C   1 
ATOM   308  O O   . ARG A 1 60  ? 0.922   -4.583  -10.682 1.00 22.80 ? 56   ARG A O   1 
ATOM   309  C CB  . ARG A 1 60  ? 2.544   -5.151  -13.032 1.00 23.80 ? 56   ARG A CB  1 
ATOM   310  C CG  . ARG A 1 60  ? 3.582   -4.075  -13.329 1.00 22.79 ? 56   ARG A CG  1 
ATOM   311  C CD  . ARG A 1 60  ? 3.250   -3.346  -14.603 1.00 27.57 ? 56   ARG A CD  1 
ATOM   312  N NE  . ARG A 1 60  ? 4.328   -2.440  -14.928 1.00 32.51 ? 56   ARG A NE  1 
ATOM   313  C CZ  . ARG A 1 60  ? 4.429   -1.775  -16.067 1.00 35.76 ? 56   ARG A CZ  1 
ATOM   314  N NH1 . ARG A 1 60  ? 3.466   -1.848  -16.985 1.00 33.50 ? 56   ARG A NH1 1 
ATOM   315  N NH2 . ARG A 1 60  ? 5.477   -1.008  -16.250 1.00 32.06 ? 56   ARG A NH2 1 
ATOM   316  N N   . CYS A 1 61  ? 3.009   -4.213  -9.848  1.00 21.21 ? 57   CYS A N   1 
ATOM   317  C CA  . CYS A 1 61  ? 2.554   -3.281  -8.835  1.00 23.16 ? 57   CYS A CA  1 
ATOM   318  C C   . CYS A 1 61  ? 3.411   -2.026  -8.816  1.00 23.19 ? 57   CYS A C   1 
ATOM   319  O O   . CYS A 1 61  ? 4.608   -2.100  -9.169  1.00 22.33 ? 57   CYS A O   1 
ATOM   320  C CB  . CYS A 1 61  ? 2.619   -3.941  -7.413  1.00 23.19 ? 57   CYS A CB  1 
ATOM   321  S SG  . CYS A 1 61  ? 1.401   -5.233  -7.225  1.00 26.69 ? 57   CYS A SG  1 
ATOM   322  N N   . SER A 1 62  ? 2.801   -0.895  -8.412  1.00 22.14 ? 58   SER A N   1 
ATOM   323  C CA  . SER A 1 62  ? 3.544   0.264   -7.930  1.00 22.26 ? 58   SER A CA  1 
ATOM   324  C C   . SER A 1 62  ? 3.372   0.340   -6.415  1.00 22.38 ? 58   SER A C   1 
ATOM   325  O O   . SER A 1 62  ? 2.586   -0.421  -5.830  1.00 23.12 ? 58   SER A O   1 
ATOM   326  C CB  . SER A 1 62  ? 3.025   1.561   -8.532  1.00 23.75 ? 58   SER A CB  1 
ATOM   327  O OG  . SER A 1 62  ? 3.076   1.493   -9.975  1.00 27.79 ? 58   SER A OG  1 
ATOM   328  N N   . HIS A 1 63  ? 4.071   1.259   -5.769  1.00 21.26 ? 59   HIS A N   1 
ATOM   329  C CA  . HIS A 1 63  ? 3.939   1.421   -4.349  1.00 21.44 ? 59   HIS A CA  1 
ATOM   330  C C   . HIS A 1 63  ? 4.472   2.786   -3.984  1.00 20.57 ? 59   HIS A C   1 
ATOM   331  O O   . HIS A 1 63  ? 5.194   3.459   -4.786  1.00 19.96 ? 59   HIS A O   1 
ATOM   332  C CB  . HIS A 1 63  ? 4.626   0.300   -3.518  1.00 22.27 ? 59   HIS A CB  1 
ATOM   333  C CG  . HIS A 1 63  ? 6.117   0.451   -3.338  1.00 24.01 ? 59   HIS A CG  1 
ATOM   334  N ND1 . HIS A 1 63  ? 6.759   0.021   -2.200  1.00 26.60 ? 59   HIS A ND1 1 
ATOM   335  C CD2 . HIS A 1 63  ? 7.093   0.849   -4.187  1.00 25.87 ? 59   HIS A CD2 1 
ATOM   336  C CE1 . HIS A 1 63  ? 8.065   0.221   -2.316  1.00 28.10 ? 59   HIS A CE1 1 
ATOM   337  N NE2 . HIS A 1 63  ? 8.300   0.709   -3.523  1.00 31.19 ? 59   HIS A NE2 1 
ATOM   338  N N   . LEU A 1 64  ? 4.059   3.175   -2.796  1.00 20.81 ? 60   LEU A N   1 
ATOM   339  C CA  . LEU A 1 64  ? 4.408   4.426   -2.121  1.00 21.01 ? 60   LEU A CA  1 
ATOM   340  C C   . LEU A 1 64  ? 4.886   3.911   -0.766  1.00 21.57 ? 60   LEU A C   1 
ATOM   341  O O   . LEU A 1 64  ? 4.128   3.266   -0.043  1.00 23.08 ? 60   LEU A O   1 
ATOM   342  C CB  . LEU A 1 64  ? 3.159   5.339   -2.014  1.00 19.02 ? 60   LEU A CB  1 
ATOM   343  C CG  . LEU A 1 64  ? 3.492   6.793   -1.568  1.00 21.97 ? 60   LEU A CG  1 
ATOM   344  C CD1 . LEU A 1 64  ? 2.419   7.829   -1.874  1.00 21.15 ? 60   LEU A CD1 1 
ATOM   345  C CD2 . LEU A 1 64  ? 3.829   6.864   -0.078  1.00 21.07 ? 60   LEU A CD2 1 
ATOM   346  N N   . LEU A 1 65  ? 6.164   4.102   -0.457  1.00 21.50 ? 61   LEU A N   1 
ATOM   347  C CA  . LEU A 1 65  ? 6.733   3.676   0.807   1.00 20.93 ? 61   LEU A CA  1 
ATOM   348  C C   . LEU A 1 65  ? 6.843   4.906   1.711   1.00 21.49 ? 61   LEU A C   1 
ATOM   349  O O   . LEU A 1 65  ? 7.293   5.953   1.254   1.00 21.03 ? 61   LEU A O   1 
ATOM   350  C CB  . LEU A 1 65  ? 8.176   3.093   0.563   1.00 20.17 ? 61   LEU A CB  1 
ATOM   351  C CG  . LEU A 1 65  ? 9.040   2.660   1.728   1.00 23.09 ? 61   LEU A CG  1 
ATOM   352  C CD1 . LEU A 1 65  ? 8.438   1.581   2.633   1.00 22.79 ? 61   LEU A CD1 1 
ATOM   353  C CD2 . LEU A 1 65  ? 10.383  2.108   1.198   1.00 26.58 ? 61   LEU A CD2 1 
ATOM   354  N N   . VAL A 1 66  ? 6.443   4.801   2.984   1.00 22.16 ? 62   VAL A N   1 
ATOM   355  C CA  . VAL A 1 66  ? 6.830   5.827   3.961   1.00 23.79 ? 62   VAL A CA  1 
ATOM   356  C C   . VAL A 1 66  ? 7.699   5.166   5.014   1.00 25.10 ? 62   VAL A C   1 
ATOM   357  O O   . VAL A 1 66  ? 7.245   4.185   5.659   1.00 25.44 ? 62   VAL A O   1 
ATOM   358  C CB  . VAL A 1 66  ? 5.647   6.518   4.608   1.00 23.33 ? 62   VAL A CB  1 
ATOM   359  C CG1 . VAL A 1 66  ? 6.140   7.568   5.671   1.00 20.82 ? 62   VAL A CG1 1 
ATOM   360  C CG2 . VAL A 1 66  ? 4.839   7.225   3.544   1.00 22.65 ? 62   VAL A CG2 1 
ATOM   361  N N   . LYS A 1 67  ? 8.958   5.598   5.124   1.00 24.89 ? 63   LYS A N   1 
ATOM   362  C CA  . LYS A 1 67  ? 9.860   4.978   6.122   1.00 27.32 ? 63   LYS A CA  1 
ATOM   363  C C   . LYS A 1 67  ? 9.708   5.619   7.501   1.00 28.46 ? 63   LYS A C   1 
ATOM   364  O O   . LYS A 1 67  ? 9.150   6.736   7.625   1.00 28.51 ? 63   LYS A O   1 
ATOM   365  C CB  . LYS A 1 67  ? 11.337  5.090   5.677   1.00 27.27 ? 63   LYS A CB  1 
ATOM   366  C CG  . LYS A 1 67  ? 11.696  4.248   4.471   1.00 27.58 ? 63   LYS A CG  1 
ATOM   367  C CD  . LYS A 1 67  ? 13.208  4.264   4.196   1.00 29.41 ? 63   LYS A CD  1 
ATOM   368  C CE  . LYS A 1 67  ? 13.521  3.270   3.098   1.00 28.33 ? 63   LYS A CE  1 
ATOM   369  N NZ  . LYS A 1 67  ? 14.916  3.141   2.878   1.00 29.71 ? 63   LYS A NZ  1 
ATOM   370  N N   . HIS A 1 68  ? 10.254  4.965   8.534   1.00 29.12 ? 64   HIS A N   1 
ATOM   371  C CA  . HIS A 1 68  ? 10.311  5.603   9.866   1.00 30.20 ? 64   HIS A CA  1 
ATOM   372  C C   . HIS A 1 68  ? 11.619  5.205   10.526  1.00 32.87 ? 64   HIS A C   1 
ATOM   373  O O   . HIS A 1 68  ? 12.385  4.347   9.988   1.00 32.90 ? 64   HIS A O   1 
ATOM   374  C CB  . HIS A 1 68  ? 9.141   5.125   10.734  1.00 29.68 ? 64   HIS A CB  1 
ATOM   375  C CG  . HIS A 1 68  ? 8.920   3.657   10.631  1.00 27.53 ? 64   HIS A CG  1 
ATOM   376  N ND1 . HIS A 1 68  ? 9.732   2.741   11.257  1.00 28.50 ? 64   HIS A ND1 1 
ATOM   377  C CD2 . HIS A 1 68  ? 7.997   2.935   9.950   1.00 27.99 ? 64   HIS A CD2 1 
ATOM   378  C CE1 . HIS A 1 68  ? 9.332   1.515   10.955  1.00 27.63 ? 64   HIS A CE1 1 
ATOM   379  N NE2 . HIS A 1 68  ? 8.259   1.606   10.188  1.00 27.94 ? 64   HIS A NE2 1 
ATOM   380  N N   . SER A 1 69  ? 11.857  5.769   11.712  1.00 34.56 ? 65   SER A N   1 
ATOM   381  C CA  . SER A 1 69  ? 13.098  5.524   12.423  1.00 35.83 ? 65   SER A CA  1 
ATOM   382  C C   . SER A 1 69  ? 13.377  4.066   12.772  1.00 36.59 ? 65   SER A C   1 
ATOM   383  O O   . SER A 1 69  ? 14.527  3.743   13.030  1.00 36.53 ? 65   SER A O   1 
ATOM   384  C CB  . SER A 1 69  ? 13.278  6.462   13.617  1.00 35.56 ? 65   SER A CB  1 
ATOM   385  O OG  . SER A 1 69  ? 12.318  6.166   14.588  1.00 36.88 ? 65   SER A OG  1 
ATOM   386  N N   . GLN A 1 70  ? 12.379  3.174   12.714  1.00 37.58 ? 66   GLN A N   1 
ATOM   387  C CA  . GLN A 1 70  ? 12.654  1.721   12.960  1.00 37.80 ? 66   GLN A CA  1 
ATOM   388  C C   . GLN A 1 70  ? 12.714  0.942   11.654  1.00 37.79 ? 66   GLN A C   1 
ATOM   389  O O   . GLN A 1 70  ? 12.709  -0.322  11.639  1.00 38.15 ? 66   GLN A O   1 
ATOM   390  C CB  . GLN A 1 70  ? 11.656  1.028   13.922  1.00 38.95 ? 66   GLN A CB  1 
ATOM   391  C CG  . GLN A 1 70  ? 11.478  1.570   15.390  1.00 41.78 ? 66   GLN A CG  1 
ATOM   392  C CD  . GLN A 1 70  ? 10.378  0.747   16.173  1.00 47.94 ? 66   GLN A CD  1 
ATOM   393  O OE1 . GLN A 1 70  ? 10.590  -0.453  16.540  1.00 48.17 ? 66   GLN A OE1 1 
ATOM   394  N NE2 . GLN A 1 70  ? 9.207   1.374   16.399  1.00 43.25 ? 66   GLN A NE2 1 
ATOM   395  N N   . SER A 1 71  ? 12.775  1.688   10.549  1.00 37.00 ? 67   SER A N   1 
ATOM   396  C CA  . SER A 1 71  ? 12.998  1.109   9.241   1.00 36.57 ? 67   SER A CA  1 
ATOM   397  C C   . SER A 1 71  ? 14.394  0.479   9.177   1.00 36.36 ? 67   SER A C   1 
ATOM   398  O O   . SER A 1 71  ? 15.356  1.027   9.707   1.00 35.85 ? 67   SER A O   1 
ATOM   399  C CB  . SER A 1 71  ? 12.757  2.152   8.120   1.00 36.92 ? 67   SER A CB  1 
ATOM   400  O OG  . SER A 1 71  ? 11.363  2.417   7.887   1.00 36.49 ? 67   SER A OG  1 
ATOM   401  N N   . ARG A 1 72  ? 14.462  -0.699  8.563   1.00 36.62 ? 68   ARG A N   1 
ATOM   402  C CA  . ARG A 1 72  ? 15.687  -1.410  8.187   1.00 38.08 ? 68   ARG A CA  1 
ATOM   403  C C   . ARG A 1 72  ? 16.779  -0.417  7.778   1.00 38.16 ? 68   ARG A C   1 
ATOM   404  O O   . ARG A 1 72  ? 17.867  -0.370  8.384   1.00 37.94 ? 68   ARG A O   1 
ATOM   405  C CB  . ARG A 1 72  ? 15.385  -2.384  7.050   1.00 38.73 ? 68   ARG A CB  1 
ATOM   406  C CG  . ARG A 1 72  ? 16.494  -3.335  6.740   1.00 44.48 ? 68   ARG A CG  1 
ATOM   407  C CD  . ARG A 1 72  ? 16.054  -4.436  5.754   1.00 53.49 ? 68   ARG A CD  1 
ATOM   408  N NE  . ARG A 1 72  ? 15.605  -3.901  4.452   1.00 62.96 ? 68   ARG A NE  1 
ATOM   409  C CZ  . ARG A 1 72  ? 16.385  -3.330  3.502   1.00 66.48 ? 68   ARG A CZ  1 
ATOM   410  N NH1 . ARG A 1 72  ? 17.714  -3.169  3.661   1.00 64.93 ? 68   ARG A NH1 1 
ATOM   411  N NH2 . ARG A 1 72  ? 15.822  -2.895  2.368   1.00 66.69 ? 68   ARG A NH2 1 
ATOM   412  N N   . ARG A 1 73  ? 16.459  0.416   6.790   1.00 37.59 ? 69   ARG A N   1 
ATOM   413  C CA  . ARG A 1 73  ? 17.311  1.500   6.419   1.00 37.86 ? 69   ARG A CA  1 
ATOM   414  C C   . ARG A 1 73  ? 16.597  2.884   6.603   1.00 37.16 ? 69   ARG A C   1 
ATOM   415  O O   . ARG A 1 73  ? 15.836  3.301   5.729   1.00 37.07 ? 69   ARG A O   1 
ATOM   416  C CB  . ARG A 1 73  ? 17.780  1.288   4.978   1.00 38.08 ? 69   ARG A CB  1 
ATOM   417  C CG  . ARG A 1 73  ? 19.100  2.026   4.683   1.00 43.95 ? 69   ARG A CG  1 
ATOM   418  C CD  . ARG A 1 73  ? 19.677  1.719   3.264   1.00 52.96 ? 69   ARG A CD  1 
ATOM   419  N NE  . ARG A 1 73  ? 18.930  2.333   2.154   1.00 58.77 ? 69   ARG A NE  1 
ATOM   420  C CZ  . ARG A 1 73  ? 19.152  3.568   1.675   1.00 63.60 ? 69   ARG A CZ  1 
ATOM   421  N NH1 . ARG A 1 73  ? 20.105  4.354   2.208   1.00 65.99 ? 69   ARG A NH1 1 
ATOM   422  N NH2 . ARG A 1 73  ? 18.424  4.025   0.654   1.00 62.42 ? 69   ARG A NH2 1 
ATOM   423  N N   . PRO A 1 74  ? 16.867  3.595   7.727   1.00 35.74 ? 70   PRO A N   1 
ATOM   424  C CA  . PRO A 1 74  ? 16.296  4.927   8.096   1.00 35.36 ? 70   PRO A CA  1 
ATOM   425  C C   . PRO A 1 74  ? 16.797  6.147   7.247   1.00 35.36 ? 70   PRO A C   1 
ATOM   426  O O   . PRO A 1 74  ? 17.052  7.266   7.787   1.00 34.75 ? 70   PRO A O   1 
ATOM   427  C CB  . PRO A 1 74  ? 16.691  5.112   9.593   1.00 34.44 ? 70   PRO A CB  1 
ATOM   428  C CG  . PRO A 1 74  ? 17.670  4.079   9.904   1.00 34.13 ? 70   PRO A CG  1 
ATOM   429  C CD  . PRO A 1 74  ? 17.853  3.115   8.716   1.00 35.67 ? 70   PRO A CD  1 
ATOM   430  N N   . SER A 1 75  ? 16.844  5.932   5.939   1.00 34.68 ? 71   SER A N   1 
ATOM   431  C CA  . SER A 1 75  ? 17.437  6.845   4.973   1.00 34.51 ? 71   SER A CA  1 
ATOM   432  C C   . SER A 1 75  ? 16.742  6.657   3.626   1.00 33.71 ? 71   SER A C   1 
ATOM   433  O O   . SER A 1 75  ? 16.454  5.505   3.238   1.00 33.42 ? 71   SER A O   1 
ATOM   434  C CB  . SER A 1 75  ? 18.894  6.402   4.756   1.00 34.80 ? 71   SER A CB  1 
ATOM   435  O OG  . SER A 1 75  ? 19.669  7.499   4.274   1.00 39.28 ? 71   SER A OG  1 
ATOM   436  N N   . SER A 1 76  ? 16.521  7.738   2.884   1.00 32.14 ? 72   SER A N   1 
ATOM   437  C CA  . SER A 1 76  ? 16.057  7.622   1.503   1.00 31.85 ? 72   SER A CA  1 
ATOM   438  C C   . SER A 1 76  ? 16.505  8.783   0.592   1.00 32.06 ? 72   SER A C   1 
ATOM   439  O O   . SER A 1 76  ? 16.976  9.832   1.094   1.00 32.79 ? 72   SER A O   1 
ATOM   440  C CB  . SER A 1 76  ? 14.532  7.670   1.517   1.00 32.41 ? 72   SER A CB  1 
ATOM   441  O OG  . SER A 1 76  ? 14.149  9.046   1.728   1.00 29.84 ? 72   SER A OG  1 
ATOM   442  N N   . TRP A 1 77  ? 16.240  8.673   -0.721  1.00 30.66 ? 73   TRP A N   1 
ATOM   443  C CA  . TRP A 1 77  ? 16.459  9.806   -1.628  1.00 29.93 ? 73   TRP A CA  1 
ATOM   444  C C   . TRP A 1 77  ? 15.840  11.126  -1.119  1.00 30.28 ? 73   TRP A C   1 
ATOM   445  O O   . TRP A 1 77  ? 16.323  12.186  -1.471  1.00 29.63 ? 73   TRP A O   1 
ATOM   446  C CB  . TRP A 1 77  ? 16.025  9.523   -3.072  1.00 29.73 ? 73   TRP A CB  1 
ATOM   447  C CG  . TRP A 1 77  ? 14.533  9.501   -3.265  1.00 28.72 ? 73   TRP A CG  1 
ATOM   448  C CD1 . TRP A 1 77  ? 13.713  8.393   -3.252  1.00 25.33 ? 73   TRP A CD1 1 
ATOM   449  C CD2 . TRP A 1 77  ? 13.654  10.655  -3.508  1.00 28.84 ? 73   TRP A CD2 1 
ATOM   450  N NE1 . TRP A 1 77  ? 12.393  8.803   -3.426  1.00 26.56 ? 73   TRP A NE1 1 
ATOM   451  C CE2 . TRP A 1 77  ? 12.332  10.159  -3.624  1.00 23.29 ? 73   TRP A CE2 1 
ATOM   452  C CE3 . TRP A 1 77  ? 13.873  12.042  -3.684  1.00 25.72 ? 73   TRP A CE3 1 
ATOM   453  C CZ2 . TRP A 1 77  ? 11.226  11.000  -3.869  1.00 25.99 ? 73   TRP A CZ2 1 
ATOM   454  C CZ3 . TRP A 1 77  ? 12.737  12.901  -3.912  1.00 23.84 ? 73   TRP A CZ3 1 
ATOM   455  C CH2 . TRP A 1 77  ? 11.455  12.371  -4.000  1.00 26.26 ? 73   TRP A CH2 1 
ATOM   456  N N   . ARG A 1 78  ? 14.789  11.076  -0.302  1.00 30.52 ? 74   ARG A N   1 
ATOM   457  C CA  . ARG A 1 78  ? 14.123  12.330  0.132   1.00 30.57 ? 74   ARG A CA  1 
ATOM   458  C C   . ARG A 1 78  ? 14.838  12.946  1.291   1.00 31.04 ? 74   ARG A C   1 
ATOM   459  O O   . ARG A 1 78  ? 14.786  14.161  1.471   1.00 30.21 ? 74   ARG A O   1 
ATOM   460  C CB  . ARG A 1 78  ? 12.672  12.098  0.610   1.00 29.14 ? 74   ARG A CB  1 
ATOM   461  C CG  . ARG A 1 78  ? 11.710  11.468  -0.459  1.00 30.16 ? 74   ARG A CG  1 
ATOM   462  C CD  . ARG A 1 78  ? 10.231  11.610  -0.095  1.00 27.94 ? 74   ARG A CD  1 
ATOM   463  N NE  . ARG A 1 78  ? 9.875   13.004  0.169   1.00 32.34 ? 74   ARG A NE  1 
ATOM   464  C CZ  . ARG A 1 78  ? 9.254   13.455  1.249   1.00 34.12 ? 74   ARG A CZ  1 
ATOM   465  N NH1 . ARG A 1 78  ? 8.831   12.613  2.207   1.00 39.70 ? 74   ARG A NH1 1 
ATOM   466  N NH2 . ARG A 1 78  ? 8.972   14.754  1.329   1.00 33.68 ? 74   ARG A NH2 1 
ATOM   467  N N   . GLN A 1 79  ? 15.448  12.104  2.115   1.00 31.95 ? 75   GLN A N   1 
ATOM   468  C CA  . GLN A 1 79  ? 15.906  12.581  3.433   1.00 34.15 ? 75   GLN A CA  1 
ATOM   469  C C   . GLN A 1 79  ? 17.022  11.665  3.913   1.00 34.04 ? 75   GLN A C   1 
ATOM   470  O O   . GLN A 1 79  ? 16.825  10.473  3.987   1.00 34.12 ? 75   GLN A O   1 
ATOM   471  C CB  . GLN A 1 79  ? 14.663  12.575  4.319   1.00 34.81 ? 75   GLN A CB  1 
ATOM   472  C CG  . GLN A 1 79  ? 14.831  12.573  5.759   1.00 38.39 ? 75   GLN A CG  1 
ATOM   473  C CD  . GLN A 1 79  ? 13.562  13.062  6.441   1.00 43.26 ? 75   GLN A CD  1 
ATOM   474  O OE1 . GLN A 1 79  ? 12.545  12.352  6.522   1.00 46.80 ? 75   GLN A OE1 1 
ATOM   475  N NE2 . GLN A 1 79  ? 13.608  14.287  6.918   1.00 43.50 ? 75   GLN A NE2 1 
ATOM   476  N N   . GLU A 1 80  ? 18.218  12.211  4.139   1.00 35.37 ? 76   GLU A N   1 
ATOM   477  C CA  . GLU A 1 80  ? 19.387  11.432  4.603   1.00 36.33 ? 76   GLU A CA  1 
ATOM   478  C C   . GLU A 1 80  ? 19.109  10.705  5.959   1.00 35.95 ? 76   GLU A C   1 
ATOM   479  O O   . GLU A 1 80  ? 19.364  9.502   6.107   1.00 34.73 ? 76   GLU A O   1 
ATOM   480  C CB  . GLU A 1 80  ? 20.637  12.351  4.682   1.00 37.45 ? 76   GLU A CB  1 
ATOM   481  C CG  . GLU A 1 80  ? 21.987  11.572  4.765   1.00 39.35 ? 76   GLU A CG  1 
ATOM   482  C CD  . GLU A 1 80  ? 23.205  12.437  4.406   1.00 38.63 ? 76   GLU A CD  1 
ATOM   483  O OE1 . GLU A 1 80  ? 24.244  11.864  4.015   1.00 39.17 ? 76   GLU A OE1 1 
ATOM   484  O OE2 . GLU A 1 80  ? 23.107  13.680  4.508   1.00 37.42 ? 76   GLU A OE2 1 
ATOM   485  N N   . LYS A 1 81  ? 18.521  11.425  6.913   1.00 35.81 ? 77   LYS A N   1 
ATOM   486  C CA  . LYS A 1 81  ? 18.150  10.812  8.187   1.00 36.32 ? 77   LYS A CA  1 
ATOM   487  C C   . LYS A 1 81  ? 16.629  10.837  8.331   1.00 35.11 ? 77   LYS A C   1 
ATOM   488  O O   . LYS A 1 81  ? 16.062  11.915  8.474   1.00 35.06 ? 77   LYS A O   1 
ATOM   489  C CB  . LYS A 1 81  ? 18.805  11.539  9.396   1.00 36.15 ? 77   LYS A CB  1 
ATOM   490  C CG  . LYS A 1 81  ? 18.930  10.576  10.600  1.00 38.56 ? 77   LYS A CG  1 
ATOM   491  C CD  . LYS A 1 81  ? 19.190  11.248  11.982  1.00 41.10 ? 77   LYS A CD  1 
ATOM   492  C CE  . LYS A 1 81  ? 19.128  10.142  13.088  1.00 41.90 ? 77   LYS A CE  1 
ATOM   493  N NZ  . LYS A 1 81  ? 19.323  8.730   12.458  1.00 38.82 ? 77   LYS A NZ  1 
ATOM   494  N N   . ILE A 1 82  ? 15.997  9.666   8.322   1.00 33.97 ? 78   ILE A N   1 
ATOM   495  C CA  . ILE A 1 82  ? 14.552  9.593   8.527   1.00 33.46 ? 78   ILE A CA  1 
ATOM   496  C C   . ILE A 1 82  ? 14.313  9.465   10.018  1.00 33.88 ? 78   ILE A C   1 
ATOM   497  O O   . ILE A 1 82  ? 14.796  8.521   10.612  1.00 32.89 ? 78   ILE A O   1 
ATOM   498  C CB  . ILE A 1 82  ? 13.883  8.458   7.739   1.00 32.62 ? 78   ILE A CB  1 
ATOM   499  C CG1 . ILE A 1 82  ? 13.756  8.890   6.276   1.00 33.48 ? 78   ILE A CG1 1 
ATOM   500  C CG2 . ILE A 1 82  ? 12.470  8.215   8.270   1.00 31.75 ? 78   ILE A CG2 1 
ATOM   501  C CD1 . ILE A 1 82  ? 13.827  7.826   5.337   1.00 32.38 ? 78   ILE A CD1 1 
ATOM   502  N N   . THR A 1 83  ? 13.558  10.413  10.599  1.00 34.93 ? 79   THR A N   1 
ATOM   503  C CA  . THR A 1 83  ? 13.408  10.504  12.049  1.00 36.92 ? 79   THR A CA  1 
ATOM   504  C C   . THR A 1 83  ? 11.961  10.412  12.579  1.00 37.30 ? 79   THR A C   1 
ATOM   505  O O   . THR A 1 83  ? 11.736  10.214  13.795  1.00 38.43 ? 79   THR A O   1 
ATOM   506  C CB  . THR A 1 83  ? 13.989  11.805  12.522  1.00 37.77 ? 79   THR A CB  1 
ATOM   507  O OG1 . THR A 1 83  ? 13.263  12.864  11.894  1.00 39.73 ? 79   THR A OG1 1 
ATOM   508  C CG2 . THR A 1 83  ? 15.495  11.914  12.188  1.00 39.19 ? 79   THR A CG2 1 
ATOM   509  N N   . ARG A 1 84  ? 10.987  10.586  11.680  1.00 36.70 ? 80   ARG A N   1 
ATOM   510  C CA  . ARG A 1 84  ? 9.585   10.284  11.950  1.00 34.65 ? 80   ARG A CA  1 
ATOM   511  C C   . ARG A 1 84  ? 9.358   8.909   12.603  1.00 34.64 ? 80   ARG A C   1 
ATOM   512  O O   . ARG A 1 84  ? 10.075  7.932   12.347  1.00 34.87 ? 80   ARG A O   1 
ATOM   513  C CB  . ARG A 1 84  ? 8.773   10.423  10.671  1.00 33.64 ? 80   ARG A CB  1 
ATOM   514  C CG  . ARG A 1 84  ? 8.807   9.215   9.770   1.00 32.16 ? 80   ARG A CG  1 
ATOM   515  C CD  . ARG A 1 84  ? 7.771   9.316   8.665   1.00 24.82 ? 80   ARG A CD  1 
ATOM   516  N NE  . ARG A 1 84  ? 8.019   10.432  7.730   1.00 28.34 ? 80   ARG A NE  1 
ATOM   517  C CZ  . ARG A 1 84  ? 8.709   10.336  6.591   1.00 28.59 ? 80   ARG A CZ  1 
ATOM   518  N NH1 . ARG A 1 84  ? 9.247   9.155   6.223   1.00 32.56 ? 80   ARG A NH1 1 
ATOM   519  N NH2 . ARG A 1 84  ? 8.846   11.395  5.797   1.00 23.57 ? 80   ARG A NH2 1 
ATOM   520  N N   . THR A 1 85  ? 8.359   8.864   13.473  1.00 34.81 ? 81   THR A N   1 
ATOM   521  C CA  . THR A 1 85  ? 8.044   7.685   14.257  1.00 34.88 ? 81   THR A CA  1 
ATOM   522  C C   . THR A 1 85  ? 7.211   6.702   13.404  1.00 34.90 ? 81   THR A C   1 
ATOM   523  O O   . THR A 1 85  ? 6.559   7.110   12.447  1.00 34.23 ? 81   THR A O   1 
ATOM   524  C CB  . THR A 1 85  ? 7.268   8.095   15.563  1.00 35.02 ? 81   THR A CB  1 
ATOM   525  O OG1 . THR A 1 85  ? 5.935   8.513   15.230  1.00 37.65 ? 81   THR A OG1 1 
ATOM   526  C CG2 . THR A 1 85  ? 7.972   9.305   16.353  1.00 32.39 ? 81   THR A CG2 1 
ATOM   527  N N   . LYS A 1 86  ? 7.203   5.428   13.734  1.00 35.05 ? 82   LYS A N   1 
ATOM   528  C CA  . LYS A 1 86  ? 6.222   4.536   13.108  1.00 36.75 ? 82   LYS A CA  1 
ATOM   529  C C   . LYS A 1 86  ? 4.785   5.104   13.112  1.00 37.27 ? 82   LYS A C   1 
ATOM   530  O O   . LYS A 1 86  ? 4.098   5.007   12.102  1.00 38.44 ? 82   LYS A O   1 
ATOM   531  C CB  . LYS A 1 86  ? 6.275   3.098   13.664  1.00 37.04 ? 82   LYS A CB  1 
ATOM   532  C CG  . LYS A 1 86  ? 5.407   2.091   12.816  1.00 40.16 ? 82   LYS A CG  1 
ATOM   533  C CD  . LYS A 1 86  ? 5.464   0.589   13.284  1.00 43.03 ? 82   LYS A CD  1 
ATOM   534  C CE  . LYS A 1 86  ? 6.844   0.216   13.914  1.00 46.74 ? 82   LYS A CE  1 
ATOM   535  N NZ  . LYS A 1 86  ? 6.979   -1.244  14.271  1.00 45.08 ? 82   LYS A NZ  1 
ATOM   536  N N   . GLU A 1 87  ? 4.354   5.742   14.202  1.00 36.84 ? 83   GLU A N   1 
ATOM   537  C CA  . GLU A 1 87  ? 2.968   6.238   14.302  1.00 37.13 ? 83   GLU A CA  1 
ATOM   538  C C   . GLU A 1 87  ? 2.736   7.404   13.325  1.00 35.33 ? 83   GLU A C   1 
ATOM   539  O O   . GLU A 1 87  ? 1.682   7.480   12.693  1.00 36.10 ? 83   GLU A O   1 
ATOM   540  C CB  . GLU A 1 87  ? 2.596   6.640   15.762  1.00 37.95 ? 83   GLU A CB  1 
ATOM   541  C CG  . GLU A 1 87  ? 1.339   7.558   15.944  1.00 43.93 ? 83   GLU A CG  1 
ATOM   542  C CD  . GLU A 1 87  ? 1.223   8.175   17.370  1.00 53.27 ? 83   GLU A CD  1 
ATOM   543  O OE1 . GLU A 1 87  ? 1.103   7.406   18.358  1.00 53.84 ? 83   GLU A OE1 1 
ATOM   544  O OE2 . GLU A 1 87  ? 1.258   9.436   17.508  1.00 56.17 ? 83   GLU A OE2 1 
ATOM   545  N N   . GLU A 1 88  ? 3.695   8.325   13.253  1.00 33.58 ? 84   GLU A N   1 
ATOM   546  C CA  . GLU A 1 88  ? 3.704   9.440   12.281  1.00 31.41 ? 84   GLU A CA  1 
ATOM   547  C C   . GLU A 1 88  ? 3.740   8.950   10.826  1.00 30.20 ? 84   GLU A C   1 
ATOM   548  O O   . GLU A 1 88  ? 3.029   9.475   9.993   1.00 28.88 ? 84   GLU A O   1 
ATOM   549  C CB  . GLU A 1 88  ? 4.884   10.352  12.534  1.00 31.67 ? 84   GLU A CB  1 
ATOM   550  C CG  . GLU A 1 88  ? 4.739   11.212  13.752  1.00 34.52 ? 84   GLU A CG  1 
ATOM   551  C CD  . GLU A 1 88  ? 6.015   11.967  14.132  1.00 38.64 ? 84   GLU A CD  1 
ATOM   552  O OE1 . GLU A 1 88  ? 5.872   12.922  14.926  1.00 43.67 ? 84   GLU A OE1 1 
ATOM   553  O OE2 . GLU A 1 88  ? 7.132   11.618  13.676  1.00 39.50 ? 84   GLU A OE2 1 
ATOM   554  N N   . ALA A 1 89  ? 4.559   7.953   10.532  1.00 28.24 ? 85   ALA A N   1 
ATOM   555  C CA  . ALA A 1 89  ? 4.508   7.284   9.236   1.00 28.15 ? 85   ALA A CA  1 
ATOM   556  C C   . ALA A 1 89  ? 3.073   6.769   8.867   1.00 27.46 ? 85   ALA A C   1 
ATOM   557  O O   . ALA A 1 89  ? 2.583   6.981   7.719   1.00 24.73 ? 85   ALA A O   1 
ATOM   558  C CB  . ALA A 1 89  ? 5.550   6.150   9.180   1.00 27.82 ? 85   ALA A CB  1 
ATOM   559  N N   . LEU A 1 90  ? 2.419   6.091   9.824   1.00 27.05 ? 86   LEU A N   1 
ATOM   560  C CA  . LEU A 1 90  ? 1.098   5.524   9.559   1.00 27.61 ? 86   LEU A CA  1 
ATOM   561  C C   . LEU A 1 90  ? 0.134   6.660   9.243   1.00 28.58 ? 86   LEU A C   1 
ATOM   562  O O   . LEU A 1 90  ? -0.661  6.553   8.291   1.00 29.06 ? 86   LEU A O   1 
ATOM   563  C CB  . LEU A 1 90  ? 0.579   4.690   10.706  1.00 26.48 ? 86   LEU A CB  1 
ATOM   564  C CG  . LEU A 1 90  ? -0.860  4.149   10.614  1.00 26.65 ? 86   LEU A CG  1 
ATOM   565  C CD1 . LEU A 1 90  ? -1.059  3.386   9.285   1.00 24.56 ? 86   LEU A CD1 1 
ATOM   566  C CD2 . LEU A 1 90  ? -1.126  3.215   11.817  1.00 26.09 ? 86   LEU A CD2 1 
ATOM   567  N N   . GLU A 1 91  ? 0.222   7.739   10.026  1.00 29.32 ? 87   GLU A N   1 
ATOM   568  C CA  . GLU A 1 91  ? -0.513  8.969   9.735   1.00 30.41 ? 87   GLU A CA  1 
ATOM   569  C C   . GLU A 1 91  ? -0.347  9.479   8.292   1.00 29.43 ? 87   GLU A C   1 
ATOM   570  O O   . GLU A 1 91  ? -1.368  9.675   7.583   1.00 28.37 ? 87   GLU A O   1 
ATOM   571  C CB  . GLU A 1 91  ? -0.218  10.089  10.771  1.00 31.29 ? 87   GLU A CB  1 
ATOM   572  C CG  . GLU A 1 91  ? -0.887  9.784   12.115  1.00 38.60 ? 87   GLU A CG  1 
ATOM   573  C CD  . GLU A 1 91  ? -0.309  10.583  13.347  1.00 49.70 ? 87   GLU A CD  1 
ATOM   574  O OE1 . GLU A 1 91  ? 0.546   11.506  13.175  1.00 53.86 ? 87   GLU A OE1 1 
ATOM   575  O OE2 . GLU A 1 91  ? -0.734  10.273  14.503  1.00 52.73 ? 87   GLU A OE2 1 
ATOM   576  N N   . LEU A 1 92  ? 0.914   9.689   7.850   1.00 27.64 ? 88   LEU A N   1 
ATOM   577  C CA  . LEU A 1 92  ? 1.174   10.130  6.465   1.00 26.65 ? 88   LEU A CA  1 
ATOM   578  C C   . LEU A 1 92  ? 0.528   9.169   5.483   1.00 25.30 ? 88   LEU A C   1 
ATOM   579  O O   . LEU A 1 92  ? -0.234  9.585   4.612   1.00 25.15 ? 88   LEU A O   1 
ATOM   580  C CB  . LEU A 1 92  ? 2.656   10.284  6.164   1.00 25.84 ? 88   LEU A CB  1 
ATOM   581  C CG  . LEU A 1 92  ? 3.215   11.529  6.923   1.00 28.09 ? 88   LEU A CG  1 
ATOM   582  C CD1 . LEU A 1 92  ? 4.748   11.491  7.112   1.00 24.06 ? 88   LEU A CD1 1 
ATOM   583  C CD2 . LEU A 1 92  ? 2.783   12.902  6.306   1.00 22.83 ? 88   LEU A CD2 1 
ATOM   584  N N   . ILE A 1 93  ? 0.784   7.887   5.664   1.00 24.36 ? 89   ILE A N   1 
ATOM   585  C CA  . ILE A 1 93  ? 0.161   6.880   4.832   1.00 24.04 ? 89   ILE A CA  1 
ATOM   586  C C   . ILE A 1 93  ? -1.378  7.037   4.760   1.00 25.53 ? 89   ILE A C   1 
ATOM   587  O O   . ILE A 1 93  ? -1.955  6.951   3.660   1.00 27.03 ? 89   ILE A O   1 
ATOM   588  C CB  . ILE A 1 93  ? 0.598   5.487   5.304   1.00 23.99 ? 89   ILE A CB  1 
ATOM   589  C CG1 . ILE A 1 93  ? 2.048   5.247   4.873   1.00 17.12 ? 89   ILE A CG1 1 
ATOM   590  C CG2 . ILE A 1 93  ? -0.310  4.377   4.794   1.00 24.65 ? 89   ILE A CG2 1 
ATOM   591  C CD1 . ILE A 1 93  ? 2.255   4.837   3.391   1.00 17.61 ? 89   ILE A CD1 1 
ATOM   592  N N   . ASN A 1 94  ? -2.037  7.205   5.918   1.00 26.18 ? 90   ASN A N   1 
ATOM   593  C CA  . ASN A 1 94  ? -3.489  7.323   5.965   1.00 26.87 ? 90   ASN A CA  1 
ATOM   594  C C   . ASN A 1 94  ? -3.987  8.592   5.242   1.00 26.80 ? 90   ASN A C   1 
ATOM   595  O O   . ASN A 1 94  ? -5.030  8.544   4.624   1.00 26.52 ? 90   ASN A O   1 
ATOM   596  C CB  . ASN A 1 94  ? -4.017  7.281   7.395   1.00 26.82 ? 90   ASN A CB  1 
ATOM   597  C CG  . ASN A 1 94  ? -3.936  5.879   8.045   1.00 28.14 ? 90   ASN A CG  1 
ATOM   598  O OD1 . ASN A 1 94  ? -3.957  4.835   7.397   1.00 30.40 ? 90   ASN A OD1 1 
ATOM   599  N ND2 . ASN A 1 94  ? -3.877  5.878   9.341   1.00 27.92 ? 90   ASN A ND2 1 
ATOM   600  N N   . GLY A 1 95  ? -3.274  9.716   5.371   1.00 27.57 ? 91   GLY A N   1 
ATOM   601  C CA  . GLY A 1 95  ? -3.559  10.952  4.603   1.00 26.96 ? 91   GLY A CA  1 
ATOM   602  C C   . GLY A 1 95  ? -3.473  10.696  3.089   1.00 27.31 ? 91   GLY A C   1 
ATOM   603  O O   . GLY A 1 95  ? -4.418  11.066  2.336   1.00 28.94 ? 91   GLY A O   1 
ATOM   604  N N   . TYR A 1 96  ? -2.391  10.045  2.628   1.00 25.27 ? 92   TYR A N   1 
ATOM   605  C CA  . TYR A 1 96  ? -2.221  9.722   1.201   1.00 23.38 ? 92   TYR A CA  1 
ATOM   606  C C   . TYR A 1 96  ? -3.311  8.785   0.711   1.00 24.05 ? 92   TYR A C   1 
ATOM   607  O O   . TYR A 1 96  ? -3.870  8.994   -0.372  1.00 24.83 ? 92   TYR A O   1 
ATOM   608  C CB  . TYR A 1 96  ? -0.849  9.086   0.914   1.00 22.64 ? 92   TYR A CB  1 
ATOM   609  C CG  . TYR A 1 96  ? 0.355   9.929   1.305   1.00 22.33 ? 92   TYR A CG  1 
ATOM   610  C CD1 . TYR A 1 96  ? 1.544   9.331   1.703   1.00 20.90 ? 92   TYR A CD1 1 
ATOM   611  C CD2 . TYR A 1 96  ? 0.298   11.346  1.282   1.00 21.76 ? 92   TYR A CD2 1 
ATOM   612  C CE1 . TYR A 1 96  ? 2.675   10.114  2.092   1.00 22.91 ? 92   TYR A CE1 1 
ATOM   613  C CE2 . TYR A 1 96  ? 1.412   12.114  1.625   1.00 22.36 ? 92   TYR A CE2 1 
ATOM   614  C CZ  . TYR A 1 96  ? 2.601   11.480  2.014   1.00 23.15 ? 92   TYR A CZ  1 
ATOM   615  O OH  . TYR A 1 96  ? 3.661   12.243  2.444   1.00 23.05 ? 92   TYR A OH  1 
ATOM   616  N N   . ILE A 1 97  ? -3.644  7.742   1.490   1.00 23.15 ? 93   ILE A N   1 
ATOM   617  C CA  . ILE A 1 97  ? -4.771  6.911   1.138   1.00 22.12 ? 93   ILE A CA  1 
ATOM   618  C C   . ILE A 1 97  ? -6.093  7.738   1.014   1.00 23.55 ? 93   ILE A C   1 
ATOM   619  O O   . ILE A 1 97  ? -6.863  7.580   0.065   1.00 22.40 ? 93   ILE A O   1 
ATOM   620  C CB  . ILE A 1 97  ? -4.911  5.707   2.104   1.00 23.23 ? 93   ILE A CB  1 
ATOM   621  C CG1 . ILE A 1 97  ? -3.747  4.744   1.920   1.00 17.43 ? 93   ILE A CG1 1 
ATOM   622  C CG2 . ILE A 1 97  ? -6.154  4.868   1.780   1.00 19.50 ? 93   ILE A CG2 1 
ATOM   623  C CD1 . ILE A 1 97  ? -3.825  3.708   2.963   1.00 15.84 ? 93   ILE A CD1 1 
ATOM   624  N N   . GLN A 1 98  ? -6.325  8.654   1.941   1.00 25.37 ? 94   GLN A N   1 
ATOM   625  C CA  . GLN A 1 98  ? -7.563  9.518   1.915   1.00 27.16 ? 94   GLN A CA  1 
ATOM   626  C C   . GLN A 1 98  ? -7.655  10.349  0.629   1.00 26.95 ? 94   GLN A C   1 
ATOM   627  O O   . GLN A 1 98  ? -8.720  10.407  -0.051  1.00 27.06 ? 94   GLN A O   1 
ATOM   628  C CB  . GLN A 1 98  ? -7.598  10.449  3.143   1.00 26.97 ? 94   GLN A CB  1 
ATOM   629  C CG  . GLN A 1 98  ? -7.857  9.701   4.467   1.00 32.47 ? 94   GLN A CG  1 
ATOM   630  C CD  . GLN A 1 98  ? -8.530  10.591  5.499   1.00 40.32 ? 94   GLN A CD  1 
ATOM   631  O OE1 . GLN A 1 98  ? -8.012  11.651  5.830   1.00 42.86 ? 94   GLN A OE1 1 
ATOM   632  N NE2 . GLN A 1 98  ? -9.737  10.201  5.952   1.00 43.44 ? 94   GLN A NE2 1 
ATOM   633  N N   . LYS A 1 99  ? -6.537  11.024  0.309   1.00 26.35 ? 95   LYS A N   1 
ATOM   634  C CA  . LYS A 1 99  ? -6.433  11.822  -0.921  1.00 26.68 ? 95   LYS A CA  1 
ATOM   635  C C   . LYS A 1 99  ? -6.543  11.007  -2.187  1.00 24.84 ? 95   LYS A C   1 
ATOM   636  O O   . LYS A 1 99  ? -7.084  11.477  -3.167  1.00 23.04 ? 95   LYS A O   1 
ATOM   637  C CB  . LYS A 1 99  ? -5.133  12.600  -0.957  1.00 26.86 ? 95   LYS A CB  1 
ATOM   638  C CG  . LYS A 1 99  ? -5.224  13.945  -0.151  1.00 31.85 ? 95   LYS A CG  1 
ATOM   639  C CD  . LYS A 1 99  ? -3.829  14.381  0.138   1.00 42.03 ? 95   LYS A CD  1 
ATOM   640  C CE  . LYS A 1 99  ? -3.712  15.891  0.073   1.00 47.77 ? 95   LYS A CE  1 
ATOM   641  N NZ  . LYS A 1 99  ? -4.578  16.500  1.114   1.00 53.35 ? 95   LYS A NZ  1 
ATOM   642  N N   . ILE A 1 100 ? -5.985  9.805   -2.184  1.00 23.73 ? 96   ILE A N   1 
ATOM   643  C CA  . ILE A 1 100 ? -6.089  8.987   -3.353  1.00 23.34 ? 96   ILE A CA  1 
ATOM   644  C C   . ILE A 1 100 ? -7.548  8.558   -3.517  1.00 24.58 ? 96   ILE A C   1 
ATOM   645  O O   . ILE A 1 100 ? -8.104  8.697   -4.584  1.00 26.73 ? 96   ILE A O   1 
ATOM   646  C CB  . ILE A 1 100 ? -5.148  7.739   -3.279  1.00 23.66 ? 96   ILE A CB  1 
ATOM   647  C CG1 . ILE A 1 100 ? -3.672  8.174   -3.279  1.00 21.68 ? 96   ILE A CG1 1 
ATOM   648  C CG2 . ILE A 1 100 ? -5.605  6.661   -4.358  1.00 21.15 ? 96   ILE A CG2 1 
ATOM   649  C CD1 . ILE A 1 100 ? -2.633  7.005   -2.975  1.00 18.41 ? 96   ILE A CD1 1 
ATOM   650  N N   . LYS A 1 101 ? -8.175  8.080   -2.453  1.00 24.39 ? 97   LYS A N   1 
ATOM   651  C CA  . LYS A 1 101 ? -9.552  7.603   -2.525  1.00 25.00 ? 97   LYS A CA  1 
ATOM   652  C C   . LYS A 1 101 ? -10.622 8.692   -2.790  1.00 25.04 ? 97   LYS A C   1 
ATOM   653  O O   . LYS A 1 101 ? -11.632 8.391   -3.391  1.00 24.13 ? 97   LYS A O   1 
ATOM   654  C CB  . LYS A 1 101 ? -9.911  6.787   -1.247  1.00 25.23 ? 97   LYS A CB  1 
ATOM   655  C CG  . LYS A 1 101 ? -9.259  5.368   -1.226  1.00 24.43 ? 97   LYS A CG  1 
ATOM   656  C CD  . LYS A 1 101 ? -10.053 4.544   -0.204  1.00 29.88 ? 97   LYS A CD  1 
ATOM   657  C CE  . LYS A 1 101 ? -9.967  3.034   -0.478  1.00 31.40 ? 97   LYS A CE  1 
ATOM   658  N NZ  . LYS A 1 101 ? -10.526 2.214   0.670   1.00 31.99 ? 97   LYS A NZ  1 
ATOM   659  N N   . SER A 1 102 ? -10.403 9.914   -2.308  1.00 24.62 ? 98   SER A N   1 
ATOM   660  C CA  . SER A 1 102 ? -11.225 11.064  -2.616  1.00 26.08 ? 98   SER A CA  1 
ATOM   661  C C   . SER A 1 102 ? -11.033 11.585  -4.068  1.00 27.66 ? 98   SER A C   1 
ATOM   662  O O   . SER A 1 102 ? -11.805 12.438  -4.503  1.00 27.49 ? 98   SER A O   1 
ATOM   663  C CB  . SER A 1 102 ? -10.920 12.215  -1.614  1.00 25.96 ? 98   SER A CB  1 
ATOM   664  O OG  . SER A 1 102 ? -9.684  12.843  -1.956  1.00 25.52 ? 98   SER A OG  1 
ATOM   665  N N   . GLY A 1 103 ? -10.031 11.079  -4.825  1.00 28.38 ? 99   GLY A N   1 
ATOM   666  C CA  . GLY A 1 103 ? -9.658  11.676  -6.133  1.00 29.04 ? 99   GLY A CA  1 
ATOM   667  C C   . GLY A 1 103 ? -8.863  12.997  -6.069  1.00 31.08 ? 99   GLY A C   1 
ATOM   668  O O   . GLY A 1 103 ? -8.472  13.550  -7.105  1.00 32.24 ? 99   GLY A O   1 
ATOM   669  N N   . GLU A 1 104 ? -8.592  13.526  -4.881  1.00 31.92 ? 100  GLU A N   1 
ATOM   670  C CA  . GLU A 1 104 ? -7.868  14.807  -4.785  1.00 34.29 ? 100  GLU A CA  1 
ATOM   671  C C   . GLU A 1 104 ? -6.401  14.763  -5.283  1.00 34.73 ? 100  GLU A C   1 
ATOM   672  O O   . GLU A 1 104 ? -5.872  15.751  -5.832  1.00 34.83 ? 100  GLU A O   1 
ATOM   673  C CB  . GLU A 1 104 ? -7.954  15.382  -3.369  1.00 34.96 ? 100  GLU A CB  1 
ATOM   674  C CG  . GLU A 1 104 ? -7.030  16.617  -3.160  1.00 40.74 ? 100  GLU A CG  1 
ATOM   675  C CD  . GLU A 1 104 ? -7.128  17.251  -1.737  1.00 47.48 ? 100  GLU A CD  1 
ATOM   676  O OE1 . GLU A 1 104 ? -7.788  16.631  -0.838  1.00 46.97 ? 100  GLU A OE1 1 
ATOM   677  O OE2 . GLU A 1 104 ? -6.563  18.379  -1.549  1.00 46.48 ? 100  GLU A OE2 1 
ATOM   678  N N   . GLU A 1 105 ? -5.730  13.623  -5.103  1.00 34.80 ? 101  GLU A N   1 
ATOM   679  C CA  . GLU A 1 105 ? -4.442  13.385  -5.772  1.00 35.07 ? 101  GLU A CA  1 
ATOM   680  C C   . GLU A 1 105 ? -4.546  12.008  -6.368  1.00 34.45 ? 101  GLU A C   1 
ATOM   681  O O   . GLU A 1 105 ? -5.355  11.201  -5.896  1.00 36.14 ? 101  GLU A O   1 
ATOM   682  C CB  . GLU A 1 105 ? -3.282  13.392  -4.767  1.00 36.45 ? 101  GLU A CB  1 
ATOM   683  C CG  . GLU A 1 105 ? -2.992  14.754  -4.100  1.00 40.13 ? 101  GLU A CG  1 
ATOM   684  C CD  . GLU A 1 105 ? -2.748  15.834  -5.135  1.00 45.68 ? 101  GLU A CD  1 
ATOM   685  O OE1 . GLU A 1 105 ? -3.161  16.976  -4.845  1.00 48.86 ? 101  GLU A OE1 1 
ATOM   686  O OE2 . GLU A 1 105 ? -2.206  15.525  -6.250  1.00 48.52 ? 101  GLU A OE2 1 
ATOM   687  N N   . ASP A 1 106 ? -3.737  11.702  -7.376  1.00 32.40 ? 102  ASP A N   1 
ATOM   688  C CA  . ASP A 1 106 ? -3.562  10.327  -7.754  1.00 31.93 ? 102  ASP A CA  1 
ATOM   689  C C   . ASP A 1 106 ? -2.318  9.656   -7.189  1.00 29.19 ? 102  ASP A C   1 
ATOM   690  O O   . ASP A 1 106 ? -1.328  10.273  -6.819  1.00 28.30 ? 102  ASP A O   1 
ATOM   691  C CB  . ASP A 1 106 ? -3.656  10.110  -9.292  1.00 33.74 ? 102  ASP A CB  1 
ATOM   692  C CG  . ASP A 1 106 ? -2.693  10.961  -10.069 1.00 39.76 ? 102  ASP A CG  1 
ATOM   693  O OD1 . ASP A 1 106 ? -3.207  11.716  -10.947 1.00 49.23 ? 102  ASP A OD1 1 
ATOM   694  O OD2 . ASP A 1 106 ? -1.443  10.886  -9.841  1.00 43.47 ? 102  ASP A OD2 1 
ATOM   695  N N   . PHE A 1 107 ? -2.373  8.345   -7.222  1.00 27.82 ? 103  PHE A N   1 
ATOM   696  C CA  . PHE A 1 107 ? -1.339  7.527   -6.672  1.00 26.51 ? 103  PHE A CA  1 
ATOM   697  C C   . PHE A 1 107 ? 0.091   7.898   -7.177  1.00 25.77 ? 103  PHE A C   1 
ATOM   698  O O   . PHE A 1 107 ? 1.058   8.053   -6.382  1.00 23.87 ? 103  PHE A O   1 
ATOM   699  C CB  . PHE A 1 107 ? -1.690  6.048   -6.973  1.00 26.09 ? 103  PHE A CB  1 
ATOM   700  C CG  . PHE A 1 107 ? -0.723  5.126   -6.394  1.00 25.33 ? 103  PHE A CG  1 
ATOM   701  C CD1 . PHE A 1 107 ? -0.927  4.582   -5.152  1.00 24.80 ? 103  PHE A CD1 1 
ATOM   702  C CD2 . PHE A 1 107 ? 0.514   4.921   -7.044  1.00 26.87 ? 103  PHE A CD2 1 
ATOM   703  C CE1 . PHE A 1 107 ? 0.071   3.750   -4.609  1.00 26.16 ? 103  PHE A CE1 1 
ATOM   704  C CE2 . PHE A 1 107 ? 1.477   4.172   -6.498  1.00 22.79 ? 103  PHE A CE2 1 
ATOM   705  C CZ  . PHE A 1 107 ? 1.255   3.567   -5.284  1.00 21.59 ? 103  PHE A CZ  1 
ATOM   706  N N   . GLU A 1 108 ? 0.199   8.053   -8.506  1.00 26.10 ? 104  GLU A N   1 
ATOM   707  C CA  . GLU A 1 108 ? 1.496   8.243   -9.220  1.00 25.46 ? 104  GLU A CA  1 
ATOM   708  C C   . GLU A 1 108 ? 2.094   9.544   -8.744  1.00 25.87 ? 104  GLU A C   1 
ATOM   709  O O   . GLU A 1 108 ? 3.297   9.686   -8.525  1.00 24.88 ? 104  GLU A O   1 
ATOM   710  C CB  . GLU A 1 108 ? 1.292   8.325   -10.733 1.00 25.39 ? 104  GLU A CB  1 
ATOM   711  C CG  . GLU A 1 108 ? 0.921   7.018   -11.445 1.00 25.06 ? 104  GLU A CG  1 
ATOM   712  C CD  . GLU A 1 108 ? -0.563  6.660   -11.339 1.00 31.94 ? 104  GLU A CD  1 
ATOM   713  O OE1 . GLU A 1 108 ? -1.345  7.326   -10.579 1.00 29.94 ? 104  GLU A OE1 1 
ATOM   714  O OE2 . GLU A 1 108 ? -0.939  5.663   -11.994 1.00 35.04 ? 104  GLU A OE2 1 
ATOM   715  N N   . SER A 1 109 ? 1.228   10.511  -8.541  1.00 25.57 ? 105  SER A N   1 
ATOM   716  C CA  . SER A 1 109 ? 1.712   11.803  -8.179  1.00 26.29 ? 105  SER A CA  1 
ATOM   717  C C   . SER A 1 109 ? 2.255   11.876  -6.692  1.00 26.25 ? 105  SER A C   1 
ATOM   718  O O   . SER A 1 109 ? 3.306   12.504  -6.391  1.00 26.13 ? 105  SER A O   1 
ATOM   719  C CB  . SER A 1 109 ? 0.614   12.797  -8.507  1.00 25.91 ? 105  SER A CB  1 
ATOM   720  O OG  . SER A 1 109 ? 0.611   13.769  -7.510  1.00 34.12 ? 105  SER A OG  1 
ATOM   721  N N   . LEU A 1 110 ? 1.549   11.232  -5.766  1.00 25.95 ? 106  LEU A N   1 
ATOM   722  C CA  . LEU A 1 110 ? 1.949   11.168  -4.353  1.00 23.18 ? 106  LEU A CA  1 
ATOM   723  C C   . LEU A 1 110 ? 3.172   10.298  -4.241  1.00 23.38 ? 106  LEU A C   1 
ATOM   724  O O   . LEU A 1 110 ? 4.090   10.613  -3.530  1.00 21.17 ? 106  LEU A O   1 
ATOM   725  C CB  . LEU A 1 110 ? 0.820   10.566  -3.530  1.00 22.91 ? 106  LEU A CB  1 
ATOM   726  C CG  . LEU A 1 110 ? -0.403  11.504  -3.346  1.00 22.99 ? 106  LEU A CG  1 
ATOM   727  C CD1 . LEU A 1 110 ? -1.402  10.941  -2.421  1.00 19.90 ? 106  LEU A CD1 1 
ATOM   728  C CD2 . LEU A 1 110 ? -0.011  12.946  -2.862  1.00 19.10 ? 106  LEU A CD2 1 
ATOM   729  N N   . ALA A 1 111 ? 3.197   9.214   -4.992  1.00 23.50 ? 107  ALA A N   1 
ATOM   730  C CA  . ALA A 1 111 ? 4.376   8.336   -5.005  1.00 24.11 ? 107  ALA A CA  1 
ATOM   731  C C   . ALA A 1 111 ? 5.649   9.068   -5.495  1.00 25.10 ? 107  ALA A C   1 
ATOM   732  O O   . ALA A 1 111 ? 6.746   8.952   -4.886  1.00 26.20 ? 107  ALA A O   1 
ATOM   733  C CB  . ALA A 1 111 ? 4.045   7.034   -5.865  1.00 23.18 ? 107  ALA A CB  1 
ATOM   734  N N   . SER A 1 112 ? 5.525   9.819   -6.595  1.00 26.68 ? 108  SER A N   1 
ATOM   735  C CA  . SER A 1 112 ? 6.644   10.611  -7.116  1.00 26.73 ? 108  SER A CA  1 
ATOM   736  C C   . SER A 1 112 ? 7.175   11.612  -6.123  1.00 27.72 ? 108  SER A C   1 
ATOM   737  O O   . SER A 1 112 ? 8.395   11.787  -6.001  1.00 28.60 ? 108  SER A O   1 
ATOM   738  C CB  . SER A 1 112 ? 6.206   11.415  -8.339  1.00 27.88 ? 108  SER A CB  1 
ATOM   739  O OG  . SER A 1 112 ? 5.695   10.591  -9.332  1.00 27.33 ? 108  SER A OG  1 
ATOM   740  N N   . GLN A 1 113 ? 6.269   12.340  -5.475  1.00 27.38 ? 109  GLN A N   1 
ATOM   741  C CA  . GLN A 1 113 ? 6.666   13.327  -4.493  1.00 27.69 ? 109  GLN A CA  1 
ATOM   742  C C   . GLN A 1 113 ? 7.121   12.729  -3.214  1.00 27.49 ? 109  GLN A C   1 
ATOM   743  O O   . GLN A 1 113 ? 8.098   13.181  -2.625  1.00 29.58 ? 109  GLN A O   1 
ATOM   744  C CB  . GLN A 1 113 ? 5.482   14.257  -4.189  1.00 29.40 ? 109  GLN A CB  1 
ATOM   745  C CG  . GLN A 1 113 ? 4.947   14.966  -5.466  1.00 29.56 ? 109  GLN A CG  1 
ATOM   746  C CD  . GLN A 1 113 ? 3.762   15.838  -5.197  1.00 32.70 ? 109  GLN A CD  1 
ATOM   747  O OE1 . GLN A 1 113 ? 2.671   15.622  -5.748  1.00 33.38 ? 109  GLN A OE1 1 
ATOM   748  N NE2 . GLN A 1 113 ? 3.966   16.856  -4.380  1.00 32.88 ? 109  GLN A NE2 1 
ATOM   749  N N   . PHE A 1 114 ? 6.404   11.707  -2.739  1.00 27.01 ? 110  PHE A N   1 
ATOM   750  C CA  . PHE A 1 114 ? 6.405   11.349  -1.323  1.00 24.67 ? 110  PHE A CA  1 
ATOM   751  C C   . PHE A 1 114 ? 6.983   9.977   -0.951  1.00 24.17 ? 110  PHE A C   1 
ATOM   752  O O   . PHE A 1 114 ? 7.333   9.776   0.206   1.00 24.49 ? 110  PHE A O   1 
ATOM   753  C CB  . PHE A 1 114 ? 5.042   11.681  -0.649  1.00 23.74 ? 110  PHE A CB  1 
ATOM   754  C CG  . PHE A 1 114 ? 4.675   13.178  -0.720  1.00 25.05 ? 110  PHE A CG  1 
ATOM   755  C CD1 . PHE A 1 114 ? 3.441   13.597  -1.236  1.00 27.66 ? 110  PHE A CD1 1 
ATOM   756  C CD2 . PHE A 1 114 ? 5.569   14.146  -0.318  1.00 23.24 ? 110  PHE A CD2 1 
ATOM   757  C CE1 . PHE A 1 114 ? 3.139   14.953  -1.368  1.00 29.68 ? 110  PHE A CE1 1 
ATOM   758  C CE2 . PHE A 1 114 ? 5.270   15.493  -0.442  1.00 23.03 ? 110  PHE A CE2 1 
ATOM   759  C CZ  . PHE A 1 114 ? 4.064   15.898  -0.964  1.00 26.46 ? 110  PHE A CZ  1 
ATOM   760  N N   . SER A 1 115 ? 7.136   9.071   -1.913  1.00 24.98 ? 111  SER A N   1 
ATOM   761  C CA  . SER A 1 115 ? 7.629   7.724   -1.629  1.00 25.25 ? 111  SER A CA  1 
ATOM   762  C C   . SER A 1 115 ? 9.131   7.753   -1.243  1.00 26.80 ? 111  SER A C   1 
ATOM   763  O O   . SER A 1 115 ? 9.927   8.468   -1.894  1.00 25.88 ? 111  SER A O   1 
ATOM   764  C CB  . SER A 1 115 ? 7.448   6.807   -2.817  1.00 25.03 ? 111  SER A CB  1 
ATOM   765  O OG  . SER A 1 115 ? 7.971   5.553   -2.503  1.00 24.51 ? 111  SER A OG  1 
ATOM   766  N N   . ASP A 1 116 ? 9.472   7.029   -0.165  1.00 25.54 ? 112  ASP A N   1 
ATOM   767  C CA  . ASP A 1 116 ? 10.836  6.894   0.322   1.00 26.18 ? 112  ASP A CA  1 
ATOM   768  C C   . ASP A 1 116 ? 11.582  5.753   -0.423  1.00 27.11 ? 112  ASP A C   1 
ATOM   769  O O   . ASP A 1 116 ? 12.708  5.372   -0.106  1.00 26.01 ? 112  ASP A O   1 
ATOM   770  C CB  . ASP A 1 116 ? 10.819  6.668   1.823   1.00 26.29 ? 112  ASP A CB  1 
ATOM   771  C CG  . ASP A 1 116 ? 10.750  7.996   2.625   1.00 28.28 ? 112  ASP A CG  1 
ATOM   772  O OD1 . ASP A 1 116 ? 11.556  8.900   2.296   1.00 29.20 ? 112  ASP A OD1 1 
ATOM   773  O OD2 . ASP A 1 116 ? 9.892   8.160   3.559   1.00 28.68 ? 112  ASP A OD2 1 
ATOM   774  N N   . CYS A 1 117 ? 10.968  5.241   -1.476  1.00 26.18 ? 113  CYS A N   1 
ATOM   775  C CA  . CYS A 1 117 ? 11.671  4.257   -2.269  1.00 26.28 ? 113  CYS A CA  1 
ATOM   776  C C   . CYS A 1 117 ? 12.083  4.994   -3.558  1.00 27.41 ? 113  CYS A C   1 
ATOM   777  O O   . CYS A 1 117 ? 11.346  5.893   -4.025  1.00 27.91 ? 113  CYS A O   1 
ATOM   778  C CB  . CYS A 1 117 ? 10.734  3.091   -2.540  1.00 24.84 ? 113  CYS A CB  1 
ATOM   779  S SG  . CYS A 1 117 ? 11.462  1.965   -3.739  1.00 26.38 ? 113  CYS A SG  1 
ATOM   780  N N   . SER A 1 118 ? 13.225  4.646   -4.159  1.00 27.98 ? 114  SER A N   1 
ATOM   781  C CA  . SER A 1 118 ? 13.642  5.446   -5.321  1.00 28.79 ? 114  SER A CA  1 
ATOM   782  C C   . SER A 1 118 ? 12.888  5.081   -6.589  1.00 27.42 ? 114  SER A C   1 
ATOM   783  O O   . SER A 1 118 ? 12.990  5.782   -7.591  1.00 25.89 ? 114  SER A O   1 
ATOM   784  C CB  . SER A 1 118 ? 15.153  5.441   -5.540  1.00 30.33 ? 114  SER A CB  1 
ATOM   785  O OG  . SER A 1 118 ? 15.547  4.112   -5.717  1.00 32.77 ? 114  SER A OG  1 
ATOM   786  N N   . SER A 1 119 ? 12.087  4.017   -6.522  1.00 26.05 ? 115  SER A N   1 
ATOM   787  C CA  . SER A 1 119 ? 11.059  3.791   -7.514  1.00 24.20 ? 115  SER A CA  1 
ATOM   788  C C   . SER A 1 119 ? 10.037  4.948   -7.588  1.00 24.06 ? 115  SER A C   1 
ATOM   789  O O   . SER A 1 119 ? 9.181   4.975   -8.478  1.00 22.96 ? 115  SER A O   1 
ATOM   790  C CB  . SER A 1 119 ? 10.334  2.500   -7.168  1.00 24.93 ? 115  SER A CB  1 
ATOM   791  O OG  . SER A 1 119 ? 9.392   2.693   -6.127  1.00 22.04 ? 115  SER A OG  1 
ATOM   792  N N   . ALA A 1 120 ? 10.085  5.892   -6.642  1.00 24.31 ? 116  ALA A N   1 
ATOM   793  C CA  . ALA A 1 120 ? 9.360   7.178   -6.759  1.00 23.01 ? 116  ALA A CA  1 
ATOM   794  C C   . ALA A 1 120 ? 9.619   7.794   -8.153  1.00 25.10 ? 116  ALA A C   1 
ATOM   795  O O   . ALA A 1 120 ? 8.736   8.413   -8.770  1.00 22.82 ? 116  ALA A O   1 
ATOM   796  C CB  . ALA A 1 120 ? 9.835   8.184   -5.629  1.00 23.07 ? 116  ALA A CB  1 
ATOM   797  N N   . LYS A 1 121 ? 10.819  7.547   -8.688  1.00 26.11 ? 117  LYS A N   1 
ATOM   798  C CA  . LYS A 1 121 ? 11.200  8.199   -9.963  1.00 27.17 ? 117  LYS A CA  1 
ATOM   799  C C   . LYS A 1 121 ? 10.450  7.644   -11.178 1.00 26.32 ? 117  LYS A C   1 
ATOM   800  O O   . LYS A 1 121 ? 10.409  8.270   -12.228 1.00 26.62 ? 117  LYS A O   1 
ATOM   801  C CB  . LYS A 1 121 ? 12.727  8.174   -10.141 1.00 27.93 ? 117  LYS A CB  1 
ATOM   802  C CG  . LYS A 1 121 ? 13.431  9.438   -9.505  1.00 29.25 ? 117  LYS A CG  1 
ATOM   803  C CD  . LYS A 1 121 ? 12.942  9.704   -8.101  1.00 33.80 ? 117  LYS A CD  1 
ATOM   804  C CE  . LYS A 1 121 ? 13.867  10.704  -7.360  1.00 33.49 ? 117  LYS A CE  1 
ATOM   805  N NZ  . LYS A 1 121 ? 13.126  11.973  -7.181  1.00 32.98 ? 117  LYS A NZ  1 
ATOM   806  N N   . ALA A 1 122 ? 9.912   6.449   -11.024 1.00 25.34 ? 118  ALA A N   1 
ATOM   807  C CA  . ALA A 1 122 ? 9.067   5.826   -12.014 1.00 25.19 ? 118  ALA A CA  1 
ATOM   808  C C   . ALA A 1 122 ? 7.631   5.769   -11.542 1.00 24.49 ? 118  ALA A C   1 
ATOM   809  O O   . ALA A 1 122 ? 6.976   4.771   -11.826 1.00 24.31 ? 118  ALA A O   1 
ATOM   810  C CB  . ALA A 1 122 ? 9.537   4.397   -12.315 1.00 24.43 ? 118  ALA A CB  1 
ATOM   811  N N   . ARG A 1 123 ? 7.175   6.790   -10.799 1.00 24.97 ? 119  ARG A N   1 
ATOM   812  C CA  A ARG A 1 123 ? 5.755   6.887   -10.340 0.50 25.71 ? 119  ARG A CA  1 
ATOM   813  C CA  B ARG A 1 123 ? 5.761   6.887   -10.336 0.50 25.78 ? 119  ARG A CA  1 
ATOM   814  C C   . ARG A 1 123 ? 5.410   5.706   -9.422  1.00 26.43 ? 119  ARG A C   1 
ATOM   815  O O   . ARG A 1 123 ? 4.238   5.309   -9.303  1.00 25.63 ? 119  ARG A O   1 
ATOM   816  C CB  A ARG A 1 123 ? 4.748   6.985   -11.532 0.50 25.87 ? 119  ARG A CB  1 
ATOM   817  C CB  B ARG A 1 123 ? 4.769   7.030   -11.535 0.50 26.04 ? 119  ARG A CB  1 
ATOM   818  C CG  A ARG A 1 123 ? 4.765   8.373   -12.285 0.50 24.77 ? 119  ARG A CG  1 
ATOM   819  C CG  B ARG A 1 123 ? 5.078   8.323   -12.364 0.50 25.20 ? 119  ARG A CG  1 
ATOM   820  C CD  A ARG A 1 123 ? 4.311   8.330   -13.773 0.50 22.31 ? 119  ARG A CD  1 
ATOM   821  C CD  B ARG A 1 123 ? 4.288   8.637   -13.663 0.50 22.49 ? 119  ARG A CD  1 
ATOM   822  N NE  A ARG A 1 123 ? 4.413   6.984   -14.325 0.50 22.80 ? 119  ARG A NE  1 
ATOM   823  N NE  B ARG A 1 123 ? 4.472   10.075  -13.888 0.50 22.59 ? 119  ARG A NE  1 
ATOM   824  C CZ  A ARG A 1 123 ? 5.489   6.467   -14.924 0.50 20.59 ? 119  ARG A CZ  1 
ATOM   825  C CZ  B ARG A 1 123 ? 3.605   10.916  -14.467 0.50 21.14 ? 119  ARG A CZ  1 
ATOM   826  N NH1 A ARG A 1 123 ? 6.623   7.183   -15.090 0.50 10.69 ? 119  ARG A NH1 1 
ATOM   827  N NH1 B ARG A 1 123 ? 2.458   10.490  -14.961 0.50 19.25 ? 119  ARG A NH1 1 
ATOM   828  N NH2 A ARG A 1 123 ? 5.428   5.200   -15.325 0.50 18.91 ? 119  ARG A NH2 1 
ATOM   829  N NH2 B ARG A 1 123 ? 3.890   12.206  -14.516 0.50 15.72 ? 119  ARG A NH2 1 
ATOM   830  N N   . GLY A 1 124 ? 6.449   5.139   -8.788  1.00 25.50 ? 120  GLY A N   1 
ATOM   831  C CA  . GLY A 1 124 ? 6.260   4.034   -7.880  1.00 26.48 ? 120  GLY A CA  1 
ATOM   832  C C   . GLY A 1 124 ? 6.278   2.668   -8.526  1.00 26.90 ? 120  GLY A C   1 
ATOM   833  O O   . GLY A 1 124 ? 6.233   1.670   -7.807  1.00 26.81 ? 120  GLY A O   1 
ATOM   834  N N   . ASP A 1 125 ? 6.374   2.615   -9.857  1.00 25.92 ? 121  ASP A N   1 
ATOM   835  C CA  . ASP A 1 125 ? 6.278   1.336   -10.594 1.00 27.48 ? 121  ASP A CA  1 
ATOM   836  C C   . ASP A 1 125 ? 7.448   0.399   -10.332 1.00 28.47 ? 121  ASP A C   1 
ATOM   837  O O   . ASP A 1 125 ? 8.581   0.812   -10.434 1.00 28.36 ? 121  ASP A O   1 
ATOM   838  C CB  . ASP A 1 125 ? 6.180   1.582   -12.111 1.00 26.27 ? 121  ASP A CB  1 
ATOM   839  C CG  . ASP A 1 125 ? 6.049   0.260   -12.927 1.00 30.50 ? 121  ASP A CG  1 
ATOM   840  O OD1 . ASP A 1 125 ? 5.299   -0.695  -12.561 1.00 31.13 ? 121  ASP A OD1 1 
ATOM   841  O OD2 . ASP A 1 125 ? 6.659   0.197   -14.013 1.00 32.27 ? 121  ASP A OD2 1 
ATOM   842  N N   . LEU A 1 126 ? 7.166   -0.874  -10.056 1.00 29.36 ? 122  LEU A N   1 
ATOM   843  C CA  . LEU A 1 126 ? 8.218   -1.860  -9.821  1.00 29.62 ? 122  LEU A CA  1 
ATOM   844  C C   . LEU A 1 126 ? 8.279   -2.893  -10.919 1.00 29.98 ? 122  LEU A C   1 
ATOM   845  O O   . LEU A 1 126 ? 9.125   -3.772  -10.866 1.00 30.37 ? 122  LEU A O   1 
ATOM   846  C CB  . LEU A 1 126 ? 8.034   -2.584  -8.464  1.00 30.10 ? 122  LEU A CB  1 
ATOM   847  C CG  . LEU A 1 126 ? 7.875   -1.727  -7.206  1.00 31.66 ? 122  LEU A CG  1 
ATOM   848  C CD1 . LEU A 1 126 ? 7.336   -2.600  -6.048  1.00 29.11 ? 122  LEU A CD1 1 
ATOM   849  C CD2 . LEU A 1 126 ? 9.223   -1.003  -6.865  1.00 33.40 ? 122  LEU A CD2 1 
ATOM   850  N N   . GLY A 1 127 ? 7.395   -2.824  -11.912 1.00 30.67 ? 123  GLY A N   1 
ATOM   851  C CA  . GLY A 1 127 ? 7.376   -3.876  -12.941 1.00 30.48 ? 123  GLY A CA  1 
ATOM   852  C C   . GLY A 1 127 ? 6.786   -5.155  -12.405 1.00 30.90 ? 123  GLY A C   1 
ATOM   853  O O   . GLY A 1 127 ? 6.280   -5.242  -11.269 1.00 31.31 ? 123  GLY A O   1 
ATOM   854  N N   . ALA A 1 128 ? 6.872   -6.191  -13.199 1.00 31.38 ? 124  ALA A N   1 
ATOM   855  C CA  . ALA A 1 128 ? 6.142   -7.403  -12.903 1.00 31.60 ? 124  ALA A CA  1 
ATOM   856  C C   . ALA A 1 128 ? 7.048   -8.291  -12.051 1.00 31.39 ? 124  ALA A C   1 
ATOM   857  O O   . ALA A 1 128 ? 8.249   -8.256  -12.226 1.00 32.59 ? 124  ALA A O   1 
ATOM   858  C CB  . ALA A 1 128 ? 5.737   -8.090  -14.225 1.00 30.85 ? 124  ALA A CB  1 
ATOM   859  N N   . PHE A 1 129 ? 6.502   -9.050  -11.121 1.00 31.91 ? 125  PHE A N   1 
ATOM   860  C CA  . PHE A 1 129 ? 7.326   -10.029 -10.362 1.00 33.23 ? 125  PHE A CA  1 
ATOM   861  C C   . PHE A 1 129 ? 6.409   -11.223 -10.124 1.00 34.19 ? 125  PHE A C   1 
ATOM   862  O O   . PHE A 1 129 ? 5.187   -11.135 -10.340 1.00 34.45 ? 125  PHE A O   1 
ATOM   863  C CB  . PHE A 1 129 ? 7.855   -9.436  -9.021  1.00 34.28 ? 125  PHE A CB  1 
ATOM   864  C CG  . PHE A 1 129 ? 6.793   -8.624  -8.230  1.00 34.81 ? 125  PHE A CG  1 
ATOM   865  C CD1 . PHE A 1 129 ? 6.001   -9.248  -7.241  1.00 37.79 ? 125  PHE A CD1 1 
ATOM   866  C CD2 . PHE A 1 129 ? 6.577   -7.264  -8.509  1.00 34.90 ? 125  PHE A CD2 1 
ATOM   867  C CE1 . PHE A 1 129 ? 5.029   -8.527  -6.543  1.00 36.87 ? 125  PHE A CE1 1 
ATOM   868  C CE2 . PHE A 1 129 ? 5.596   -6.524  -7.843  1.00 34.99 ? 125  PHE A CE2 1 
ATOM   869  C CZ  . PHE A 1 129 ? 4.823   -7.140  -6.845  1.00 37.03 ? 125  PHE A CZ  1 
ATOM   870  N N   . SER A 1 130 ? 6.986   -12.329 -9.691  1.00 34.82 ? 126  SER A N   1 
ATOM   871  C CA  . SER A 1 130 ? 6.232   -13.523 -9.321  1.00 36.36 ? 126  SER A CA  1 
ATOM   872  C C   . SER A 1 130 ? 6.495   -13.767 -7.824  1.00 36.98 ? 126  SER A C   1 
ATOM   873  O O   . SER A 1 130 ? 7.230   -12.977 -7.169  1.00 36.02 ? 126  SER A O   1 
ATOM   874  C CB  . SER A 1 130 ? 6.744   -14.697 -10.153 1.00 37.09 ? 126  SER A CB  1 
ATOM   875  O OG  . SER A 1 130 ? 8.118   -14.909 -9.824  1.00 35.96 ? 126  SER A OG  1 
ATOM   876  N N   . ARG A 1 131 ? 5.913   -14.836 -7.262  1.00 38.22 ? 127  ARG A N   1 
ATOM   877  C CA  . ARG A 1 131 ? 6.197   -15.144 -5.848  1.00 39.05 ? 127  ARG A CA  1 
ATOM   878  C C   . ARG A 1 131 ? 7.628   -15.649 -5.763  1.00 40.44 ? 127  ARG A C   1 
ATOM   879  O O   . ARG A 1 131 ? 8.160   -16.215 -6.739  1.00 41.15 ? 127  ARG A O   1 
ATOM   880  C CB  . ARG A 1 131 ? 5.236   -16.169 -5.276  1.00 38.87 ? 127  ARG A CB  1 
ATOM   881  C CG  . ARG A 1 131 ? 3.869   -15.642 -4.984  1.00 36.89 ? 127  ARG A CG  1 
ATOM   882  C CD  . ARG A 1 131 ? 3.131   -16.599 -4.103  1.00 33.69 ? 127  ARG A CD  1 
ATOM   883  N NE  . ARG A 1 131 ? 1.723   -16.217 -3.931  1.00 33.71 ? 127  ARG A NE  1 
ATOM   884  C CZ  . ARG A 1 131 ? 1.277   -15.397 -2.970  1.00 30.91 ? 127  ARG A CZ  1 
ATOM   885  N NH1 . ARG A 1 131 ? 2.128   -14.848 -2.117  1.00 32.28 ? 127  ARG A NH1 1 
ATOM   886  N NH2 . ARG A 1 131 ? -0.017  -15.104 -2.873  1.00 25.91 ? 127  ARG A NH2 1 
ATOM   887  N N   . GLY A 1 132 ? 8.263   -15.386 -4.628  1.00 40.73 ? 128  GLY A N   1 
ATOM   888  C CA  . GLY A 1 132 ? 9.622   -15.733 -4.447  1.00 41.78 ? 128  GLY A CA  1 
ATOM   889  C C   . GLY A 1 132 ? 10.546  -14.558 -4.311  1.00 43.30 ? 128  GLY A C   1 
ATOM   890  O O   . GLY A 1 132 ? 11.648  -14.708 -3.809  1.00 43.55 ? 128  GLY A O   1 
ATOM   891  N N   . GLN A 1 133 ? 10.108  -13.367 -4.712  1.00 44.88 ? 129  GLN A N   1 
ATOM   892  C CA  . GLN A 1 133 ? 11.048  -12.234 -4.929  1.00 45.10 ? 129  GLN A CA  1 
ATOM   893  C C   . GLN A 1 133 ? 11.082  -11.105 -3.860  1.00 45.25 ? 129  GLN A C   1 
ATOM   894  O O   . GLN A 1 133 ? 12.146  -10.576 -3.574  1.00 46.20 ? 129  GLN A O   1 
ATOM   895  C CB  . GLN A 1 133 ? 10.849  -11.639 -6.350  1.00 44.98 ? 129  GLN A CB  1 
ATOM   896  C CG  . GLN A 1 133 ? 10.570  -12.625 -7.525  1.00 45.00 ? 129  GLN A CG  1 
ATOM   897  C CD  . GLN A 1 133 ? 10.594  -11.871 -8.927  1.00 47.42 ? 129  GLN A CD  1 
ATOM   898  O OE1 . GLN A 1 133 ? 10.057  -12.338 -9.965  1.00 41.48 ? 129  GLN A OE1 1 
ATOM   899  N NE2 . GLN A 1 133 ? 11.220  -10.680 -8.919  1.00 48.34 ? 129  GLN A NE2 1 
ATOM   900  N N   . MET A 1 134 ? 9.926   -10.746 -3.291  1.00 44.76 ? 130  MET A N   1 
ATOM   901  C CA  . MET A 1 134 ? 9.760   -9.595  -2.363  1.00 43.94 ? 130  MET A CA  1 
ATOM   902  C C   . MET A 1 134 ? 9.648   -10.048 -0.882  1.00 42.21 ? 130  MET A C   1 
ATOM   903  O O   . MET A 1 134 ? 9.405   -11.203 -0.638  1.00 42.26 ? 130  MET A O   1 
ATOM   904  C CB  . MET A 1 134 ? 8.482   -8.826  -2.779  1.00 44.19 ? 130  MET A CB  1 
ATOM   905  C CG  . MET A 1 134 ? 8.497   -8.275  -4.232  1.00 46.81 ? 130  MET A CG  1 
ATOM   906  S SD  . MET A 1 134 ? 9.580   -6.799  -4.501  1.00 50.57 ? 130  MET A SD  1 
ATOM   907  C CE  . MET A 1 134 ? 9.565   -6.702  -6.310  1.00 50.79 ? 130  MET A CE  1 
ATOM   908  N N   . GLN A 1 135 ? 9.822   -9.163  0.098   1.00 40.32 ? 131  GLN A N   1 
ATOM   909  C CA  . GLN A 1 135 ? 9.359   -9.485  1.440   1.00 38.99 ? 131  GLN A CA  1 
ATOM   910  C C   . GLN A 1 135 ? 7.896   -10.022 1.378   1.00 36.78 ? 131  GLN A C   1 
ATOM   911  O O   . GLN A 1 135 ? 7.057   -9.505  0.624   1.00 35.00 ? 131  GLN A O   1 
ATOM   912  C CB  . GLN A 1 135 ? 9.437   -8.262  2.356   1.00 40.08 ? 131  GLN A CB  1 
ATOM   913  C CG  . GLN A 1 135 ? 10.899  -7.787  2.684   1.00 45.39 ? 131  GLN A CG  1 
ATOM   914  C CD  . GLN A 1 135 ? 10.981  -6.736  3.833   1.00 50.30 ? 131  GLN A CD  1 
ATOM   915  O OE1 . GLN A 1 135 ? 10.309  -6.866  4.888   1.00 49.56 ? 131  GLN A OE1 1 
ATOM   916  N NE2 . GLN A 1 135 ? 11.829  -5.715  3.641   1.00 50.26 ? 131  GLN A NE2 1 
ATOM   917  N N   . LYS A 1 136 ? 7.613   -11.060 2.175   1.00 34.32 ? 132  LYS A N   1 
ATOM   918  C CA  . LYS A 1 136 ? 6.333   -11.759 2.155   1.00 31.61 ? 132  LYS A CA  1 
ATOM   919  C C   . LYS A 1 136 ? 5.041   -10.936 2.330   1.00 30.54 ? 132  LYS A C   1 
ATOM   920  O O   . LYS A 1 136 ? 4.072   -11.201 1.618   1.00 31.29 ? 132  LYS A O   1 
ATOM   921  C CB  . LYS A 1 136 ? 6.323   -12.901 3.181   1.00 32.04 ? 132  LYS A CB  1 
ATOM   922  C CG  . LYS A 1 136 ? 5.599   -14.097 2.681   1.00 30.23 ? 132  LYS A CG  1 
ATOM   923  C CD  . LYS A 1 136 ? 6.513   -14.759 1.740   1.00 34.91 ? 132  LYS A CD  1 
ATOM   924  C CE  . LYS A 1 136 ? 5.760   -15.855 1.020   1.00 41.97 ? 132  LYS A CE  1 
ATOM   925  N NZ  . LYS A 1 136 ? 6.449   -16.207 -0.260  1.00 43.59 ? 132  LYS A NZ  1 
ATOM   926  N N   . PRO A 1 137 ? 5.002   -10.024 3.317   1.00 29.47 ? 133  PRO A N   1 
ATOM   927  C CA  . PRO A 1 137 ? 3.834   -9.199  3.566   1.00 29.60 ? 133  PRO A CA  1 
ATOM   928  C C   . PRO A 1 137 ? 3.550   -8.360  2.308   1.00 29.06 ? 133  PRO A C   1 
ATOM   929  O O   . PRO A 1 137 ? 2.378   -8.214  1.937   1.00 29.15 ? 133  PRO A O   1 
ATOM   930  C CB  . PRO A 1 137 ? 4.260   -8.280  4.748   1.00 28.97 ? 133  PRO A CB  1 
ATOM   931  C CG  . PRO A 1 137 ? 5.451   -8.970  5.352   1.00 28.72 ? 133  PRO A CG  1 
ATOM   932  C CD  . PRO A 1 137 ? 6.111   -9.690  4.248   1.00 29.71 ? 133  PRO A CD  1 
ATOM   933  N N   . PHE A 1 138 ? 4.594   -7.855  1.651   1.00 27.57 ? 134  PHE A N   1 
ATOM   934  C CA  . PHE A 1 138 ? 4.417   -7.118  0.374   1.00 25.92 ? 134  PHE A CA  1 
ATOM   935  C C   . PHE A 1 138 ? 3.935   -8.107  -0.699  1.00 25.40 ? 134  PHE A C   1 
ATOM   936  O O   . PHE A 1 138 ? 2.946   -7.875  -1.408  1.00 22.05 ? 134  PHE A O   1 
ATOM   937  C CB  . PHE A 1 138 ? 5.725   -6.420  -0.021  1.00 25.41 ? 134  PHE A CB  1 
ATOM   938  C CG  . PHE A 1 138 ? 5.589   -5.450  -1.203  1.00 25.87 ? 134  PHE A CG  1 
ATOM   939  C CD1 . PHE A 1 138 ? 5.433   -4.067  -0.978  1.00 20.13 ? 134  PHE A CD1 1 
ATOM   940  C CD2 . PHE A 1 138 ? 5.599   -5.916  -2.520  1.00 16.89 ? 134  PHE A CD2 1 
ATOM   941  C CE1 . PHE A 1 138 ? 5.313   -3.190  -2.073  1.00 21.61 ? 134  PHE A CE1 1 
ATOM   942  C CE2 . PHE A 1 138 ? 5.480   -5.047  -3.574  1.00 20.02 ? 134  PHE A CE2 1 
ATOM   943  C CZ  . PHE A 1 138 ? 5.327   -3.656  -3.340  1.00 20.88 ? 134  PHE A CZ  1 
ATOM   944  N N   . GLU A 1 139 ? 4.601   -9.255  -0.809  1.00 25.83 ? 135  GLU A N   1 
ATOM   945  C CA  . GLU A 1 139 ? 4.190   -10.185 -1.843  1.00 25.62 ? 135  GLU A CA  1 
ATOM   946  C C   . GLU A 1 139 ? 2.702   -10.576 -1.700  1.00 25.46 ? 135  GLU A C   1 
ATOM   947  O O   . GLU A 1 139 ? 1.933   -10.535 -2.702  1.00 24.76 ? 135  GLU A O   1 
ATOM   948  C CB  . GLU A 1 139 ? 5.085   -11.382 -1.806  1.00 25.35 ? 135  GLU A CB  1 
ATOM   949  C CG  . GLU A 1 139 ? 4.704   -12.423 -2.750  1.00 28.80 ? 135  GLU A CG  1 
ATOM   950  C CD  . GLU A 1 139 ? 5.503   -13.690 -2.501  1.00 33.79 ? 135  GLU A CD  1 
ATOM   951  O OE1 . GLU A 1 139 ? 6.757   -13.615 -2.631  1.00 37.47 ? 135  GLU A OE1 1 
ATOM   952  O OE2 . GLU A 1 139 ? 4.877   -14.728 -2.141  1.00 33.43 ? 135  GLU A OE2 1 
ATOM   953  N N   . ASP A 1 140 ? 2.305   -10.947 -0.471  1.00 24.27 ? 136  ASP A N   1 
ATOM   954  C CA  . ASP A 1 140 ? 0.986   -11.487 -0.239  1.00 23.94 ? 136  ASP A CA  1 
ATOM   955  C C   . ASP A 1 140 ? -0.027  -10.429 -0.523  1.00 23.60 ? 136  ASP A C   1 
ATOM   956  O O   . ASP A 1 140 ? -1.035  -10.715 -1.121  1.00 24.23 ? 136  ASP A O   1 
ATOM   957  C CB  . ASP A 1 140 ? 0.822   -11.988 1.203   1.00 23.54 ? 136  ASP A CB  1 
ATOM   958  C CG  . ASP A 1 140 ? 1.566   -13.314 1.476   1.00 27.38 ? 136  ASP A CG  1 
ATOM   959  O OD1 . ASP A 1 140 ? 1.845   -14.124 0.545   1.00 28.08 ? 136  ASP A OD1 1 
ATOM   960  O OD2 . ASP A 1 140 ? 1.847   -13.544 2.648   1.00 29.73 ? 136  ASP A OD2 1 
ATOM   961  N N   . ALA A 1 141 ? 0.198   -9.206  -0.032  1.00 23.53 ? 137  ALA A N   1 
ATOM   962  C CA  . ALA A 1 141 ? -0.686  -8.129  -0.392  1.00 23.75 ? 137  ALA A CA  1 
ATOM   963  C C   . ALA A 1 141 ? -0.807  -7.992  -1.956  1.00 23.54 ? 137  ALA A C   1 
ATOM   964  O O   . ALA A 1 141 ? -1.919  -7.874  -2.474  1.00 24.66 ? 137  ALA A O   1 
ATOM   965  C CB  . ALA A 1 141 ? -0.209  -6.809  0.264   1.00 22.75 ? 137  ALA A CB  1 
ATOM   966  N N   . SER A 1 142 ? 0.308   -7.998  -2.685  1.00 22.46 ? 138  SER A N   1 
ATOM   967  C CA  . SER A 1 142 ? 0.320   -7.728  -4.123  1.00 23.44 ? 138  SER A CA  1 
ATOM   968  C C   . SER A 1 142 ? -0.404  -8.885  -4.820  1.00 25.41 ? 138  SER A C   1 
ATOM   969  O O   . SER A 1 142 ? -1.158  -8.644  -5.746  1.00 26.41 ? 138  SER A O   1 
ATOM   970  C CB  . SER A 1 142 ? 1.739   -7.715  -4.694  1.00 22.18 ? 138  SER A CB  1 
ATOM   971  O OG  . SER A 1 142 ? 2.573   -6.781  -4.033  1.00 23.10 ? 138  SER A OG  1 
ATOM   972  N N   . PHE A 1 143 ? -0.246  -10.118 -4.341  1.00 25.70 ? 139  PHE A N   1 
ATOM   973  C CA  . PHE A 1 143 ? -0.935  -11.229 -5.013  1.00 27.32 ? 139  PHE A CA  1 
ATOM   974  C C   . PHE A 1 143 ? -2.405  -11.356 -4.651  1.00 27.54 ? 139  PHE A C   1 
ATOM   975  O O   . PHE A 1 143 ? -3.167  -12.032 -5.349  1.00 27.92 ? 139  PHE A O   1 
ATOM   976  C CB  . PHE A 1 143 ? -0.142  -12.549 -4.905  1.00 26.74 ? 139  PHE A CB  1 
ATOM   977  C CG  . PHE A 1 143 ? 1.024   -12.630 -5.914  1.00 28.10 ? 139  PHE A CG  1 
ATOM   978  C CD1 . PHE A 1 143 ? 2.241   -12.002 -5.657  1.00 30.68 ? 139  PHE A CD1 1 
ATOM   979  C CD2 . PHE A 1 143 ? 0.883   -13.279 -7.107  1.00 28.73 ? 139  PHE A CD2 1 
ATOM   980  C CE1 . PHE A 1 143 ? 3.288   -12.039 -6.560  1.00 27.63 ? 139  PHE A CE1 1 
ATOM   981  C CE2 . PHE A 1 143 ? 1.918   -13.288 -8.037  1.00 31.76 ? 139  PHE A CE2 1 
ATOM   982  C CZ  . PHE A 1 143 ? 3.134   -12.688 -7.738  1.00 30.47 ? 139  PHE A CZ  1 
ATOM   983  N N   . ALA A 1 144 ? -2.828  -10.686 -3.580  1.00 27.96 ? 140  ALA A N   1 
ATOM   984  C CA  . ALA A 1 144 ? -4.235  -10.746 -3.182  1.00 28.16 ? 140  ALA A CA  1 
ATOM   985  C C   . ALA A 1 144 ? -5.014  -9.601  -3.767  1.00 28.28 ? 140  ALA A C   1 
ATOM   986  O O   . ALA A 1 144 ? -6.235  -9.624  -3.697  1.00 28.58 ? 140  ALA A O   1 
ATOM   987  C CB  . ALA A 1 144 ? -4.399  -10.718 -1.625  1.00 28.62 ? 140  ALA A CB  1 
ATOM   988  N N   . LEU A 1 145 ? -4.323  -8.575  -4.280  1.00 28.63 ? 141  LEU A N   1 
ATOM   989  C CA  . LEU A 1 145 ? -5.024  -7.435  -4.927  1.00 28.79 ? 141  LEU A CA  1 
ATOM   990  C C   . LEU A 1 145 ? -5.604  -7.907  -6.235  1.00 29.54 ? 141  LEU A C   1 
ATOM   991  O O   . LEU A 1 145 ? -5.063  -8.812  -6.833  1.00 30.60 ? 141  LEU A O   1 
ATOM   992  C CB  . LEU A 1 145 ? -4.092  -6.238  -5.188  1.00 27.29 ? 141  LEU A CB  1 
ATOM   993  C CG  . LEU A 1 145 ? -3.628  -5.479  -3.908  1.00 24.44 ? 141  LEU A CG  1 
ATOM   994  C CD1 . LEU A 1 145 ? -2.531  -4.490  -4.245  1.00 23.54 ? 141  LEU A CD1 1 
ATOM   995  C CD2 . LEU A 1 145 ? -4.760  -4.719  -3.310  1.00 23.79 ? 141  LEU A CD2 1 
ATOM   996  N N   . ARG A 1 146 ? -6.700  -7.296  -6.656  1.00 30.56 ? 142  ARG A N   1 
ATOM   997  C CA  . ARG A 1 146 ? -7.256  -7.435  -8.006  1.00 32.56 ? 142  ARG A CA  1 
ATOM   998  C C   . ARG A 1 146 ? -6.568  -6.382  -8.915  1.00 31.71 ? 142  ARG A C   1 
ATOM   999  O O   . ARG A 1 146 ? -6.128  -5.317  -8.407  1.00 30.96 ? 142  ARG A O   1 
ATOM   1000 C CB  . ARG A 1 146 ? -8.799  -7.239  -7.926  1.00 32.86 ? 142  ARG A CB  1 
ATOM   1001 C CG  . ARG A 1 146 ? -9.548  -8.381  -7.069  1.00 39.27 ? 142  ARG A CG  1 
ATOM   1002 C CD  . ARG A 1 146 ? -11.109 -8.202  -6.899  1.00 48.79 ? 142  ARG A CD  1 
ATOM   1003 N NE  . ARG A 1 146 ? -11.530 -7.479  -5.668  1.00 57.69 ? 142  ARG A NE  1 
ATOM   1004 C CZ  . ARG A 1 146 ? -11.498 -6.141  -5.479  1.00 61.85 ? 142  ARG A CZ  1 
ATOM   1005 N NH1 . ARG A 1 146 ? -11.051 -5.299  -6.420  1.00 64.54 ? 142  ARG A NH1 1 
ATOM   1006 N NH2 . ARG A 1 146 ? -11.899 -5.628  -4.317  1.00 64.26 ? 142  ARG A NH2 1 
ATOM   1007 N N   . THR A 1 147 ? -6.447  -6.653  -10.229 1.00 30.30 ? 143  THR A N   1 
ATOM   1008 C CA  . THR A 1 147 ? -5.891  -5.650  -11.121 1.00 29.18 ? 143  THR A CA  1 
ATOM   1009 C C   . THR A 1 147 ? -6.648  -4.363  -10.909 1.00 29.35 ? 143  THR A C   1 
ATOM   1010 O O   . THR A 1 147 ? -7.874  -4.390  -10.936 1.00 28.31 ? 143  THR A O   1 
ATOM   1011 C CB  . THR A 1 147 ? -6.079  -5.998  -12.581 1.00 30.73 ? 143  THR A CB  1 
ATOM   1012 O OG1 . THR A 1 147 ? -5.374  -7.200  -12.822 1.00 33.49 ? 143  THR A OG1 1 
ATOM   1013 C CG2 . THR A 1 147 ? -5.555  -4.828  -13.519 1.00 24.29 ? 143  THR A CG2 1 
ATOM   1014 N N   . GLY A 1 148 ? -5.931  -3.243  -10.731 1.00 28.33 ? 144  GLY A N   1 
ATOM   1015 C CA  . GLY A 1 148 ? -6.599  -1.952  -10.495 1.00 28.27 ? 144  GLY A CA  1 
ATOM   1016 C C   . GLY A 1 148 ? -6.748  -1.595  -9.049  1.00 29.89 ? 144  GLY A C   1 
ATOM   1017 O O   . GLY A 1 148 ? -7.024  -0.437  -8.711  1.00 32.08 ? 144  GLY A O   1 
ATOM   1018 N N   . GLU A 1 149 ? -6.509  -2.561  -8.164  1.00 29.33 ? 145  GLU A N   1 
ATOM   1019 C CA  . GLU A 1 149 ? -6.897  -2.401  -6.789  1.00 28.59 ? 145  GLU A CA  1 
ATOM   1020 C C   . GLU A 1 149 ? -5.701  -1.938  -5.920  1.00 27.25 ? 145  GLU A C   1 
ATOM   1021 O O   . GLU A 1 149 ? -4.554  -2.253  -6.181  1.00 27.15 ? 145  GLU A O   1 
ATOM   1022 C CB  . GLU A 1 149 ? -7.644  -3.644  -6.300  1.00 27.16 ? 145  GLU A CB  1 
ATOM   1023 C CG  . GLU A 1 149 ? -7.977  -3.568  -4.860  1.00 33.01 ? 145  GLU A CG  1 
ATOM   1024 C CD  . GLU A 1 149 ? -8.508  -4.851  -4.249  1.00 38.46 ? 145  GLU A CD  1 
ATOM   1025 O OE1 . GLU A 1 149 ? -8.615  -5.929  -4.972  1.00 38.79 ? 145  GLU A OE1 1 
ATOM   1026 O OE2 . GLU A 1 149 ? -8.834  -4.726  -3.029  1.00 39.84 ? 145  GLU A OE2 1 
ATOM   1027 N N   . MET A 1 150 ? -6.005  -1.084  -4.954  1.00 25.91 ? 146  MET A N   1 
ATOM   1028 C CA  . MET A 1 150 ? -5.046  -0.516  -4.055  1.00 23.36 ? 146  MET A CA  1 
ATOM   1029 C C   . MET A 1 150 ? -5.222  -1.099  -2.651  1.00 23.66 ? 146  MET A C   1 
ATOM   1030 O O   . MET A 1 150 ? -6.375  -1.332  -2.159  1.00 21.96 ? 146  MET A O   1 
ATOM   1031 C CB  . MET A 1 150 ? -5.276  0.964   -3.963  1.00 23.68 ? 146  MET A CB  1 
ATOM   1032 C CG  . MET A 1 150 ? -4.127  1.665   -3.215  1.00 23.30 ? 146  MET A CG  1 
ATOM   1033 S SD  . MET A 1 150 ? -4.486  3.412   -3.191  1.00 24.68 ? 146  MET A SD  1 
ATOM   1034 C CE  . MET A 1 150 ? -5.793  3.585   -1.960  1.00 20.79 ? 146  MET A CE  1 
ATOM   1035 N N   . SER A 1 151 ? -4.082  -1.249  -1.966  1.00 22.02 ? 147  SER A N   1 
ATOM   1036 C CA  . SER A 1 151 ? -4.066  -1.821  -0.644  1.00 20.89 ? 147  SER A CA  1 
ATOM   1037 C C   . SER A 1 151 ? -4.280  -0.732  0.407   1.00 20.94 ? 147  SER A C   1 
ATOM   1038 O O   . SER A 1 151 ? -4.302  0.464   0.052   1.00 21.35 ? 147  SER A O   1 
ATOM   1039 C CB  . SER A 1 151 ? -2.721  -2.507  -0.395  1.00 19.48 ? 147  SER A CB  1 
ATOM   1040 O OG  . SER A 1 151 ? -1.706  -1.515  -0.186  1.00 19.84 ? 147  SER A OG  1 
ATOM   1041 N N   . GLY A 1 152 ? -4.429  -1.156  1.677   1.00 19.86 ? 148  GLY A N   1 
ATOM   1042 C CA  . GLY A 1 152 ? -4.318  -0.301  2.840   1.00 19.58 ? 148  GLY A CA  1 
ATOM   1043 C C   . GLY A 1 152 ? -2.827  -0.249  3.200   1.00 21.52 ? 148  GLY A C   1 
ATOM   1044 O O   . GLY A 1 152 ? -1.938  -0.644  2.365   1.00 20.66 ? 148  GLY A O   1 
ATOM   1045 N N   . PRO A 1 153 ? -2.525  0.249   4.415   1.00 22.65 ? 149  PRO A N   1 
ATOM   1046 C CA  . PRO A 1 153 ? -1.132  0.260   4.898   1.00 23.02 ? 149  PRO A CA  1 
ATOM   1047 C C   . PRO A 1 153 ? -0.621  -1.153  5.017   1.00 22.96 ? 149  PRO A C   1 
ATOM   1048 O O   . PRO A 1 153 ? -1.299  -1.968  5.598   1.00 25.44 ? 149  PRO A O   1 
ATOM   1049 C CB  . PRO A 1 153 ? -1.203  0.943   6.285   1.00 23.03 ? 149  PRO A CB  1 
ATOM   1050 C CG  . PRO A 1 153 ? -2.610  1.630   6.331   1.00 24.44 ? 149  PRO A CG  1 
ATOM   1051 C CD  . PRO A 1 153 ? -3.485  0.848   5.373   1.00 23.38 ? 149  PRO A CD  1 
ATOM   1052 N N   . VAL A 1 154 ? 0.558   -1.438  4.464   1.00 22.49 ? 150  VAL A N   1 
ATOM   1053 C CA  . VAL A 1 154 ? 1.167   -2.767  4.534   1.00 21.52 ? 150  VAL A CA  1 
ATOM   1054 C C   . VAL A 1 154 ? 2.553   -2.602  5.194   1.00 24.06 ? 150  VAL A C   1 
ATOM   1055 O O   . VAL A 1 154 ? 3.362   -1.815  4.743   1.00 21.44 ? 150  VAL A O   1 
ATOM   1056 C CB  . VAL A 1 154 ? 1.237   -3.367  3.176   1.00 21.95 ? 150  VAL A CB  1 
ATOM   1057 C CG1 . VAL A 1 154 ? 2.070   -4.664  3.157   1.00 19.80 ? 150  VAL A CG1 1 
ATOM   1058 C CG2 . VAL A 1 154 ? -0.218  -3.538  2.626   1.00 18.03 ? 150  VAL A CG2 1 
ATOM   1059 N N   . PHE A 1 155 ? 2.799   -3.338  6.295   1.00 25.01 ? 151  PHE A N   1 
ATOM   1060 C CA  . PHE A 1 155 ? 3.998   -3.112  7.065   1.00 26.14 ? 151  PHE A CA  1 
ATOM   1061 C C   . PHE A 1 155 ? 5.007   -4.141  6.676   1.00 26.39 ? 151  PHE A C   1 
ATOM   1062 O O   . PHE A 1 155 ? 4.656   -5.332  6.531   1.00 28.10 ? 151  PHE A O   1 
ATOM   1063 C CB  . PHE A 1 155 ? 3.664   -3.251  8.567   1.00 25.56 ? 151  PHE A CB  1 
ATOM   1064 C CG  . PHE A 1 155 ? 2.746   -2.215  9.057   1.00 25.00 ? 151  PHE A CG  1 
ATOM   1065 C CD1 . PHE A 1 155 ? 1.346   -2.314  8.790   1.00 25.63 ? 151  PHE A CD1 1 
ATOM   1066 C CD2 . PHE A 1 155 ? 3.228   -1.159  9.780   1.00 22.19 ? 151  PHE A CD2 1 
ATOM   1067 C CE1 . PHE A 1 155 ? 0.422   -1.333  9.230   1.00 25.29 ? 151  PHE A CE1 1 
ATOM   1068 C CE2 . PHE A 1 155 ? 2.307   -0.148  10.243  1.00 23.59 ? 151  PHE A CE2 1 
ATOM   1069 C CZ  . PHE A 1 155 ? 0.912   -0.239  9.960   1.00 25.84 ? 151  PHE A CZ  1 
ATOM   1070 N N   . THR A 1 156 ? 6.249   -3.704  6.539   1.00 26.82 ? 152  THR A N   1 
ATOM   1071 C CA  . THR A 1 156 ? 7.390   -4.591  6.236   1.00 27.46 ? 152  THR A CA  1 
ATOM   1072 C C   . THR A 1 156 ? 8.485   -3.962  7.027   1.00 28.11 ? 152  THR A C   1 
ATOM   1073 O O   . THR A 1 156 ? 8.293   -2.868  7.535   1.00 28.06 ? 152  THR A O   1 
ATOM   1074 C CB  . THR A 1 156 ? 7.856   -4.488  4.756   1.00 27.90 ? 152  THR A CB  1 
ATOM   1075 O OG1 . THR A 1 156 ? 8.518   -3.208  4.558   1.00 29.41 ? 152  THR A OG1 1 
ATOM   1076 C CG2 . THR A 1 156 ? 6.677   -4.675  3.750   1.00 29.13 ? 152  THR A CG2 1 
ATOM   1077 N N   . ASP A 1 157 ? 9.653   -4.588  7.088   1.00 28.36 ? 153  ASP A N   1 
ATOM   1078 C CA  . ASP A 1 157 ? 10.816  -3.990  7.730   1.00 29.50 ? 153  ASP A CA  1 
ATOM   1079 C C   . ASP A 1 157 ? 11.361  -2.704  7.123   1.00 30.46 ? 153  ASP A C   1 
ATOM   1080 O O   . ASP A 1 157 ? 12.222  -2.054  7.755   1.00 31.35 ? 153  ASP A O   1 
ATOM   1081 C CB  . ASP A 1 157 ? 11.931  -5.011  7.707   1.00 29.41 ? 153  ASP A CB  1 
ATOM   1082 C CG  . ASP A 1 157 ? 11.705  -6.084  8.740   1.00 34.25 ? 153  ASP A CG  1 
ATOM   1083 O OD1 . ASP A 1 157 ? 11.334  -5.706  9.861   1.00 40.04 ? 153  ASP A OD1 1 
ATOM   1084 O OD2 . ASP A 1 157 ? 11.810  -7.282  8.431   1.00 38.66 ? 153  ASP A OD2 1 
ATOM   1085 N N   . SER A 1 158 ? 10.939  -2.385  5.878   1.00 28.96 ? 154  SER A N   1 
ATOM   1086 C CA  . SER A 1 158 ? 11.382  -1.193  5.182   1.00 26.91 ? 154  SER A CA  1 
ATOM   1087 C C   . SER A 1 158 ? 10.507  -0.048  5.613   1.00 25.90 ? 154  SER A C   1 
ATOM   1088 O O   . SER A 1 158 ? 10.964  1.107   5.622   1.00 25.06 ? 154  SER A O   1 
ATOM   1089 C CB  . SER A 1 158 ? 11.285  -1.350  3.666   1.00 26.90 ? 154  SER A CB  1 
ATOM   1090 O OG  . SER A 1 158 ? 11.919  -2.561  3.269   1.00 30.42 ? 154  SER A OG  1 
ATOM   1091 N N   . GLY A 1 159 ? 9.248   -0.338  5.960   1.00 23.66 ? 155  GLY A N   1 
ATOM   1092 C CA  . GLY A 1 159 ? 8.395   0.730   6.358   1.00 23.42 ? 155  GLY A CA  1 
ATOM   1093 C C   . GLY A 1 159 ? 6.979   0.397   6.052   1.00 22.93 ? 155  GLY A C   1 
ATOM   1094 O O   . GLY A 1 159 ? 6.587   -0.771  6.113   1.00 23.33 ? 155  GLY A O   1 
ATOM   1095 N N   . ILE A 1 160 ? 6.209   1.433   5.736   1.00 22.88 ? 156  ILE A N   1 
ATOM   1096 C CA  . ILE A 1 160 ? 4.741   1.303   5.543   1.00 22.54 ? 156  ILE A CA  1 
ATOM   1097 C C   . ILE A 1 160 ? 4.474   1.609   4.077   1.00 21.84 ? 156  ILE A C   1 
ATOM   1098 O O   . ILE A 1 160 ? 4.822   2.695   3.562   1.00 21.40 ? 156  ILE A O   1 
ATOM   1099 C CB  . ILE A 1 160 ? 3.916   2.213   6.477   1.00 22.73 ? 156  ILE A CB  1 
ATOM   1100 C CG1 . ILE A 1 160 ? 4.262   1.996   7.957   1.00 22.53 ? 156  ILE A CG1 1 
ATOM   1101 C CG2 . ILE A 1 160 ? 2.365   1.926   6.331   1.00 24.98 ? 156  ILE A CG2 1 
ATOM   1102 C CD1 . ILE A 1 160 ? 3.560   3.117   8.890   1.00 22.96 ? 156  ILE A CD1 1 
ATOM   1103 N N   . HIS A 1 161 ? 3.898   0.614   3.405   1.00 19.35 ? 157  HIS A N   1 
ATOM   1104 C CA  . HIS A 1 161 ? 3.628   0.676   1.949   1.00 19.60 ? 157  HIS A CA  1 
ATOM   1105 C C   . HIS A 1 161 ? 2.098   0.913   1.648   1.00 19.47 ? 157  HIS A C   1 
ATOM   1106 O O   . HIS A 1 161 ? 1.223   0.359   2.370   1.00 18.32 ? 157  HIS A O   1 
ATOM   1107 C CB  . HIS A 1 161 ? 3.936   -0.682  1.296   1.00 16.82 ? 157  HIS A CB  1 
ATOM   1108 C CG  . HIS A 1 161 ? 5.356   -1.132  1.452   1.00 21.75 ? 157  HIS A CG  1 
ATOM   1109 N ND1 . HIS A 1 161 ? 6.285   -1.013  0.446   1.00 21.88 ? 157  HIS A ND1 1 
ATOM   1110 C CD2 . HIS A 1 161 ? 6.008   -1.696  2.498   1.00 21.40 ? 157  HIS A CD2 1 
ATOM   1111 C CE1 . HIS A 1 161 ? 7.450   -1.491  0.851   1.00 25.06 ? 157  HIS A CE1 1 
ATOM   1112 N NE2 . HIS A 1 161 ? 7.312   -1.905  2.096   1.00 30.09 ? 157  HIS A NE2 1 
ATOM   1113 N N   . ILE A 1 162 ? 1.816   1.671   0.583   1.00 20.40 ? 158  ILE A N   1 
ATOM   1114 C CA  . ILE A 1 162 ? 0.510   1.593   -0.133  1.00 22.71 ? 158  ILE A CA  1 
ATOM   1115 C C   . ILE A 1 162 ? 0.818   0.842   -1.431  1.00 23.39 ? 158  ILE A C   1 
ATOM   1116 O O   . ILE A 1 162 ? 1.726   1.265   -2.180  1.00 24.99 ? 158  ILE A O   1 
ATOM   1117 C CB  . ILE A 1 162 ? 0.016   2.977   -0.512  1.00 22.30 ? 158  ILE A CB  1 
ATOM   1118 C CG1 . ILE A 1 162 ? -0.256  3.801   0.742   1.00 24.43 ? 158  ILE A CG1 1 
ATOM   1119 C CG2 . ILE A 1 162 ? -1.310  2.893   -1.220  1.00 25.08 ? 158  ILE A CG2 1 
ATOM   1120 C CD1 . ILE A 1 162 ? -0.487  5.282   0.454   1.00 26.01 ? 158  ILE A CD1 1 
ATOM   1121 N N   . ILE A 1 163 ? 0.113   -0.253  -1.742  1.00 24.11 ? 159  ILE A N   1 
ATOM   1122 C CA  . ILE A 1 163 ? 0.398   -0.965  -3.022  1.00 22.73 ? 159  ILE A CA  1 
ATOM   1123 C C   . ILE A 1 163 ? -0.758  -0.772  -4.062  1.00 23.64 ? 159  ILE A C   1 
ATOM   1124 O O   . ILE A 1 163 ? -1.959  -0.931  -3.732  1.00 22.09 ? 159  ILE A O   1 
ATOM   1125 C CB  . ILE A 1 163 ? 0.738   -2.485  -2.726  1.00 23.05 ? 159  ILE A CB  1 
ATOM   1126 C CG1 . ILE A 1 163 ? 1.800   -2.617  -1.617  1.00 25.19 ? 159  ILE A CG1 1 
ATOM   1127 C CG2 . ILE A 1 163 ? 0.988   -3.338  -4.003  1.00 19.32 ? 159  ILE A CG2 1 
ATOM   1128 C CD1 . ILE A 1 163 ? 1.937   -4.105  -0.981  1.00 23.08 ? 159  ILE A CD1 1 
ATOM   1129 N N   . LEU A 1 164 ? -0.402  -0.456  -5.318  1.00 24.48 ? 160  LEU A N   1 
ATOM   1130 C CA  . LEU A 1 164 ? -1.386  -0.513  -6.409  1.00 25.95 ? 160  LEU A CA  1 
ATOM   1131 C C   . LEU A 1 164 ? -1.055  -1.629  -7.369  1.00 24.92 ? 160  LEU A C   1 
ATOM   1132 O O   . LEU A 1 164 ? 0.026   -1.655  -7.943  1.00 25.86 ? 160  LEU A O   1 
ATOM   1133 C CB  . LEU A 1 164 ? -1.438  0.825   -7.161  1.00 25.39 ? 160  LEU A CB  1 
ATOM   1134 C CG  . LEU A 1 164 ? -2.432  1.020   -8.318  1.00 25.48 ? 160  LEU A CG  1 
ATOM   1135 C CD1 . LEU A 1 164 ? -3.932  1.085   -7.868  1.00 21.11 ? 160  LEU A CD1 1 
ATOM   1136 C CD2 . LEU A 1 164 ? -2.030  2.283   -9.025  1.00 25.30 ? 160  LEU A CD2 1 
ATOM   1137 N N   . ARG A 1 165 ? -1.972  -2.556  -7.555  1.00 24.94 ? 161  ARG A N   1 
ATOM   1138 C CA  . ARG A 1 165 ? -1.732  -3.570  -8.564  1.00 26.31 ? 161  ARG A CA  1 
ATOM   1139 C C   . ARG A 1 165 ? -2.096  -3.066  -9.962  1.00 26.79 ? 161  ARG A C   1 
ATOM   1140 O O   . ARG A 1 165 ? -3.278  -2.893  -10.272 1.00 27.73 ? 161  ARG A O   1 
ATOM   1141 C CB  . ARG A 1 165 ? -2.364  -4.909  -8.239  1.00 25.41 ? 161  ARG A CB  1 
ATOM   1142 C CG  . ARG A 1 165 ? -2.173  -5.849  -9.396  1.00 28.85 ? 161  ARG A CG  1 
ATOM   1143 C CD  . ARG A 1 165 ? -2.697  -7.238  -9.114  1.00 29.92 ? 161  ARG A CD  1 
ATOM   1144 N NE  . ARG A 1 165 ? -2.734  -8.034  -10.344 1.00 30.02 ? 161  ARG A NE  1 
ATOM   1145 C CZ  . ARG A 1 165 ? -3.515  -9.108  -10.505 1.00 33.65 ? 161  ARG A CZ  1 
ATOM   1146 N NH1 . ARG A 1 165 ? -4.302  -9.520  -9.527  1.00 36.80 ? 161  ARG A NH1 1 
ATOM   1147 N NH2 . ARG A 1 165 ? -3.526  -9.785  -11.637 1.00 35.43 ? 161  ARG A NH2 1 
ATOM   1148 N N   . THR A 1 166 ? -1.088  -2.771  -10.785 1.00 26.92 ? 162  THR A N   1 
ATOM   1149 C CA  . THR A 1 166 ? -1.376  -2.325  -12.151 1.00 27.72 ? 162  THR A CA  1 
ATOM   1150 C C   . THR A 1 166 ? -1.677  -3.419  -13.231 1.00 28.68 ? 162  THR A C   1 
ATOM   1151 O O   . THR A 1 166 ? -2.371  -3.123  -14.194 1.00 29.37 ? 162  THR A O   1 
ATOM   1152 C CB  . THR A 1 166 ? -0.331  -1.365  -12.637 1.00 28.22 ? 162  THR A CB  1 
ATOM   1153 O OG1 . THR A 1 166 ? 0.951   -2.009  -12.617 1.00 27.46 ? 162  THR A OG1 1 
ATOM   1154 C CG2 . THR A 1 166 ? -0.337  -0.087  -11.710 1.00 27.25 ? 162  THR A CG2 1 
ATOM   1155 N N   . GLU A 1 167 ? -1.260  -4.670  -13.046 1.00 29.51 ? 163  GLU A N   1 
ATOM   1156 C CA  . GLU A 1 167 ? -1.484  -5.757  -14.063 1.00 31.43 ? 163  GLU A CA  1 
ATOM   1157 C C   . GLU A 1 167 ? -1.558  -7.094  -13.406 1.00 32.12 ? 163  GLU A C   1 
ATOM   1158 O O   . GLU A 1 167 ? -1.030  -7.305  -12.330 1.00 31.87 ? 163  GLU A O   1 
ATOM   1159 C CB  . GLU A 1 167 ? -0.330  -5.854  -15.091 1.00 32.05 ? 163  GLU A CB  1 
ATOM   1160 C CG  . GLU A 1 167 ? -0.284  -4.744  -16.174 1.00 34.97 ? 163  GLU A CG  1 
ATOM   1161 C CD  . GLU A 1 167 ? 0.966   -4.758  -17.048 1.00 42.54 ? 163  GLU A CD  1 
ATOM   1162 O OE1 . GLU A 1 167 ? 1.686   -5.794  -17.146 1.00 44.29 ? 163  GLU A OE1 1 
ATOM   1163 O OE2 . GLU A 1 167 ? 1.225   -3.697  -17.650 1.00 46.08 ? 163  GLU A OE2 1 
ATOM   1164 O OXT . GLU A 1 167 ? -2.085  -8.054  -13.953 1.00 34.64 ? 163  GLU A OXT 1 
HETATM 1165 C C36 . 12P B 2 .   ? -7.467  1.482   2.567   1.00 24.24 ? 1164 12P A C36 1 
HETATM 1166 C C35 . 12P B 2 .   ? -8.706  2.367   2.650   1.00 28.95 ? 1164 12P A C35 1 
HETATM 1167 O O34 . 12P B 2 .   ? -8.998  3.001   3.923   1.00 34.91 ? 1164 12P A O34 1 
HETATM 1168 C C33 . 12P B 2 .   ? -9.706  4.271   3.810   1.00 31.16 ? 1164 12P A C33 1 
HETATM 1169 C C32 . 12P B 2 .   ? -10.999 3.901   3.124   1.00 29.22 ? 1164 12P A C32 1 
HETATM 1170 O O31 . 12P B 2 .   ? -11.986 4.932   3.259   1.00 33.78 ? 1164 12P A O31 1 
HETATM 1171 C C30 . 12P B 2 .   ? -13.182 4.598   2.543   1.00 29.15 ? 1164 12P A C30 1 
HETATM 1172 C C29 . 12P B 2 .   ? -13.834 3.602   3.455   1.00 30.79 ? 1164 12P A C29 1 
HETATM 1173 O O28 . 12P B 2 .   ? -14.620 2.754   2.672   1.00 38.02 ? 1164 12P A O28 1 
HETATM 1174 C C27 . 12P B 2 .   ? -15.380 1.784   3.441   1.00 40.06 ? 1164 12P A C27 1 
HETATM 1175 C C26 . 12P B 2 .   ? -15.541 2.259   4.875   1.00 39.49 ? 1164 12P A C26 1 
HETATM 1176 O O25 . 12P B 2 .   ? -15.940 1.184   5.703   1.00 41.57 ? 1164 12P A O25 1 
HETATM 1177 C C24 . 12P B 2 .   ? -15.522 1.429   7.066   1.00 41.17 ? 1164 12P A C24 1 
HETATM 1178 C C23 . 12P B 2 .   ? -14.131 0.836   7.314   1.00 41.68 ? 1164 12P A C23 1 
HETATM 1179 O O22 . 12P B 2 .   ? -13.528 1.372   8.515   1.00 48.47 ? 1164 12P A O22 1 
HETATM 1180 C C21 . 12P B 2 .   ? -12.185 0.896   8.795   1.00 44.47 ? 1164 12P A C21 1 
HETATM 1181 C C20 . 12P B 2 .   ? -11.090 1.954   8.674   1.00 46.04 ? 1164 12P A C20 1 
HETATM 1182 C CAL . B21 C 3 .   ? 9.458   -2.642  -3.706  1.00 60.18 ? 1165 B21 A CAL 1 
HETATM 1183 O OAP . B21 C 3 .   ? 10.209  -2.519  -2.505  1.00 59.51 ? 1165 B21 A OAP 1 
HETATM 1184 C CAH . B21 C 3 .   ? 10.042  -3.336  -1.410  1.00 58.29 ? 1165 B21 A CAH 1 
HETATM 1185 C CAK . B21 C 3 .   ? 9.153   -4.427  -1.354  1.00 58.52 ? 1165 B21 A CAK 1 
HETATM 1186 C CAI . B21 C 3 .   ? 9.048   -5.240  -0.205  1.00 56.25 ? 1165 B21 A CAI 1 
HETATM 1187 C CAJ . B21 C 3 .   ? 9.813   -4.972  0.926   1.00 55.69 ? 1165 B21 A CAJ 1 
HETATM 1188 C CAG . B21 C 3 .   ? 10.687  -3.883  0.870   1.00 58.55 ? 1165 B21 A CAG 1 
HETATM 1189 C CAF . B21 C 3 .   ? 10.810  -3.057  -0.286  1.00 59.27 ? 1165 B21 A CAF 1 
HETATM 1190 C CAB . B21 C 3 .   ? 11.711  -1.977  -0.296  1.00 58.18 ? 1165 B21 A CAB 1 
HETATM 1191 O OAM . B21 C 3 .   ? 12.512  -1.682  0.769   1.00 58.83 ? 1165 B21 A OAM 1 
HETATM 1192 C CAD . B21 C 3 .   ? 11.987  -1.039  -1.305  1.00 58.75 ? 1165 B21 A CAD 1 
HETATM 1193 C CAC . B21 C 3 .   ? 12.958  -0.149  -0.837  1.00 59.35 ? 1165 B21 A CAC 1 
HETATM 1194 C CAA . B21 C 3 .   ? 13.253  -0.564  0.468   1.00 57.86 ? 1165 B21 A CAA 1 
HETATM 1195 C CAE . B21 C 3 .   ? 14.197  -0.119  1.568   1.00 56.40 ? 1165 B21 A CAE 1 
HETATM 1196 O OAO . B21 C 3 .   ? 14.839  0.950   1.418   1.00 55.25 ? 1165 B21 A OAO 1 
HETATM 1197 O OAN . B21 C 3 .   ? 14.372  -0.838  2.601   1.00 52.34 ? 1165 B21 A OAN 1 
HETATM 1198 O O   . HOH D 4 .   ? -12.779 -14.403 1.794   1.00 44.63 ? 2001 HOH A O   1 
HETATM 1199 O O   . HOH D 4 .   ? -8.046  -11.761 -3.027  1.00 37.28 ? 2002 HOH A O   1 
HETATM 1200 O O   . HOH D 4 .   ? -10.234 -14.149 5.538   1.00 46.64 ? 2003 HOH A O   1 
HETATM 1201 O O   . HOH D 4 .   ? -17.844 4.385   8.346   1.00 47.78 ? 2004 HOH A O   1 
HETATM 1202 O O   . HOH D 4 .   ? -7.829  -0.047  12.261  1.00 39.17 ? 2005 HOH A O   1 
HETATM 1203 O O   . HOH D 4 .   ? -15.202 1.570   11.702  1.00 37.75 ? 2006 HOH A O   1 
HETATM 1204 O O   . HOH D 4 .   ? -11.550 4.479   7.014   1.00 43.96 ? 2007 HOH A O   1 
HETATM 1205 O O   . HOH D 4 .   ? -0.501  15.734  -0.054  1.00 42.20 ? 2008 HOH A O   1 
HETATM 1206 O O   . HOH D 4 .   ? -20.433 6.138   3.855   1.00 31.14 ? 2009 HOH A O   1 
HETATM 1207 O O   . HOH D 4 .   ? -25.477 -2.620  5.686   1.00 43.37 ? 2010 HOH A O   1 
HETATM 1208 O O   . HOH D 4 .   ? -10.789 -3.220  9.926   1.00 44.94 ? 2011 HOH A O   1 
HETATM 1209 O O   . HOH D 4 .   ? -4.051  -7.285  8.291   1.00 20.46 ? 2012 HOH A O   1 
HETATM 1210 O O   . HOH D 4 .   ? -7.526  -6.216  -1.203  1.00 26.59 ? 2013 HOH A O   1 
HETATM 1211 O O   . HOH D 4 .   ? -12.125 2.271   5.723   1.00 32.93 ? 2014 HOH A O   1 
HETATM 1212 O O   . HOH D 4 .   ? 9.866   13.852  9.407   1.00 40.14 ? 2015 HOH A O   1 
HETATM 1213 O O   . HOH D 4 .   ? -20.524 5.314   0.565   1.00 37.98 ? 2016 HOH A O   1 
HETATM 1214 O O   . HOH D 4 .   ? -15.933 1.484   -0.873  1.00 28.81 ? 2017 HOH A O   1 
HETATM 1215 O O   . HOH D 4 .   ? -20.223 2.710   -5.134  1.00 44.49 ? 2018 HOH A O   1 
HETATM 1216 O O   . HOH D 4 .   ? -1.275  14.029  2.452   1.00 42.87 ? 2019 HOH A O   1 
HETATM 1217 O O   . HOH D 4 .   ? -15.365 -7.420  -8.061  1.00 38.46 ? 2020 HOH A O   1 
HETATM 1218 O O   . HOH D 4 .   ? -15.787 -12.597 -6.230  1.00 54.71 ? 2021 HOH A O   1 
HETATM 1219 O O   . HOH D 4 .   ? 3.946   -16.183 -8.651  1.00 40.85 ? 2022 HOH A O   1 
HETATM 1220 O O   . HOH D 4 .   ? -0.393  -10.342 -14.308 1.00 41.26 ? 2023 HOH A O   1 
HETATM 1221 O O   . HOH D 4 .   ? 5.631   -15.020 -16.282 1.00 49.12 ? 2024 HOH A O   1 
HETATM 1222 O O   . HOH D 4 .   ? 2.868   3.838   -10.983 1.00 37.00 ? 2025 HOH A O   1 
HETATM 1223 O O   . HOH D 4 .   ? 9.755   -15.654 1.750   1.00 45.08 ? 2026 HOH A O   1 
HETATM 1224 O O   . HOH D 4 .   ? 11.577  -2.285  15.460  1.00 44.96 ? 2027 HOH A O   1 
HETATM 1225 O O   . HOH D 4 .   ? 15.887  2.064   11.825  1.00 44.10 ? 2028 HOH A O   1 
HETATM 1226 O O   . HOH D 4 .   ? 18.766  -0.921  3.408   1.00 53.60 ? 2029 HOH A O   1 
HETATM 1227 O O   . HOH D 4 .   ? 19.144  6.635   0.412   1.00 48.36 ? 2030 HOH A O   1 
HETATM 1228 O O   . HOH D 4 .   ? 14.009  0.838   5.120   1.00 33.72 ? 2031 HOH A O   1 
HETATM 1229 O O   . HOH D 4 .   ? 20.723  4.065   6.471   1.00 58.79 ? 2032 HOH A O   1 
HETATM 1230 O O   . HOH D 4 .   ? 15.746  6.204   -1.737  1.00 23.68 ? 2033 HOH A O   1 
HETATM 1231 O O   . HOH D 4 .   ? 19.546  8.026   -3.239  1.00 38.66 ? 2034 HOH A O   1 
HETATM 1232 O O   . HOH D 4 .   ? 13.342  16.229  -1.141  1.00 45.14 ? 2035 HOH A O   1 
HETATM 1233 O O   . HOH D 4 .   ? 6.826   13.939  4.478   1.00 33.02 ? 2036 HOH A O   1 
HETATM 1234 O O   . HOH D 4 .   ? 11.412  11.962  9.038   1.00 32.36 ? 2037 HOH A O   1 
HETATM 1235 O O   . HOH D 4 .   ? 18.325  15.181  3.996   1.00 38.15 ? 2038 HOH A O   1 
HETATM 1236 O O   . HOH D 4 .   ? 18.373  14.178  7.013   1.00 40.90 ? 2039 HOH A O   1 
HETATM 1237 O O   . HOH D 4 .   ? 7.436   13.174  8.095   1.00 39.86 ? 2040 HOH A O   1 
HETATM 1238 O O   . HOH D 4 .   ? 4.681   10.097  16.884  1.00 42.16 ? 2041 HOH A O   1 
HETATM 1239 O O   . HOH D 4 .   ? 9.517   4.084   14.899  1.00 64.27 ? 2042 HOH A O   1 
HETATM 1240 O O   . HOH D 4 .   ? 4.864   -2.872  12.975  1.00 40.16 ? 2043 HOH A O   1 
HETATM 1241 O O   . HOH D 4 .   ? 9.215   -2.645  14.041  1.00 45.33 ? 2044 HOH A O   1 
HETATM 1242 O O   . HOH D 4 .   ? 1.901   2.383   15.300  1.00 51.26 ? 2045 HOH A O   1 
HETATM 1243 O O   . HOH D 4 .   ? 2.617   11.894  10.465  1.00 44.49 ? 2046 HOH A O   1 
HETATM 1244 O O   . HOH D 4 .   ? -0.622  12.482  4.405   1.00 37.44 ? 2047 HOH A O   1 
HETATM 1245 O O   . HOH D 4 .   ? -3.598  7.986   10.957  1.00 41.05 ? 2048 HOH A O   1 
HETATM 1246 O O   . HOH D 4 .   ? -7.100  6.531   5.332   1.00 38.16 ? 2049 HOH A O   1 
HETATM 1247 O O   . HOH D 4 .   ? 6.027   11.476  3.642   1.00 32.19 ? 2050 HOH A O   1 
HETATM 1248 O O   . HOH D 4 .   ? 3.606   14.818  2.804   1.00 41.56 ? 2051 HOH A O   1 
HETATM 1249 O O   . HOH D 4 .   ? -10.236 12.055  8.213   1.00 58.53 ? 2052 HOH A O   1 
HETATM 1250 O O   . HOH D 4 .   ? -7.221  8.586   -7.371  1.00 28.32 ? 2053 HOH A O   1 
HETATM 1251 O O   . HOH D 4 .   ? -12.509 5.948   -3.717  1.00 33.88 ? 2054 HOH A O   1 
HETATM 1252 O O   . HOH D 4 .   ? -13.155 2.343   -0.289  1.00 36.55 ? 2055 HOH A O   1 
HETATM 1253 O O   . HOH D 4 .   ? -8.388  0.394   0.842   1.00 19.22 ? 2056 HOH A O   1 
HETATM 1254 O O   . HOH D 4 .   ? -7.135  18.587  -6.076  1.00 48.57 ? 2057 HOH A O   1 
HETATM 1255 O O   . HOH D 4 .   ? -9.132  14.768  -0.201  1.00 34.23 ? 2058 HOH A O   1 
HETATM 1256 O O   . HOH D 4 .   ? -3.534  17.676  -1.966  1.00 46.26 ? 2059 HOH A O   1 
HETATM 1257 O O   . HOH D 4 .   ? -0.203  2.877   -13.888 1.00 47.85 ? 2060 HOH A O   1 
HETATM 1258 O O   . HOH D 4 .   ? 10.439  11.859  -7.639  1.00 36.98 ? 2061 HOH A O   1 
HETATM 1259 O O   . HOH D 4 .   ? 7.789   9.899   -11.287 1.00 37.01 ? 2062 HOH A O   1 
HETATM 1260 O O   . HOH D 4 .   ? 6.332   17.692  -3.607  1.00 33.73 ? 2063 HOH A O   1 
HETATM 1261 O O   . HOH D 4 .   ? 8.363   16.152  -3.358  1.00 50.33 ? 2064 HOH A O   1 
HETATM 1262 O O   . HOH D 4 .   ? 7.896   9.775   2.761   1.00 28.45 ? 2065 HOH A O   1 
HETATM 1263 O O   . HOH D 4 .   ? 11.142  11.045  3.752   1.00 32.65 ? 2066 HOH A O   1 
HETATM 1264 O O   . HOH D 4 .   ? 15.092  4.201   -0.067  1.00 31.70 ? 2067 HOH A O   1 
HETATM 1265 O O   . HOH D 4 .   ? 14.501  2.312   -2.367  1.00 49.19 ? 2068 HOH A O   1 
HETATM 1266 O O   . HOH D 4 .   ? 13.843  3.002   -10.536 1.00 42.58 ? 2069 HOH A O   1 
HETATM 1267 O O   . HOH D 4 .   ? 7.765   4.307   -4.910  1.00 16.00 ? 2070 HOH A O   1 
HETATM 1268 O O   . HOH D 4 .   ? 13.699  13.701  -9.333  1.00 30.53 ? 2071 HOH A O   1 
HETATM 1269 O O   . HOH D 4 .   ? 9.327   8.583   -14.872 1.00 28.41 ? 2072 HOH A O   1 
HETATM 1270 O O   . HOH D 4 .   ? 5.342   3.088   -17.247 1.00 37.77 ? 2073 HOH A O   1 
HETATM 1271 O O   . HOH D 4 .   ? 7.105   9.954   -14.422 1.00 30.56 ? 2074 HOH A O   1 
HETATM 1272 O O   . HOH D 4 .   ? 4.457   12.245  -11.657 1.00 43.81 ? 2075 HOH A O   1 
HETATM 1273 O O   . HOH D 4 .   ? 6.051   12.246  -16.013 1.00 38.82 ? 2076 HOH A O   1 
HETATM 1274 O O   . HOH D 4 .   ? 9.960   -6.276  -11.679 1.00 36.35 ? 2077 HOH A O   1 
HETATM 1275 O O   . HOH D 4 .   ? 7.855   -11.711 -4.188  1.00 50.18 ? 2078 HOH A O   1 
HETATM 1276 O O   . HOH D 4 .   ? 12.990  -12.554 0.207   1.00 43.41 ? 2079 HOH A O   1 
HETATM 1277 O O   . HOH D 4 .   ? 8.917   -7.838  5.835   1.00 38.62 ? 2080 HOH A O   1 
HETATM 1278 O O   . HOH D 4 .   ? 8.669   -13.722 -1.067  1.00 43.37 ? 2081 HOH A O   1 
HETATM 1279 O O   . HOH D 4 .   ? -1.535  -13.122 -1.343  1.00 33.30 ? 2082 HOH A O   1 
HETATM 1280 O O   . HOH D 4 .   ? 2.328   -16.265 1.259   1.00 36.22 ? 2083 HOH A O   1 
HETATM 1281 O O   . HOH D 4 .   ? -6.121  -11.354 -6.728  1.00 34.91 ? 2084 HOH A O   1 
HETATM 1282 O O   . HOH D 4 .   ? -6.090  1.180   -10.869 1.00 41.33 ? 2085 HOH A O   1 
HETATM 1283 O O   . HOH D 4 .   ? -7.261  1.660   -7.061  1.00 37.20 ? 2086 HOH A O   1 
HETATM 1284 O O   . HOH D 4 .   ? -8.320  -7.894  -3.313  1.00 25.19 ? 2087 HOH A O   1 
HETATM 1285 O O   . HOH D 4 .   ? -8.992  -0.155  -1.446  1.00 34.02 ? 2088 HOH A O   1 
HETATM 1286 O O   . HOH D 4 .   ? 2.791   -0.533  -11.708 1.00 21.91 ? 2089 HOH A O   1 
HETATM 1287 O O   . HOH D 4 .   ? 2.544   -8.714  -15.597 1.00 46.10 ? 2090 HOH A O   1 
# 
loop_
_pdbx_poly_seq_scheme.asym_id 
_pdbx_poly_seq_scheme.entity_id 
_pdbx_poly_seq_scheme.seq_id 
_pdbx_poly_seq_scheme.mon_id 
_pdbx_poly_seq_scheme.ndb_seq_num 
_pdbx_poly_seq_scheme.pdb_seq_num 
_pdbx_poly_seq_scheme.auth_seq_num 
_pdbx_poly_seq_scheme.pdb_mon_id 
_pdbx_poly_seq_scheme.auth_mon_id 
_pdbx_poly_seq_scheme.pdb_strand_id 
_pdbx_poly_seq_scheme.pdb_ins_code 
_pdbx_poly_seq_scheme.hetero 
A 1 1   GLY 1   -3  ?   ?   ?   A . n 
A 1 2   SER 2   -2  ?   ?   ?   A . n 
A 1 3   HIS 3   -1  ?   ?   ?   A . n 
A 1 4   GLY 4   0   ?   ?   ?   A . n 
A 1 5   MET 5   1   ?   ?   ?   A . n 
A 1 6   ALA 6   2   ?   ?   ?   A . n 
A 1 7   ASP 7   3   ?   ?   ?   A . n 
A 1 8   GLU 8   4   ?   ?   ?   A . n 
A 1 9   GLU 9   5   ?   ?   ?   A . n 
A 1 10  LYS 10  6   ?   ?   ?   A . n 
A 1 11  LEU 11  7   7   LEU LEU A . n 
A 1 12  PRO 12  8   8   PRO PRO A . n 
A 1 13  PRO 13  9   9   PRO PRO A . n 
A 1 14  GLY 14  10  10  GLY GLY A . n 
A 1 15  TRP 15  11  11  TRP TRP A . n 
A 1 16  GLU 16  12  12  GLU GLU A . n 
A 1 17  LYS 17  13  13  LYS LYS A . n 
A 1 18  ALA 18  14  14  ALA ALA A . n 
A 1 19  MET 19  15  15  MET MET A . n 
A 1 20  SER 20  16  16  SER SER A . n 
A 1 21  ARG 21  17  17  ARG ARG A . n 
A 1 22  SER 22  18  18  SER SER A . n 
A 1 23  SER 23  19  19  SER SER A . n 
A 1 24  GLY 24  20  20  GLY GLY A . n 
A 1 25  ARG 25  21  21  ARG ARG A . n 
A 1 26  VAL 26  22  22  VAL VAL A . n 
A 1 27  TYR 27  23  23  TYR TYR A . n 
A 1 28  TYR 28  24  24  TYR TYR A . n 
A 1 29  PHE 29  25  25  PHE PHE A . n 
A 1 30  ASN 30  26  26  ASN ASN A . n 
A 1 31  HIS 31  27  27  HIS HIS A . n 
A 1 32  ILE 32  28  28  ILE ILE A . n 
A 1 33  THR 33  29  29  THR THR A . n 
A 1 34  ASN 34  30  30  ASN ASN A . n 
A 1 35  ALA 35  31  31  ALA ALA A . n 
A 1 36  SER 36  32  32  SER SER A . n 
A 1 37  GLN 37  33  33  GLN GLN A . n 
A 1 38  TRP 38  34  34  TRP TRP A . n 
A 1 39  GLU 39  35  35  GLU GLU A . n 
A 1 40  ARG 40  36  36  ARG ARG A . n 
A 1 41  PRO 41  37  37  PRO PRO A . n 
A 1 42  SER 42  38  38  SER SER A . n 
A 1 43  GLY 43  39  ?   ?   ?   A . n 
A 1 44  ASN 44  40  ?   ?   ?   A . n 
A 1 45  SER 45  41  ?   ?   ?   A . n 
A 1 46  SER 46  42  ?   ?   ?   A . n 
A 1 47  SER 47  43  ?   ?   ?   A . n 
A 1 48  GLY 48  44  ?   ?   ?   A . n 
A 1 49  GLY 49  45  ?   ?   ?   A . n 
A 1 50  LYS 50  46  ?   ?   ?   A . n 
A 1 51  ASN 51  47  ?   ?   ?   A . n 
A 1 52  GLY 52  48  ?   ?   ?   A . n 
A 1 53  GLN 53  49  ?   ?   ?   A . n 
A 1 54  GLY 54  50  ?   ?   ?   A . n 
A 1 55  GLU 55  51  51  GLU GLU A . n 
A 1 56  PRO 56  52  52  PRO PRO A . n 
A 1 57  ALA 57  53  53  ALA ALA A . n 
A 1 58  ARG 58  54  54  ARG ARG A . n 
A 1 59  VAL 59  55  55  VAL VAL A . n 
A 1 60  ARG 60  56  56  ARG ARG A . n 
A 1 61  CYS 61  57  57  CYS CYS A . n 
A 1 62  SER 62  58  58  SER SER A . n 
A 1 63  HIS 63  59  59  HIS HIS A . n 
A 1 64  LEU 64  60  60  LEU LEU A . n 
A 1 65  LEU 65  61  61  LEU LEU A . n 
A 1 66  VAL 66  62  62  VAL VAL A . n 
A 1 67  LYS 67  63  63  LYS LYS A . n 
A 1 68  HIS 68  64  64  HIS HIS A . n 
A 1 69  SER 69  65  65  SER SER A . n 
A 1 70  GLN 70  66  66  GLN GLN A . n 
A 1 71  SER 71  67  67  SER SER A . n 
A 1 72  ARG 72  68  68  ARG ARG A . n 
A 1 73  ARG 73  69  69  ARG ARG A . n 
A 1 74  PRO 74  70  70  PRO PRO A . n 
A 1 75  SER 75  71  71  SER SER A . n 
A 1 76  SER 76  72  72  SER SER A . n 
A 1 77  TRP 77  73  73  TRP TRP A . n 
A 1 78  ARG 78  74  74  ARG ARG A . n 
A 1 79  GLN 79  75  75  GLN GLN A . n 
A 1 80  GLU 80  76  76  GLU GLU A . n 
A 1 81  LYS 81  77  77  LYS LYS A . n 
A 1 82  ILE 82  78  78  ILE ILE A . n 
A 1 83  THR 83  79  79  THR THR A . n 
A 1 84  ARG 84  80  80  ARG ARG A . n 
A 1 85  THR 85  81  81  THR THR A . n 
A 1 86  LYS 86  82  82  LYS LYS A . n 
A 1 87  GLU 87  83  83  GLU GLU A . n 
A 1 88  GLU 88  84  84  GLU GLU A . n 
A 1 89  ALA 89  85  85  ALA ALA A . n 
A 1 90  LEU 90  86  86  LEU LEU A . n 
A 1 91  GLU 91  87  87  GLU GLU A . n 
A 1 92  LEU 92  88  88  LEU LEU A . n 
A 1 93  ILE 93  89  89  ILE ILE A . n 
A 1 94  ASN 94  90  90  ASN ASN A . n 
A 1 95  GLY 95  91  91  GLY GLY A . n 
A 1 96  TYR 96  92  92  TYR TYR A . n 
A 1 97  ILE 97  93  93  ILE ILE A . n 
A 1 98  GLN 98  94  94  GLN GLN A . n 
A 1 99  LYS 99  95  95  LYS LYS A . n 
A 1 100 ILE 100 96  96  ILE ILE A . n 
A 1 101 LYS 101 97  97  LYS LYS A . n 
A 1 102 SER 102 98  98  SER SER A . n 
A 1 103 GLY 103 99  99  GLY GLY A . n 
A 1 104 GLU 104 100 100 GLU GLU A . n 
A 1 105 GLU 105 101 101 GLU GLU A . n 
A 1 106 ASP 106 102 102 ASP ASP A . n 
A 1 107 PHE 107 103 103 PHE PHE A . n 
A 1 108 GLU 108 104 104 GLU GLU A . n 
A 1 109 SER 109 105 105 SER SER A . n 
A 1 110 LEU 110 106 106 LEU LEU A . n 
A 1 111 ALA 111 107 107 ALA ALA A . n 
A 1 112 SER 112 108 108 SER SER A . n 
A 1 113 GLN 113 109 109 GLN GLN A . n 
A 1 114 PHE 114 110 110 PHE PHE A . n 
A 1 115 SER 115 111 111 SER SER A . n 
A 1 116 ASP 116 112 112 ASP ASP A . n 
A 1 117 CYS 117 113 113 CYS CYS A . n 
A 1 118 SER 118 114 114 SER SER A . n 
A 1 119 SER 119 115 115 SER SER A . n 
A 1 120 ALA 120 116 116 ALA ALA A . n 
A 1 121 LYS 121 117 117 LYS LYS A . n 
A 1 122 ALA 122 118 118 ALA ALA A . n 
A 1 123 ARG 123 119 119 ARG ARG A . n 
A 1 124 GLY 124 120 120 GLY GLY A . n 
A 1 125 ASP 125 121 121 ASP ASP A . n 
A 1 126 LEU 126 122 122 LEU LEU A . n 
A 1 127 GLY 127 123 123 GLY GLY A . n 
A 1 128 ALA 128 124 124 ALA ALA A . n 
A 1 129 PHE 129 125 125 PHE PHE A . n 
A 1 130 SER 130 126 126 SER SER A . n 
A 1 131 ARG 131 127 127 ARG ARG A . n 
A 1 132 GLY 132 128 128 GLY GLY A . n 
A 1 133 GLN 133 129 129 GLN GLN A . n 
A 1 134 MET 134 130 130 MET MET A . n 
A 1 135 GLN 135 131 131 GLN GLN A . n 
A 1 136 LYS 136 132 132 LYS LYS A . n 
A 1 137 PRO 137 133 133 PRO PRO A . n 
A 1 138 PHE 138 134 134 PHE PHE A . n 
A 1 139 GLU 139 135 135 GLU GLU A . n 
A 1 140 ASP 140 136 136 ASP ASP A . n 
A 1 141 ALA 141 137 137 ALA ALA A . n 
A 1 142 SER 142 138 138 SER SER A . n 
A 1 143 PHE 143 139 139 PHE PHE A . n 
A 1 144 ALA 144 140 140 ALA ALA A . n 
A 1 145 LEU 145 141 141 LEU LEU A . n 
A 1 146 ARG 146 142 142 ARG ARG A . n 
A 1 147 THR 147 143 143 THR THR A . n 
A 1 148 GLY 148 144 144 GLY GLY A . n 
A 1 149 GLU 149 145 145 GLU GLU A . n 
A 1 150 MET 150 146 146 MET MET A . n 
A 1 151 SER 151 147 147 SER SER A . n 
A 1 152 GLY 152 148 148 GLY GLY A . n 
A 1 153 PRO 153 149 149 PRO PRO A . n 
A 1 154 VAL 154 150 150 VAL VAL A . n 
A 1 155 PHE 155 151 151 PHE PHE A . n 
A 1 156 THR 156 152 152 THR THR A . n 
A 1 157 ASP 157 153 153 ASP ASP A . n 
A 1 158 SER 158 154 154 SER SER A . n 
A 1 159 GLY 159 155 155 GLY GLY A . n 
A 1 160 ILE 160 156 156 ILE ILE A . n 
A 1 161 HIS 161 157 157 HIS HIS A . n 
A 1 162 ILE 162 158 158 ILE ILE A . n 
A 1 163 ILE 163 159 159 ILE ILE A . n 
A 1 164 LEU 164 160 160 LEU LEU A . n 
A 1 165 ARG 165 161 161 ARG ARG A . n 
A 1 166 THR 166 162 162 THR THR A . n 
A 1 167 GLU 167 163 163 GLU GLU A . n 
# 
loop_
_pdbx_nonpoly_scheme.asym_id 
_pdbx_nonpoly_scheme.entity_id 
_pdbx_nonpoly_scheme.mon_id 
_pdbx_nonpoly_scheme.ndb_seq_num 
_pdbx_nonpoly_scheme.pdb_seq_num 
_pdbx_nonpoly_scheme.auth_seq_num 
_pdbx_nonpoly_scheme.pdb_mon_id 
_pdbx_nonpoly_scheme.auth_mon_id 
_pdbx_nonpoly_scheme.pdb_strand_id 
_pdbx_nonpoly_scheme.pdb_ins_code 
B 2 12P 1  1164 1164 12P 12P A . 
C 3 B21 1  1165 1165 B21 B21 A . 
D 4 HOH 1  2001 2001 HOH HOH A . 
D 4 HOH 2  2002 2002 HOH HOH A . 
D 4 HOH 3  2003 2003 HOH HOH A . 
D 4 HOH 4  2004 2004 HOH HOH A . 
D 4 HOH 5  2005 2005 HOH HOH A . 
D 4 HOH 6  2006 2006 HOH HOH A . 
D 4 HOH 7  2007 2007 HOH HOH A . 
D 4 HOH 8  2008 2008 HOH HOH A . 
D 4 HOH 9  2009 2009 HOH HOH A . 
D 4 HOH 10 2010 2010 HOH HOH A . 
D 4 HOH 11 2011 2011 HOH HOH A . 
D 4 HOH 12 2012 2012 HOH HOH A . 
D 4 HOH 13 2013 2013 HOH HOH A . 
D 4 HOH 14 2014 2014 HOH HOH A . 
D 4 HOH 15 2015 2015 HOH HOH A . 
D 4 HOH 16 2016 2016 HOH HOH A . 
D 4 HOH 17 2017 2017 HOH HOH A . 
D 4 HOH 18 2018 2018 HOH HOH A . 
D 4 HOH 19 2019 2019 HOH HOH A . 
D 4 HOH 20 2020 2020 HOH HOH A . 
D 4 HOH 21 2021 2021 HOH HOH A . 
D 4 HOH 22 2022 2022 HOH HOH A . 
D 4 HOH 23 2023 2023 HOH HOH A . 
D 4 HOH 24 2024 2024 HOH HOH A . 
D 4 HOH 25 2025 2025 HOH HOH A . 
D 4 HOH 26 2026 2026 HOH HOH A . 
D 4 HOH 27 2027 2027 HOH HOH A . 
D 4 HOH 28 2028 2028 HOH HOH A . 
D 4 HOH 29 2029 2029 HOH HOH A . 
D 4 HOH 30 2030 2030 HOH HOH A . 
D 4 HOH 31 2031 2031 HOH HOH A . 
D 4 HOH 32 2032 2032 HOH HOH A . 
D 4 HOH 33 2033 2033 HOH HOH A . 
D 4 HOH 34 2034 2034 HOH HOH A . 
D 4 HOH 35 2035 2035 HOH HOH A . 
D 4 HOH 36 2036 2036 HOH HOH A . 
D 4 HOH 37 2037 2037 HOH HOH A . 
D 4 HOH 38 2038 2038 HOH HOH A . 
D 4 HOH 39 2039 2039 HOH HOH A . 
D 4 HOH 40 2040 2040 HOH HOH A . 
D 4 HOH 41 2041 2041 HOH HOH A . 
D 4 HOH 42 2042 2042 HOH HOH A . 
D 4 HOH 43 2043 2043 HOH HOH A . 
D 4 HOH 44 2044 2044 HOH HOH A . 
D 4 HOH 45 2045 2045 HOH HOH A . 
D 4 HOH 46 2046 2046 HOH HOH A . 
D 4 HOH 47 2047 2047 HOH HOH A . 
D 4 HOH 48 2048 2048 HOH HOH A . 
D 4 HOH 49 2049 2049 HOH HOH A . 
D 4 HOH 50 2050 2050 HOH HOH A . 
D 4 HOH 51 2051 2051 HOH HOH A . 
D 4 HOH 52 2052 2052 HOH HOH A . 
D 4 HOH 53 2053 2053 HOH HOH A . 
D 4 HOH 54 2054 2054 HOH HOH A . 
D 4 HOH 55 2055 2055 HOH HOH A . 
D 4 HOH 56 2056 2056 HOH HOH A . 
D 4 HOH 57 2057 2057 HOH HOH A . 
D 4 HOH 58 2058 2058 HOH HOH A . 
D 4 HOH 59 2059 2059 HOH HOH A . 
D 4 HOH 60 2060 2060 HOH HOH A . 
D 4 HOH 61 2061 2061 HOH HOH A . 
D 4 HOH 62 2062 2062 HOH HOH A . 
D 4 HOH 63 2063 2063 HOH HOH A . 
D 4 HOH 64 2064 2064 HOH HOH A . 
D 4 HOH 65 2065 2065 HOH HOH A . 
D 4 HOH 66 2066 2066 HOH HOH A . 
D 4 HOH 67 2067 2067 HOH HOH A . 
D 4 HOH 68 2068 2068 HOH HOH A . 
D 4 HOH 69 2069 2069 HOH HOH A . 
D 4 HOH 70 2070 2070 HOH HOH A . 
D 4 HOH 71 2071 2071 HOH HOH A . 
D 4 HOH 72 2072 2072 HOH HOH A . 
D 4 HOH 73 2073 2073 HOH HOH A . 
D 4 HOH 74 2074 2074 HOH HOH A . 
D 4 HOH 75 2075 2075 HOH HOH A . 
D 4 HOH 76 2076 2076 HOH HOH A . 
D 4 HOH 77 2077 2077 HOH HOH A . 
D 4 HOH 78 2078 2078 HOH HOH A . 
D 4 HOH 79 2079 2079 HOH HOH A . 
D 4 HOH 80 2080 2080 HOH HOH A . 
D 4 HOH 81 2081 2081 HOH HOH A . 
D 4 HOH 82 2082 2082 HOH HOH A . 
D 4 HOH 83 2083 2083 HOH HOH A . 
D 4 HOH 84 2084 2084 HOH HOH A . 
D 4 HOH 85 2085 2085 HOH HOH A . 
D 4 HOH 86 2086 2086 HOH HOH A . 
D 4 HOH 87 2087 2087 HOH HOH A . 
D 4 HOH 88 2088 2088 HOH HOH A . 
D 4 HOH 89 2089 2089 HOH HOH A . 
D 4 HOH 90 2090 2090 HOH HOH A . 
# 
_pdbx_struct_assembly.id                   1 
_pdbx_struct_assembly.details              author_and_software_defined_assembly 
_pdbx_struct_assembly.method_details       PISA 
_pdbx_struct_assembly.oligomeric_details   monomeric 
_pdbx_struct_assembly.oligomeric_count     1 
# 
_pdbx_struct_assembly_gen.assembly_id       1 
_pdbx_struct_assembly_gen.oper_expression   1 
_pdbx_struct_assembly_gen.asym_id_list      A,B,C,D 
# 
_pdbx_struct_oper_list.id                   1 
_pdbx_struct_oper_list.type                 'identity operation' 
_pdbx_struct_oper_list.name                 1_555 
_pdbx_struct_oper_list.symmetry_operation   x,y,z 
_pdbx_struct_oper_list.matrix[1][1]         1.0000000000 
_pdbx_struct_oper_list.matrix[1][2]         0.0000000000 
_pdbx_struct_oper_list.matrix[1][3]         0.0000000000 
_pdbx_struct_oper_list.vector[1]            0.0000000000 
_pdbx_struct_oper_list.matrix[2][1]         0.0000000000 
_pdbx_struct_oper_list.matrix[2][2]         1.0000000000 
_pdbx_struct_oper_list.matrix[2][3]         0.0000000000 
_pdbx_struct_oper_list.vector[2]            0.0000000000 
_pdbx_struct_oper_list.matrix[3][1]         0.0000000000 
_pdbx_struct_oper_list.matrix[3][2]         0.0000000000 
_pdbx_struct_oper_list.matrix[3][3]         1.0000000000 
_pdbx_struct_oper_list.vector[3]            0.0000000000 
# 
loop_
_pdbx_audit_revision_history.ordinal 
_pdbx_audit_revision_history.data_content_type 
_pdbx_audit_revision_history.major_revision 
_pdbx_audit_revision_history.minor_revision 
_pdbx_audit_revision_history.revision_date 
1 'Structure model' 1 0 2011-01-12 
2 'Structure model' 1 1 2011-05-08 
3 'Structure model' 1 2 2011-07-13 
4 'Structure model' 1 3 2019-01-30 
5 'Structure model' 1 4 2019-02-06 
6 'Structure model' 1 5 2023-12-20 
# 
_pdbx_audit_revision_details.ordinal             1 
_pdbx_audit_revision_details.revision_ordinal    1 
_pdbx_audit_revision_details.data_content_type   'Structure model' 
_pdbx_audit_revision_details.provider            repository 
_pdbx_audit_revision_details.type                'Initial release' 
_pdbx_audit_revision_details.description         ? 
_pdbx_audit_revision_details.details             ? 
# 
loop_
_pdbx_audit_revision_group.ordinal 
_pdbx_audit_revision_group.revision_ordinal 
_pdbx_audit_revision_group.data_content_type 
_pdbx_audit_revision_group.group 
1  2 'Structure model' 'Version format compliance' 
2  3 'Structure model' 'Version format compliance' 
3  4 'Structure model' 'Data collection'           
4  4 'Structure model' 'Experimental preparation'  
5  4 'Structure model' Other                       
6  5 'Structure model' 'Data collection'           
7  5 'Structure model' 'Experimental preparation'  
8  6 'Structure model' 'Data collection'           
9  6 'Structure model' 'Database references'       
10 6 'Structure model' 'Derived calculations'      
11 6 'Structure model' Other                       
12 6 'Structure model' 'Refinement description'    
# 
loop_
_pdbx_audit_revision_category.ordinal 
_pdbx_audit_revision_category.revision_ordinal 
_pdbx_audit_revision_category.data_content_type 
_pdbx_audit_revision_category.category 
1  4 'Structure model' exptl_crystal_grow            
2  4 'Structure model' pdbx_database_proc            
3  4 'Structure model' pdbx_database_status          
4  5 'Structure model' exptl_crystal_grow            
5  6 'Structure model' chem_comp_atom                
6  6 'Structure model' chem_comp_bond                
7  6 'Structure model' database_2                    
8  6 'Structure model' pdbx_database_status          
9  6 'Structure model' pdbx_initial_refinement_model 
10 6 'Structure model' struct_site                   
# 
loop_
_pdbx_audit_revision_item.ordinal 
_pdbx_audit_revision_item.revision_ordinal 
_pdbx_audit_revision_item.data_content_type 
_pdbx_audit_revision_item.item 
1 4 'Structure model' '_exptl_crystal_grow.method'                  
2 4 'Structure model' '_pdbx_database_status.recvd_author_approval' 
3 5 'Structure model' '_exptl_crystal_grow.temp'                    
4 6 'Structure model' '_database_2.pdbx_DOI'                        
5 6 'Structure model' '_database_2.pdbx_database_accession'         
6 6 'Structure model' '_pdbx_database_status.status_code_sf'        
7 6 'Structure model' '_struct_site.pdbx_auth_asym_id'              
8 6 'Structure model' '_struct_site.pdbx_auth_comp_id'              
9 6 'Structure model' '_struct_site.pdbx_auth_seq_id'               
# 
loop_
_software.name 
_software.classification 
_software.version 
_software.citation_id 
_software.pdbx_ordinal 
_software.date 
_software.type 
_software.location 
_software.language 
REFMAC refinement       5.5.0109 ? 1 ? ? ? ? 
d*TREK 'data reduction' .        ? 2 ? ? ? ? 
d*TREK 'data scaling'   .        ? 3 ? ? ? ? 
AMoRE  phasing          .        ? 4 ? ? ? ? 
# 
_pdbx_entry_details.entry_id                 2XP3 
_pdbx_entry_details.compound_details         'ENGINEERED RESIDUE IN CHAIN A, ARG  14 TO ALA' 
_pdbx_entry_details.source_details           ? 
_pdbx_entry_details.nonpolymer_details       ? 
_pdbx_entry_details.sequence_details         ? 
_pdbx_entry_details.has_ligand_of_interest   ? 
# 
loop_
_pdbx_validate_close_contact.id 
_pdbx_validate_close_contact.PDB_model_num 
_pdbx_validate_close_contact.auth_atom_id_1 
_pdbx_validate_close_contact.auth_asym_id_1 
_pdbx_validate_close_contact.auth_comp_id_1 
_pdbx_validate_close_contact.auth_seq_id_1 
_pdbx_validate_close_contact.PDB_ins_code_1 
_pdbx_validate_close_contact.label_alt_id_1 
_pdbx_validate_close_contact.auth_atom_id_2 
_pdbx_validate_close_contact.auth_asym_id_2 
_pdbx_validate_close_contact.auth_comp_id_2 
_pdbx_validate_close_contact.auth_seq_id_2 
_pdbx_validate_close_contact.PDB_ins_code_2 
_pdbx_validate_close_contact.label_alt_id_2 
_pdbx_validate_close_contact.dist 
1 1 OE1 A GLN 131 ? ? O A HOH 2080 ? ? 1.94 
2 1 CA  A SER 38  ? ? O A HOH 2020 ? ? 2.12 
# 
loop_
_pdbx_validate_torsion.id 
_pdbx_validate_torsion.PDB_model_num 
_pdbx_validate_torsion.auth_comp_id 
_pdbx_validate_torsion.auth_asym_id 
_pdbx_validate_torsion.auth_seq_id 
_pdbx_validate_torsion.PDB_ins_code 
_pdbx_validate_torsion.label_alt_id 
_pdbx_validate_torsion.phi 
_pdbx_validate_torsion.psi 
1 1 PRO A 70  ? ? -70.85 44.33 
2 1 SER A 115 ? ? -59.38 -9.54 
# 
_pdbx_distant_solvent_atoms.id                                1 
_pdbx_distant_solvent_atoms.PDB_model_num                     1 
_pdbx_distant_solvent_atoms.auth_atom_id                      O 
_pdbx_distant_solvent_atoms.label_alt_id                      ? 
_pdbx_distant_solvent_atoms.auth_asym_id                      A 
_pdbx_distant_solvent_atoms.auth_comp_id                      HOH 
_pdbx_distant_solvent_atoms.auth_seq_id                       2005 
_pdbx_distant_solvent_atoms.PDB_ins_code                      ? 
_pdbx_distant_solvent_atoms.neighbor_macromolecule_distance   . 
_pdbx_distant_solvent_atoms.neighbor_ligand_distance          6.96 
# 
loop_
_pdbx_unobs_or_zero_occ_atoms.id 
_pdbx_unobs_or_zero_occ_atoms.PDB_model_num 
_pdbx_unobs_or_zero_occ_atoms.polymer_flag 
_pdbx_unobs_or_zero_occ_atoms.occupancy_flag 
_pdbx_unobs_or_zero_occ_atoms.auth_asym_id 
_pdbx_unobs_or_zero_occ_atoms.auth_comp_id 
_pdbx_unobs_or_zero_occ_atoms.auth_seq_id 
_pdbx_unobs_or_zero_occ_atoms.PDB_ins_code 
_pdbx_unobs_or_zero_occ_atoms.auth_atom_id 
_pdbx_unobs_or_zero_occ_atoms.label_alt_id 
_pdbx_unobs_or_zero_occ_atoms.label_asym_id 
_pdbx_unobs_or_zero_occ_atoms.label_comp_id 
_pdbx_unobs_or_zero_occ_atoms.label_seq_id 
_pdbx_unobs_or_zero_occ_atoms.label_atom_id 
1  1 N 1 A 12P 1164 ? O37 ? B 12P 1 O37 
2  1 N 1 A 12P 1164 ? O19 ? B 12P 1 O19 
3  1 N 1 A 12P 1164 ? C18 ? B 12P 1 C18 
4  1 N 1 A 12P 1164 ? C17 ? B 12P 1 C17 
5  1 N 1 A 12P 1164 ? O16 ? B 12P 1 O16 
6  1 N 1 A 12P 1164 ? C15 ? B 12P 1 C15 
7  1 N 1 A 12P 1164 ? C14 ? B 12P 1 C14 
8  1 N 1 A 12P 1164 ? O13 ? B 12P 1 O13 
9  1 N 1 A 12P 1164 ? C12 ? B 12P 1 C12 
10 1 N 1 A 12P 1164 ? C11 ? B 12P 1 C11 
11 1 N 1 A 12P 1164 ? O10 ? B 12P 1 O10 
12 1 N 1 A 12P 1164 ? C9  ? B 12P 1 C9  
13 1 N 1 A 12P 1164 ? C8  ? B 12P 1 C8  
14 1 N 1 A 12P 1164 ? O7  ? B 12P 1 O7  
15 1 N 1 A 12P 1164 ? C6  ? B 12P 1 C6  
16 1 N 1 A 12P 1164 ? C5  ? B 12P 1 C5  
17 1 N 1 A 12P 1164 ? O4  ? B 12P 1 O4  
18 1 N 1 A 12P 1164 ? C3  ? B 12P 1 C3  
19 1 N 1 A 12P 1164 ? C2  ? B 12P 1 C2  
20 1 N 1 A 12P 1164 ? O1  ? B 12P 1 O1  
# 
loop_
_pdbx_unobs_or_zero_occ_residues.id 
_pdbx_unobs_or_zero_occ_residues.PDB_model_num 
_pdbx_unobs_or_zero_occ_residues.polymer_flag 
_pdbx_unobs_or_zero_occ_residues.occupancy_flag 
_pdbx_unobs_or_zero_occ_residues.auth_asym_id 
_pdbx_unobs_or_zero_occ_residues.auth_comp_id 
_pdbx_unobs_or_zero_occ_residues.auth_seq_id 
_pdbx_unobs_or_zero_occ_residues.PDB_ins_code 
_pdbx_unobs_or_zero_occ_residues.label_asym_id 
_pdbx_unobs_or_zero_occ_residues.label_comp_id 
_pdbx_unobs_or_zero_occ_residues.label_seq_id 
1  1 Y 1 A GLY -3 ? A GLY 1  
2  1 Y 1 A SER -2 ? A SER 2  
3  1 Y 1 A HIS -1 ? A HIS 3  
4  1 Y 1 A GLY 0  ? A GLY 4  
5  1 Y 1 A MET 1  ? A MET 5  
6  1 Y 1 A ALA 2  ? A ALA 6  
7  1 Y 1 A ASP 3  ? A ASP 7  
8  1 Y 1 A GLU 4  ? A GLU 8  
9  1 Y 1 A GLU 5  ? A GLU 9  
10 1 Y 1 A LYS 6  ? A LYS 10 
11 1 Y 1 A GLY 39 ? A GLY 43 
12 1 Y 1 A ASN 40 ? A ASN 44 
13 1 Y 1 A SER 41 ? A SER 45 
14 1 Y 1 A SER 42 ? A SER 46 
15 1 Y 1 A SER 43 ? A SER 47 
16 1 Y 1 A GLY 44 ? A GLY 48 
17 1 Y 1 A GLY 45 ? A GLY 49 
18 1 Y 1 A LYS 46 ? A LYS 50 
19 1 Y 1 A ASN 47 ? A ASN 51 
20 1 Y 1 A GLY 48 ? A GLY 52 
21 1 Y 1 A GLN 49 ? A GLN 53 
22 1 Y 1 A GLY 50 ? A GLY 54 
# 
loop_
_chem_comp_atom.comp_id 
_chem_comp_atom.atom_id 
_chem_comp_atom.type_symbol 
_chem_comp_atom.pdbx_aromatic_flag 
_chem_comp_atom.pdbx_stereo_config 
_chem_comp_atom.pdbx_ordinal 
12P O37  O N N 1   
12P C36  C N N 2   
12P C35  C N N 3   
12P O34  O N N 4   
12P C33  C N N 5   
12P C32  C N N 6   
12P O31  O N N 7   
12P C30  C N N 8   
12P C29  C N N 9   
12P O28  O N N 10  
12P C27  C N N 11  
12P C26  C N N 12  
12P O25  O N N 13  
12P C24  C N N 14  
12P C23  C N N 15  
12P O22  O N N 16  
12P C21  C N N 17  
12P C20  C N N 18  
12P O19  O N N 19  
12P C18  C N N 20  
12P C17  C N N 21  
12P O16  O N N 22  
12P C15  C N N 23  
12P C14  C N N 24  
12P O13  O N N 25  
12P C12  C N N 26  
12P C11  C N N 27  
12P O10  O N N 28  
12P C9   C N N 29  
12P C8   C N N 30  
12P O7   O N N 31  
12P C6   C N N 32  
12P C5   C N N 33  
12P O4   O N N 34  
12P C3   C N N 35  
12P C2   C N N 36  
12P O1   O N N 37  
12P H37  H N N 38  
12P H361 H N N 39  
12P H362 H N N 40  
12P H351 H N N 41  
12P H352 H N N 42  
12P H331 H N N 43  
12P H332 H N N 44  
12P H321 H N N 45  
12P H322 H N N 46  
12P H301 H N N 47  
12P H302 H N N 48  
12P H291 H N N 49  
12P H292 H N N 50  
12P H271 H N N 51  
12P H272 H N N 52  
12P H261 H N N 53  
12P H262 H N N 54  
12P H241 H N N 55  
12P H242 H N N 56  
12P H231 H N N 57  
12P H232 H N N 58  
12P H211 H N N 59  
12P H212 H N N 60  
12P H201 H N N 61  
12P H202 H N N 62  
12P H181 H N N 63  
12P H182 H N N 64  
12P H171 H N N 65  
12P H172 H N N 66  
12P H151 H N N 67  
12P H152 H N N 68  
12P H141 H N N 69  
12P H142 H N N 70  
12P H121 H N N 71  
12P H122 H N N 72  
12P H111 H N N 73  
12P H112 H N N 74  
12P H91  H N N 75  
12P H92  H N N 76  
12P H81  H N N 77  
12P H82  H N N 78  
12P H61  H N N 79  
12P H62  H N N 80  
12P H51  H N N 81  
12P H52  H N N 82  
12P H31  H N N 83  
12P H32  H N N 84  
12P H21  H N N 85  
12P H22  H N N 86  
12P HO1  H N N 87  
ALA N    N N N 88  
ALA CA   C N S 89  
ALA C    C N N 90  
ALA O    O N N 91  
ALA CB   C N N 92  
ALA OXT  O N N 93  
ALA H    H N N 94  
ALA H2   H N N 95  
ALA HA   H N N 96  
ALA HB1  H N N 97  
ALA HB2  H N N 98  
ALA HB3  H N N 99  
ALA HXT  H N N 100 
ARG N    N N N 101 
ARG CA   C N S 102 
ARG C    C N N 103 
ARG O    O N N 104 
ARG CB   C N N 105 
ARG CG   C N N 106 
ARG CD   C N N 107 
ARG NE   N N N 108 
ARG CZ   C N N 109 
ARG NH1  N N N 110 
ARG NH2  N N N 111 
ARG OXT  O N N 112 
ARG H    H N N 113 
ARG H2   H N N 114 
ARG HA   H N N 115 
ARG HB2  H N N 116 
ARG HB3  H N N 117 
ARG HG2  H N N 118 
ARG HG3  H N N 119 
ARG HD2  H N N 120 
ARG HD3  H N N 121 
ARG HE   H N N 122 
ARG HH11 H N N 123 
ARG HH12 H N N 124 
ARG HH21 H N N 125 
ARG HH22 H N N 126 
ARG HXT  H N N 127 
ASN N    N N N 128 
ASN CA   C N S 129 
ASN C    C N N 130 
ASN O    O N N 131 
ASN CB   C N N 132 
ASN CG   C N N 133 
ASN OD1  O N N 134 
ASN ND2  N N N 135 
ASN OXT  O N N 136 
ASN H    H N N 137 
ASN H2   H N N 138 
ASN HA   H N N 139 
ASN HB2  H N N 140 
ASN HB3  H N N 141 
ASN HD21 H N N 142 
ASN HD22 H N N 143 
ASN HXT  H N N 144 
ASP N    N N N 145 
ASP CA   C N S 146 
ASP C    C N N 147 
ASP O    O N N 148 
ASP CB   C N N 149 
ASP CG   C N N 150 
ASP OD1  O N N 151 
ASP OD2  O N N 152 
ASP OXT  O N N 153 
ASP H    H N N 154 
ASP H2   H N N 155 
ASP HA   H N N 156 
ASP HB2  H N N 157 
ASP HB3  H N N 158 
ASP HD2  H N N 159 
ASP HXT  H N N 160 
B21 CAL  C N N 161 
B21 OAP  O N N 162 
B21 CAH  C Y N 163 
B21 CAK  C Y N 164 
B21 CAI  C Y N 165 
B21 CAJ  C Y N 166 
B21 CAG  C Y N 167 
B21 CAF  C Y N 168 
B21 CAB  C Y N 169 
B21 OAM  O Y N 170 
B21 CAD  C Y N 171 
B21 CAC  C Y N 172 
B21 CAA  C Y N 173 
B21 CAE  C N N 174 
B21 OAO  O N N 175 
B21 OAN  O N N 176 
B21 HAL1 H N N 177 
B21 HAL2 H N N 178 
B21 HAL3 H N N 179 
B21 HAK  H N N 180 
B21 HAI  H N N 181 
B21 HAJ  H N N 182 
B21 HAG  H N N 183 
B21 HAD  H N N 184 
B21 HAC  H N N 185 
B21 HOAN H N N 186 
CYS N    N N N 187 
CYS CA   C N R 188 
CYS C    C N N 189 
CYS O    O N N 190 
CYS CB   C N N 191 
CYS SG   S N N 192 
CYS OXT  O N N 193 
CYS H    H N N 194 
CYS H2   H N N 195 
CYS HA   H N N 196 
CYS HB2  H N N 197 
CYS HB3  H N N 198 
CYS HG   H N N 199 
CYS HXT  H N N 200 
GLN N    N N N 201 
GLN CA   C N S 202 
GLN C    C N N 203 
GLN O    O N N 204 
GLN CB   C N N 205 
GLN CG   C N N 206 
GLN CD   C N N 207 
GLN OE1  O N N 208 
GLN NE2  N N N 209 
GLN OXT  O N N 210 
GLN H    H N N 211 
GLN H2   H N N 212 
GLN HA   H N N 213 
GLN HB2  H N N 214 
GLN HB3  H N N 215 
GLN HG2  H N N 216 
GLN HG3  H N N 217 
GLN HE21 H N N 218 
GLN HE22 H N N 219 
GLN HXT  H N N 220 
GLU N    N N N 221 
GLU CA   C N S 222 
GLU C    C N N 223 
GLU O    O N N 224 
GLU CB   C N N 225 
GLU CG   C N N 226 
GLU CD   C N N 227 
GLU OE1  O N N 228 
GLU OE2  O N N 229 
GLU OXT  O N N 230 
GLU H    H N N 231 
GLU H2   H N N 232 
GLU HA   H N N 233 
GLU HB2  H N N 234 
GLU HB3  H N N 235 
GLU HG2  H N N 236 
GLU HG3  H N N 237 
GLU HE2  H N N 238 
GLU HXT  H N N 239 
GLY N    N N N 240 
GLY CA   C N N 241 
GLY C    C N N 242 
GLY O    O N N 243 
GLY OXT  O N N 244 
GLY H    H N N 245 
GLY H2   H N N 246 
GLY HA2  H N N 247 
GLY HA3  H N N 248 
GLY HXT  H N N 249 
HIS N    N N N 250 
HIS CA   C N S 251 
HIS C    C N N 252 
HIS O    O N N 253 
HIS CB   C N N 254 
HIS CG   C Y N 255 
HIS ND1  N Y N 256 
HIS CD2  C Y N 257 
HIS CE1  C Y N 258 
HIS NE2  N Y N 259 
HIS OXT  O N N 260 
HIS H    H N N 261 
HIS H2   H N N 262 
HIS HA   H N N 263 
HIS HB2  H N N 264 
HIS HB3  H N N 265 
HIS HD1  H N N 266 
HIS HD2  H N N 267 
HIS HE1  H N N 268 
HIS HE2  H N N 269 
HIS HXT  H N N 270 
HOH O    O N N 271 
HOH H1   H N N 272 
HOH H2   H N N 273 
ILE N    N N N 274 
ILE CA   C N S 275 
ILE C    C N N 276 
ILE O    O N N 277 
ILE CB   C N S 278 
ILE CG1  C N N 279 
ILE CG2  C N N 280 
ILE CD1  C N N 281 
ILE OXT  O N N 282 
ILE H    H N N 283 
ILE H2   H N N 284 
ILE HA   H N N 285 
ILE HB   H N N 286 
ILE HG12 H N N 287 
ILE HG13 H N N 288 
ILE HG21 H N N 289 
ILE HG22 H N N 290 
ILE HG23 H N N 291 
ILE HD11 H N N 292 
ILE HD12 H N N 293 
ILE HD13 H N N 294 
ILE HXT  H N N 295 
LEU N    N N N 296 
LEU CA   C N S 297 
LEU C    C N N 298 
LEU O    O N N 299 
LEU CB   C N N 300 
LEU CG   C N N 301 
LEU CD1  C N N 302 
LEU CD2  C N N 303 
LEU OXT  O N N 304 
LEU H    H N N 305 
LEU H2   H N N 306 
LEU HA   H N N 307 
LEU HB2  H N N 308 
LEU HB3  H N N 309 
LEU HG   H N N 310 
LEU HD11 H N N 311 
LEU HD12 H N N 312 
LEU HD13 H N N 313 
LEU HD21 H N N 314 
LEU HD22 H N N 315 
LEU HD23 H N N 316 
LEU HXT  H N N 317 
LYS N    N N N 318 
LYS CA   C N S 319 
LYS C    C N N 320 
LYS O    O N N 321 
LYS CB   C N N 322 
LYS CG   C N N 323 
LYS CD   C N N 324 
LYS CE   C N N 325 
LYS NZ   N N N 326 
LYS OXT  O N N 327 
LYS H    H N N 328 
LYS H2   H N N 329 
LYS HA   H N N 330 
LYS HB2  H N N 331 
LYS HB3  H N N 332 
LYS HG2  H N N 333 
LYS HG3  H N N 334 
LYS HD2  H N N 335 
LYS HD3  H N N 336 
LYS HE2  H N N 337 
LYS HE3  H N N 338 
LYS HZ1  H N N 339 
LYS HZ2  H N N 340 
LYS HZ3  H N N 341 
LYS HXT  H N N 342 
MET N    N N N 343 
MET CA   C N S 344 
MET C    C N N 345 
MET O    O N N 346 
MET CB   C N N 347 
MET CG   C N N 348 
MET SD   S N N 349 
MET CE   C N N 350 
MET OXT  O N N 351 
MET H    H N N 352 
MET H2   H N N 353 
MET HA   H N N 354 
MET HB2  H N N 355 
MET HB3  H N N 356 
MET HG2  H N N 357 
MET HG3  H N N 358 
MET HE1  H N N 359 
MET HE2  H N N 360 
MET HE3  H N N 361 
MET HXT  H N N 362 
PHE N    N N N 363 
PHE CA   C N S 364 
PHE C    C N N 365 
PHE O    O N N 366 
PHE CB   C N N 367 
PHE CG   C Y N 368 
PHE CD1  C Y N 369 
PHE CD2  C Y N 370 
PHE CE1  C Y N 371 
PHE CE2  C Y N 372 
PHE CZ   C Y N 373 
PHE OXT  O N N 374 
PHE H    H N N 375 
PHE H2   H N N 376 
PHE HA   H N N 377 
PHE HB2  H N N 378 
PHE HB3  H N N 379 
PHE HD1  H N N 380 
PHE HD2  H N N 381 
PHE HE1  H N N 382 
PHE HE2  H N N 383 
PHE HZ   H N N 384 
PHE HXT  H N N 385 
PRO N    N N N 386 
PRO CA   C N S 387 
PRO C    C N N 388 
PRO O    O N N 389 
PRO CB   C N N 390 
PRO CG   C N N 391 
PRO CD   C N N 392 
PRO OXT  O N N 393 
PRO H    H N N 394 
PRO HA   H N N 395 
PRO HB2  H N N 396 
PRO HB3  H N N 397 
PRO HG2  H N N 398 
PRO HG3  H N N 399 
PRO HD2  H N N 400 
PRO HD3  H N N 401 
PRO HXT  H N N 402 
SER N    N N N 403 
SER CA   C N S 404 
SER C    C N N 405 
SER O    O N N 406 
SER CB   C N N 407 
SER OG   O N N 408 
SER OXT  O N N 409 
SER H    H N N 410 
SER H2   H N N 411 
SER HA   H N N 412 
SER HB2  H N N 413 
SER HB3  H N N 414 
SER HG   H N N 415 
SER HXT  H N N 416 
THR N    N N N 417 
THR CA   C N S 418 
THR C    C N N 419 
THR O    O N N 420 
THR CB   C N R 421 
THR OG1  O N N 422 
THR CG2  C N N 423 
THR OXT  O N N 424 
THR H    H N N 425 
THR H2   H N N 426 
THR HA   H N N 427 
THR HB   H N N 428 
THR HG1  H N N 429 
THR HG21 H N N 430 
THR HG22 H N N 431 
THR HG23 H N N 432 
THR HXT  H N N 433 
TRP N    N N N 434 
TRP CA   C N S 435 
TRP C    C N N 436 
TRP O    O N N 437 
TRP CB   C N N 438 
TRP CG   C Y N 439 
TRP CD1  C Y N 440 
TRP CD2  C Y N 441 
TRP NE1  N Y N 442 
TRP CE2  C Y N 443 
TRP CE3  C Y N 444 
TRP CZ2  C Y N 445 
TRP CZ3  C Y N 446 
TRP CH2  C Y N 447 
TRP OXT  O N N 448 
TRP H    H N N 449 
TRP H2   H N N 450 
TRP HA   H N N 451 
TRP HB2  H N N 452 
TRP HB3  H N N 453 
TRP HD1  H N N 454 
TRP HE1  H N N 455 
TRP HE3  H N N 456 
TRP HZ2  H N N 457 
TRP HZ3  H N N 458 
TRP HH2  H N N 459 
TRP HXT  H N N 460 
TYR N    N N N 461 
TYR CA   C N S 462 
TYR C    C N N 463 
TYR O    O N N 464 
TYR CB   C N N 465 
TYR CG   C Y N 466 
TYR CD1  C Y N 467 
TYR CD2  C Y N 468 
TYR CE1  C Y N 469 
TYR CE2  C Y N 470 
TYR CZ   C Y N 471 
TYR OH   O N N 472 
TYR OXT  O N N 473 
TYR H    H N N 474 
TYR H2   H N N 475 
TYR HA   H N N 476 
TYR HB2  H N N 477 
TYR HB3  H N N 478 
TYR HD1  H N N 479 
TYR HD2  H N N 480 
TYR HE1  H N N 481 
TYR HE2  H N N 482 
TYR HH   H N N 483 
TYR HXT  H N N 484 
VAL N    N N N 485 
VAL CA   C N S 486 
VAL C    C N N 487 
VAL O    O N N 488 
VAL CB   C N N 489 
VAL CG1  C N N 490 
VAL CG2  C N N 491 
VAL OXT  O N N 492 
VAL H    H N N 493 
VAL H2   H N N 494 
VAL HA   H N N 495 
VAL HB   H N N 496 
VAL HG11 H N N 497 
VAL HG12 H N N 498 
VAL HG13 H N N 499 
VAL HG21 H N N 500 
VAL HG22 H N N 501 
VAL HG23 H N N 502 
VAL HXT  H N N 503 
# 
loop_
_chem_comp_bond.comp_id 
_chem_comp_bond.atom_id_1 
_chem_comp_bond.atom_id_2 
_chem_comp_bond.value_order 
_chem_comp_bond.pdbx_aromatic_flag 
_chem_comp_bond.pdbx_stereo_config 
_chem_comp_bond.pdbx_ordinal 
12P O37 C36  sing N N 1   
12P O37 H37  sing N N 2   
12P C36 C35  sing N N 3   
12P C36 H361 sing N N 4   
12P C36 H362 sing N N 5   
12P C35 O34  sing N N 6   
12P C35 H351 sing N N 7   
12P C35 H352 sing N N 8   
12P O34 C33  sing N N 9   
12P C33 C32  sing N N 10  
12P C33 H331 sing N N 11  
12P C33 H332 sing N N 12  
12P C32 O31  sing N N 13  
12P C32 H321 sing N N 14  
12P C32 H322 sing N N 15  
12P O31 C30  sing N N 16  
12P C30 C29  sing N N 17  
12P C30 H301 sing N N 18  
12P C30 H302 sing N N 19  
12P C29 O28  sing N N 20  
12P C29 H291 sing N N 21  
12P C29 H292 sing N N 22  
12P O28 C27  sing N N 23  
12P C27 C26  sing N N 24  
12P C27 H271 sing N N 25  
12P C27 H272 sing N N 26  
12P C26 O25  sing N N 27  
12P C26 H261 sing N N 28  
12P C26 H262 sing N N 29  
12P O25 C24  sing N N 30  
12P C24 C23  sing N N 31  
12P C24 H241 sing N N 32  
12P C24 H242 sing N N 33  
12P C23 O22  sing N N 34  
12P C23 H231 sing N N 35  
12P C23 H232 sing N N 36  
12P O22 C21  sing N N 37  
12P C21 C20  sing N N 38  
12P C21 H211 sing N N 39  
12P C21 H212 sing N N 40  
12P C20 O19  sing N N 41  
12P C20 H201 sing N N 42  
12P C20 H202 sing N N 43  
12P O19 C18  sing N N 44  
12P C18 C17  sing N N 45  
12P C18 H181 sing N N 46  
12P C18 H182 sing N N 47  
12P C17 O16  sing N N 48  
12P C17 H171 sing N N 49  
12P C17 H172 sing N N 50  
12P O16 C15  sing N N 51  
12P C15 C14  sing N N 52  
12P C15 H151 sing N N 53  
12P C15 H152 sing N N 54  
12P C14 O13  sing N N 55  
12P C14 H141 sing N N 56  
12P C14 H142 sing N N 57  
12P O13 C12  sing N N 58  
12P C12 C11  sing N N 59  
12P C12 H121 sing N N 60  
12P C12 H122 sing N N 61  
12P C11 O10  sing N N 62  
12P C11 H111 sing N N 63  
12P C11 H112 sing N N 64  
12P O10 C9   sing N N 65  
12P C9  C8   sing N N 66  
12P C9  H91  sing N N 67  
12P C9  H92  sing N N 68  
12P C8  O7   sing N N 69  
12P C8  H81  sing N N 70  
12P C8  H82  sing N N 71  
12P O7  C6   sing N N 72  
12P C6  C5   sing N N 73  
12P C6  H61  sing N N 74  
12P C6  H62  sing N N 75  
12P C5  O4   sing N N 76  
12P C5  H51  sing N N 77  
12P C5  H52  sing N N 78  
12P O4  C3   sing N N 79  
12P C3  C2   sing N N 80  
12P C3  H31  sing N N 81  
12P C3  H32  sing N N 82  
12P C2  O1   sing N N 83  
12P C2  H21  sing N N 84  
12P C2  H22  sing N N 85  
12P O1  HO1  sing N N 86  
ALA N   CA   sing N N 87  
ALA N   H    sing N N 88  
ALA N   H2   sing N N 89  
ALA CA  C    sing N N 90  
ALA CA  CB   sing N N 91  
ALA CA  HA   sing N N 92  
ALA C   O    doub N N 93  
ALA C   OXT  sing N N 94  
ALA CB  HB1  sing N N 95  
ALA CB  HB2  sing N N 96  
ALA CB  HB3  sing N N 97  
ALA OXT HXT  sing N N 98  
ARG N   CA   sing N N 99  
ARG N   H    sing N N 100 
ARG N   H2   sing N N 101 
ARG CA  C    sing N N 102 
ARG CA  CB   sing N N 103 
ARG CA  HA   sing N N 104 
ARG C   O    doub N N 105 
ARG C   OXT  sing N N 106 
ARG CB  CG   sing N N 107 
ARG CB  HB2  sing N N 108 
ARG CB  HB3  sing N N 109 
ARG CG  CD   sing N N 110 
ARG CG  HG2  sing N N 111 
ARG CG  HG3  sing N N 112 
ARG CD  NE   sing N N 113 
ARG CD  HD2  sing N N 114 
ARG CD  HD3  sing N N 115 
ARG NE  CZ   sing N N 116 
ARG NE  HE   sing N N 117 
ARG CZ  NH1  sing N N 118 
ARG CZ  NH2  doub N N 119 
ARG NH1 HH11 sing N N 120 
ARG NH1 HH12 sing N N 121 
ARG NH2 HH21 sing N N 122 
ARG NH2 HH22 sing N N 123 
ARG OXT HXT  sing N N 124 
ASN N   CA   sing N N 125 
ASN N   H    sing N N 126 
ASN N   H2   sing N N 127 
ASN CA  C    sing N N 128 
ASN CA  CB   sing N N 129 
ASN CA  HA   sing N N 130 
ASN C   O    doub N N 131 
ASN C   OXT  sing N N 132 
ASN CB  CG   sing N N 133 
ASN CB  HB2  sing N N 134 
ASN CB  HB3  sing N N 135 
ASN CG  OD1  doub N N 136 
ASN CG  ND2  sing N N 137 
ASN ND2 HD21 sing N N 138 
ASN ND2 HD22 sing N N 139 
ASN OXT HXT  sing N N 140 
ASP N   CA   sing N N 141 
ASP N   H    sing N N 142 
ASP N   H2   sing N N 143 
ASP CA  C    sing N N 144 
ASP CA  CB   sing N N 145 
ASP CA  HA   sing N N 146 
ASP C   O    doub N N 147 
ASP C   OXT  sing N N 148 
ASP CB  CG   sing N N 149 
ASP CB  HB2  sing N N 150 
ASP CB  HB3  sing N N 151 
ASP CG  OD1  doub N N 152 
ASP CG  OD2  sing N N 153 
ASP OD2 HD2  sing N N 154 
ASP OXT HXT  sing N N 155 
B21 CAL OAP  sing N N 156 
B21 CAL HAL1 sing N N 157 
B21 CAL HAL2 sing N N 158 
B21 CAL HAL3 sing N N 159 
B21 OAP CAH  sing N N 160 
B21 CAH CAF  doub Y N 161 
B21 CAH CAK  sing Y N 162 
B21 CAK CAI  doub Y N 163 
B21 CAK HAK  sing N N 164 
B21 CAI CAJ  sing Y N 165 
B21 CAI HAI  sing N N 166 
B21 CAJ CAG  doub Y N 167 
B21 CAJ HAJ  sing N N 168 
B21 CAG CAF  sing Y N 169 
B21 CAG HAG  sing N N 170 
B21 CAF CAB  sing Y N 171 
B21 CAB OAM  sing Y N 172 
B21 CAB CAD  doub Y N 173 
B21 OAM CAA  sing Y N 174 
B21 CAD CAC  sing Y N 175 
B21 CAD HAD  sing N N 176 
B21 CAC CAA  doub Y N 177 
B21 CAC HAC  sing N N 178 
B21 CAA CAE  sing N N 179 
B21 CAE OAO  doub N N 180 
B21 CAE OAN  sing N N 181 
B21 OAN HOAN sing N N 182 
CYS N   CA   sing N N 183 
CYS N   H    sing N N 184 
CYS N   H2   sing N N 185 
CYS CA  C    sing N N 186 
CYS CA  CB   sing N N 187 
CYS CA  HA   sing N N 188 
CYS C   O    doub N N 189 
CYS C   OXT  sing N N 190 
CYS CB  SG   sing N N 191 
CYS CB  HB2  sing N N 192 
CYS CB  HB3  sing N N 193 
CYS SG  HG   sing N N 194 
CYS OXT HXT  sing N N 195 
GLN N   CA   sing N N 196 
GLN N   H    sing N N 197 
GLN N   H2   sing N N 198 
GLN CA  C    sing N N 199 
GLN CA  CB   sing N N 200 
GLN CA  HA   sing N N 201 
GLN C   O    doub N N 202 
GLN C   OXT  sing N N 203 
GLN CB  CG   sing N N 204 
GLN CB  HB2  sing N N 205 
GLN CB  HB3  sing N N 206 
GLN CG  CD   sing N N 207 
GLN CG  HG2  sing N N 208 
GLN CG  HG3  sing N N 209 
GLN CD  OE1  doub N N 210 
GLN CD  NE2  sing N N 211 
GLN NE2 HE21 sing N N 212 
GLN NE2 HE22 sing N N 213 
GLN OXT HXT  sing N N 214 
GLU N   CA   sing N N 215 
GLU N   H    sing N N 216 
GLU N   H2   sing N N 217 
GLU CA  C    sing N N 218 
GLU CA  CB   sing N N 219 
GLU CA  HA   sing N N 220 
GLU C   O    doub N N 221 
GLU C   OXT  sing N N 222 
GLU CB  CG   sing N N 223 
GLU CB  HB2  sing N N 224 
GLU CB  HB3  sing N N 225 
GLU CG  CD   sing N N 226 
GLU CG  HG2  sing N N 227 
GLU CG  HG3  sing N N 228 
GLU CD  OE1  doub N N 229 
GLU CD  OE2  sing N N 230 
GLU OE2 HE2  sing N N 231 
GLU OXT HXT  sing N N 232 
GLY N   CA   sing N N 233 
GLY N   H    sing N N 234 
GLY N   H2   sing N N 235 
GLY CA  C    sing N N 236 
GLY CA  HA2  sing N N 237 
GLY CA  HA3  sing N N 238 
GLY C   O    doub N N 239 
GLY C   OXT  sing N N 240 
GLY OXT HXT  sing N N 241 
HIS N   CA   sing N N 242 
HIS N   H    sing N N 243 
HIS N   H2   sing N N 244 
HIS CA  C    sing N N 245 
HIS CA  CB   sing N N 246 
HIS CA  HA   sing N N 247 
HIS C   O    doub N N 248 
HIS C   OXT  sing N N 249 
HIS CB  CG   sing N N 250 
HIS CB  HB2  sing N N 251 
HIS CB  HB3  sing N N 252 
HIS CG  ND1  sing Y N 253 
HIS CG  CD2  doub Y N 254 
HIS ND1 CE1  doub Y N 255 
HIS ND1 HD1  sing N N 256 
HIS CD2 NE2  sing Y N 257 
HIS CD2 HD2  sing N N 258 
HIS CE1 NE2  sing Y N 259 
HIS CE1 HE1  sing N N 260 
HIS NE2 HE2  sing N N 261 
HIS OXT HXT  sing N N 262 
HOH O   H1   sing N N 263 
HOH O   H2   sing N N 264 
ILE N   CA   sing N N 265 
ILE N   H    sing N N 266 
ILE N   H2   sing N N 267 
ILE CA  C    sing N N 268 
ILE CA  CB   sing N N 269 
ILE CA  HA   sing N N 270 
ILE C   O    doub N N 271 
ILE C   OXT  sing N N 272 
ILE CB  CG1  sing N N 273 
ILE CB  CG2  sing N N 274 
ILE CB  HB   sing N N 275 
ILE CG1 CD1  sing N N 276 
ILE CG1 HG12 sing N N 277 
ILE CG1 HG13 sing N N 278 
ILE CG2 HG21 sing N N 279 
ILE CG2 HG22 sing N N 280 
ILE CG2 HG23 sing N N 281 
ILE CD1 HD11 sing N N 282 
ILE CD1 HD12 sing N N 283 
ILE CD1 HD13 sing N N 284 
ILE OXT HXT  sing N N 285 
LEU N   CA   sing N N 286 
LEU N   H    sing N N 287 
LEU N   H2   sing N N 288 
LEU CA  C    sing N N 289 
LEU CA  CB   sing N N 290 
LEU CA  HA   sing N N 291 
LEU C   O    doub N N 292 
LEU C   OXT  sing N N 293 
LEU CB  CG   sing N N 294 
LEU CB  HB2  sing N N 295 
LEU CB  HB3  sing N N 296 
LEU CG  CD1  sing N N 297 
LEU CG  CD2  sing N N 298 
LEU CG  HG   sing N N 299 
LEU CD1 HD11 sing N N 300 
LEU CD1 HD12 sing N N 301 
LEU CD1 HD13 sing N N 302 
LEU CD2 HD21 sing N N 303 
LEU CD2 HD22 sing N N 304 
LEU CD2 HD23 sing N N 305 
LEU OXT HXT  sing N N 306 
LYS N   CA   sing N N 307 
LYS N   H    sing N N 308 
LYS N   H2   sing N N 309 
LYS CA  C    sing N N 310 
LYS CA  CB   sing N N 311 
LYS CA  HA   sing N N 312 
LYS C   O    doub N N 313 
LYS C   OXT  sing N N 314 
LYS CB  CG   sing N N 315 
LYS CB  HB2  sing N N 316 
LYS CB  HB3  sing N N 317 
LYS CG  CD   sing N N 318 
LYS CG  HG2  sing N N 319 
LYS CG  HG3  sing N N 320 
LYS CD  CE   sing N N 321 
LYS CD  HD2  sing N N 322 
LYS CD  HD3  sing N N 323 
LYS CE  NZ   sing N N 324 
LYS CE  HE2  sing N N 325 
LYS CE  HE3  sing N N 326 
LYS NZ  HZ1  sing N N 327 
LYS NZ  HZ2  sing N N 328 
LYS NZ  HZ3  sing N N 329 
LYS OXT HXT  sing N N 330 
MET N   CA   sing N N 331 
MET N   H    sing N N 332 
MET N   H2   sing N N 333 
MET CA  C    sing N N 334 
MET CA  CB   sing N N 335 
MET CA  HA   sing N N 336 
MET C   O    doub N N 337 
MET C   OXT  sing N N 338 
MET CB  CG   sing N N 339 
MET CB  HB2  sing N N 340 
MET CB  HB3  sing N N 341 
MET CG  SD   sing N N 342 
MET CG  HG2  sing N N 343 
MET CG  HG3  sing N N 344 
MET SD  CE   sing N N 345 
MET CE  HE1  sing N N 346 
MET CE  HE2  sing N N 347 
MET CE  HE3  sing N N 348 
MET OXT HXT  sing N N 349 
PHE N   CA   sing N N 350 
PHE N   H    sing N N 351 
PHE N   H2   sing N N 352 
PHE CA  C    sing N N 353 
PHE CA  CB   sing N N 354 
PHE CA  HA   sing N N 355 
PHE C   O    doub N N 356 
PHE C   OXT  sing N N 357 
PHE CB  CG   sing N N 358 
PHE CB  HB2  sing N N 359 
PHE CB  HB3  sing N N 360 
PHE CG  CD1  doub Y N 361 
PHE CG  CD2  sing Y N 362 
PHE CD1 CE1  sing Y N 363 
PHE CD1 HD1  sing N N 364 
PHE CD2 CE2  doub Y N 365 
PHE CD2 HD2  sing N N 366 
PHE CE1 CZ   doub Y N 367 
PHE CE1 HE1  sing N N 368 
PHE CE2 CZ   sing Y N 369 
PHE CE2 HE2  sing N N 370 
PHE CZ  HZ   sing N N 371 
PHE OXT HXT  sing N N 372 
PRO N   CA   sing N N 373 
PRO N   CD   sing N N 374 
PRO N   H    sing N N 375 
PRO CA  C    sing N N 376 
PRO CA  CB   sing N N 377 
PRO CA  HA   sing N N 378 
PRO C   O    doub N N 379 
PRO C   OXT  sing N N 380 
PRO CB  CG   sing N N 381 
PRO CB  HB2  sing N N 382 
PRO CB  HB3  sing N N 383 
PRO CG  CD   sing N N 384 
PRO CG  HG2  sing N N 385 
PRO CG  HG3  sing N N 386 
PRO CD  HD2  sing N N 387 
PRO CD  HD3  sing N N 388 
PRO OXT HXT  sing N N 389 
SER N   CA   sing N N 390 
SER N   H    sing N N 391 
SER N   H2   sing N N 392 
SER CA  C    sing N N 393 
SER CA  CB   sing N N 394 
SER CA  HA   sing N N 395 
SER C   O    doub N N 396 
SER C   OXT  sing N N 397 
SER CB  OG   sing N N 398 
SER CB  HB2  sing N N 399 
SER CB  HB3  sing N N 400 
SER OG  HG   sing N N 401 
SER OXT HXT  sing N N 402 
THR N   CA   sing N N 403 
THR N   H    sing N N 404 
THR N   H2   sing N N 405 
THR CA  C    sing N N 406 
THR CA  CB   sing N N 407 
THR CA  HA   sing N N 408 
THR C   O    doub N N 409 
THR C   OXT  sing N N 410 
THR CB  OG1  sing N N 411 
THR CB  CG2  sing N N 412 
THR CB  HB   sing N N 413 
THR OG1 HG1  sing N N 414 
THR CG2 HG21 sing N N 415 
THR CG2 HG22 sing N N 416 
THR CG2 HG23 sing N N 417 
THR OXT HXT  sing N N 418 
TRP N   CA   sing N N 419 
TRP N   H    sing N N 420 
TRP N   H2   sing N N 421 
TRP CA  C    sing N N 422 
TRP CA  CB   sing N N 423 
TRP CA  HA   sing N N 424 
TRP C   O    doub N N 425 
TRP C   OXT  sing N N 426 
TRP CB  CG   sing N N 427 
TRP CB  HB2  sing N N 428 
TRP CB  HB3  sing N N 429 
TRP CG  CD1  doub Y N 430 
TRP CG  CD2  sing Y N 431 
TRP CD1 NE1  sing Y N 432 
TRP CD1 HD1  sing N N 433 
TRP CD2 CE2  doub Y N 434 
TRP CD2 CE3  sing Y N 435 
TRP NE1 CE2  sing Y N 436 
TRP NE1 HE1  sing N N 437 
TRP CE2 CZ2  sing Y N 438 
TRP CE3 CZ3  doub Y N 439 
TRP CE3 HE3  sing N N 440 
TRP CZ2 CH2  doub Y N 441 
TRP CZ2 HZ2  sing N N 442 
TRP CZ3 CH2  sing Y N 443 
TRP CZ3 HZ3  sing N N 444 
TRP CH2 HH2  sing N N 445 
TRP OXT HXT  sing N N 446 
TYR N   CA   sing N N 447 
TYR N   H    sing N N 448 
TYR N   H2   sing N N 449 
TYR CA  C    sing N N 450 
TYR CA  CB   sing N N 451 
TYR CA  HA   sing N N 452 
TYR C   O    doub N N 453 
TYR C   OXT  sing N N 454 
TYR CB  CG   sing N N 455 
TYR CB  HB2  sing N N 456 
TYR CB  HB3  sing N N 457 
TYR CG  CD1  doub Y N 458 
TYR CG  CD2  sing Y N 459 
TYR CD1 CE1  sing Y N 460 
TYR CD1 HD1  sing N N 461 
TYR CD2 CE2  doub Y N 462 
TYR CD2 HD2  sing N N 463 
TYR CE1 CZ   doub Y N 464 
TYR CE1 HE1  sing N N 465 
TYR CE2 CZ   sing Y N 466 
TYR CE2 HE2  sing N N 467 
TYR CZ  OH   sing N N 468 
TYR OH  HH   sing N N 469 
TYR OXT HXT  sing N N 470 
VAL N   CA   sing N N 471 
VAL N   H    sing N N 472 
VAL N   H2   sing N N 473 
VAL CA  C    sing N N 474 
VAL CA  CB   sing N N 475 
VAL CA  HA   sing N N 476 
VAL C   O    doub N N 477 
VAL C   OXT  sing N N 478 
VAL CB  CG1  sing N N 479 
VAL CB  CG2  sing N N 480 
VAL CB  HB   sing N N 481 
VAL CG1 HG11 sing N N 482 
VAL CG1 HG12 sing N N 483 
VAL CG1 HG13 sing N N 484 
VAL CG2 HG21 sing N N 485 
VAL CG2 HG22 sing N N 486 
VAL CG2 HG23 sing N N 487 
VAL OXT HXT  sing N N 488 
# 
loop_
_pdbx_entity_nonpoly.entity_id 
_pdbx_entity_nonpoly.name 
_pdbx_entity_nonpoly.comp_id 
2 'DODECAETHYLENE GLYCOL'             12P 
3 '5-(2-METHOXYPHENYL)-2-FUROIC ACID' B21 
4 water                               HOH 
# 
_pdbx_initial_refinement_model.id               1 
_pdbx_initial_refinement_model.entity_id_list   ? 
_pdbx_initial_refinement_model.type             'experimental model' 
_pdbx_initial_refinement_model.source_name      PDB 
_pdbx_initial_refinement_model.accession_code   3KCE 
_pdbx_initial_refinement_model.details          'PDB ENTRY 3KCE' 
# 
